data_9J0A
#
_entry.id   9J0A
#
_cell.length_a   280.535
_cell.length_b   48.773
_cell.length_c   290.906
_cell.angle_alpha   90.00
_cell.angle_beta   90.00
_cell.angle_gamma   90.00
#
_symmetry.space_group_name_H-M   'I 1 2 1'
#
loop_
_entity.id
_entity.type
_entity.pdbx_description
1 polymer 'Cohesin subunit SA-2'
2 polymer '64-kDa C-terminal product'
3 polymer 'Ankyrin repeat domain-containing protein 11'
4 water water
#
loop_
_entity_poly.entity_id
_entity_poly.type
_entity_poly.pdbx_seq_one_letter_code
_entity_poly.pdbx_strand_id
1 'polypeptide(L)'
;GPGSENMMLFEVVKMGKSAMQSVVDDWIESYKHDRDIALLDLINFFIQCSGCKGVVTAEMFRHMQNSEIIRKMTEEFDED
SGDYPLTMAGPQWKKFKSSFCEFIGVLVRQCQYSIIYDEYMMDTVISLLTGLSDSQVRAFRHTSTLAAMKLMTALVNVAL
NLSINMDNTQRQYEAERNKMIGKRANERLELLLQKRKELQENQDEIENMMNAIFKGVFVHRYRDAIAEIRAICIEEIGIW
MKMYSDAFLNDSYLKYVGWTMHDKQGEVRLKCLTALQGLYYNKELNSKLELFTSRFKDRIVSMTLDKEYDVAVQAIKLLT
LVLQSSEEVLTAEDCENVYHLVYSAHRPVAVAAGEFLYKKLFSRRDPEEDGLMKRRGRQGPNANLVKTLVFFFLESELHE
HAAYLVDSMWDCATELLKDWECMNSLLLEEPLSGEEALTDRQESALIEIMLCTIRQAAECHPPVGRGTGKRVLTAKEKKT
QLDDRTRITELFAVALPQLLAKYSVDAEKVTNLLQLPQYFDLEIYTTGRLEKHLDALLRQIRNIVEKHTDTDVLEACSKT
YHALCNEEFTIFNRVDISRSQLIDELADKFNRLLEDFLQEGEEPDEDDAYQVLSTLKRITAFHNAHDLSKWDLFACNYKL
LKTGIENGDMPEQIVIHALQCAHYVILWQLAKITESTSTKEDLLRLKKQMRVFCQICQHYLTNVNTTVKEQAFTILCDIL
MIFSHQIMSGGRDMLEPLVYTPDSSLQSELLSFILDHVFIEQDDDSNSADGQQEDEASKIEALHKRRNLLAAFCKLIVYT
VVEMNTAADIFKQYMKYYNDYGDIIKETMSKTRQIDKIQCAKTLILSLQQLFNEMIQENGYNFDRSSSTFSGIKELARRF
ALTFGLDQLKTREAIAMLHKDGIEFAFKEPNPQGESHPPLNLAFLDILSEFSSKLLRQDKRTVYVYLEKFMTFQMSLRRE
DVWLPLMSYRNSLLAGGDDDTMSVI
;
A,D
2 'polypeptide(L)'
;GPGSDPVEPMPTMTDQTTLVPNEEEAFALEPIDITVKETKAKRKRKLIVDSVKELDSKTIRAQLSDYSDIVTTLDLAPPT
KKLMMWKETGGVEKLFFLPAQPLWNNRLLKLFTRCLTPLVPEDLRKRRKGGEADNLDEFLKEF
;
B,E
3 'polypeptide(L)' GPGSPVKDEYEFDEDDEQDRVPPVDDKHLLKKDYRKEAKAN C,F
#
# COMPACT_ATOMS: atom_id res chain seq x y z
N MET A 8 -83.81 39.13 13.59
CA MET A 8 -84.02 37.89 12.84
C MET A 8 -83.22 37.89 11.55
N LEU A 9 -82.97 39.08 11.01
CA LEU A 9 -82.34 39.21 9.69
C LEU A 9 -80.94 38.59 9.70
N PHE A 10 -80.17 38.85 10.76
CA PHE A 10 -78.84 38.27 10.86
C PHE A 10 -78.89 36.75 10.83
N GLU A 11 -79.86 36.15 11.52
CA GLU A 11 -79.95 34.70 11.55
C GLU A 11 -80.29 34.16 10.16
N VAL A 12 -81.23 34.81 9.47
CA VAL A 12 -81.60 34.40 8.12
C VAL A 12 -80.40 34.44 7.19
N VAL A 13 -79.60 35.50 7.29
CA VAL A 13 -78.41 35.59 6.44
C VAL A 13 -77.37 34.54 6.84
N LYS A 14 -77.24 34.29 8.16
CA LYS A 14 -76.25 33.35 8.65
C LYS A 14 -76.50 31.95 8.11
N MET A 15 -77.69 31.41 8.37
CA MET A 15 -77.95 30.04 7.93
C MET A 15 -79.39 29.81 7.47
N GLY A 16 -80.19 30.85 7.32
CA GLY A 16 -81.60 30.71 7.02
C GLY A 16 -81.94 29.92 5.77
N LYS A 17 -80.95 29.64 4.93
CA LYS A 17 -81.14 28.90 3.69
C LYS A 17 -82.22 29.52 2.82
N SER A 18 -82.36 30.85 2.89
CA SER A 18 -83.32 31.60 2.10
C SER A 18 -82.58 32.45 1.09
N ALA A 19 -83.11 32.53 -0.13
CA ALA A 19 -82.50 33.34 -1.17
C ALA A 19 -82.41 34.79 -0.72
N MET A 20 -81.23 35.38 -0.86
CA MET A 20 -81.03 36.77 -0.48
C MET A 20 -82.02 37.69 -1.19
N GLN A 21 -82.48 37.30 -2.38
CA GLN A 21 -83.48 38.08 -3.09
C GLN A 21 -84.78 38.14 -2.30
N SER A 22 -85.21 37.00 -1.75
CA SER A 22 -86.43 36.96 -0.94
C SER A 22 -86.28 37.82 0.31
N VAL A 23 -85.13 37.71 0.97
CA VAL A 23 -84.87 38.49 2.18
C VAL A 23 -84.94 39.98 1.88
N VAL A 24 -84.27 40.39 0.79
CA VAL A 24 -84.25 41.81 0.42
C VAL A 24 -85.67 42.28 0.08
N ASP A 25 -86.44 41.46 -0.63
CA ASP A 25 -87.80 41.86 -1.00
C ASP A 25 -88.67 42.03 0.24
N ASP A 26 -88.53 41.12 1.21
CA ASP A 26 -89.28 41.27 2.46
C ASP A 26 -88.88 42.56 3.17
N TRP A 27 -87.58 42.87 3.20
CA TRP A 27 -87.17 44.12 3.83
C TRP A 27 -87.72 45.33 3.09
N ILE A 28 -87.84 45.25 1.76
CA ILE A 28 -88.39 46.35 1.00
C ILE A 28 -89.87 46.54 1.32
N GLU A 29 -90.61 45.43 1.44
CA GLU A 29 -92.01 45.54 1.87
C GLU A 29 -92.10 46.21 3.24
N SER A 30 -91.22 45.81 4.17
CA SER A 30 -91.20 46.44 5.48
C SER A 30 -90.91 47.93 5.38
N TYR A 31 -89.98 48.30 4.51
CA TYR A 31 -89.67 49.71 4.29
C TYR A 31 -90.89 50.46 3.77
N LYS A 32 -91.65 49.83 2.88
CA LYS A 32 -92.89 50.44 2.39
C LYS A 32 -93.88 50.66 3.53
N HIS A 33 -94.02 49.67 4.42
CA HIS A 33 -94.95 49.82 5.53
C HIS A 33 -94.49 50.89 6.51
N ASP A 34 -93.25 50.76 7.00
CA ASP A 34 -92.66 51.76 7.90
C ASP A 34 -91.18 51.85 7.57
N ARG A 35 -90.75 53.02 7.10
CA ARG A 35 -89.36 53.19 6.68
C ARG A 35 -88.42 53.16 7.88
N ASP A 36 -88.81 53.80 8.98
CA ASP A 36 -87.95 53.85 10.16
C ASP A 36 -87.74 52.47 10.76
N ILE A 37 -88.80 51.65 10.78
CA ILE A 37 -88.69 50.32 11.38
C ILE A 37 -87.74 49.45 10.56
N ALA A 38 -87.87 49.48 9.24
CA ALA A 38 -86.98 48.71 8.39
C ALA A 38 -85.55 49.22 8.48
N LEU A 39 -85.37 50.54 8.59
CA LEU A 39 -84.04 51.09 8.75
C LEU A 39 -83.39 50.63 10.05
N LEU A 40 -84.17 50.59 11.13
CA LEU A 40 -83.65 50.10 12.39
C LEU A 40 -83.29 48.62 12.30
N ASP A 41 -84.12 47.83 11.61
CA ASP A 41 -83.78 46.42 11.40
C ASP A 41 -82.50 46.26 10.61
N LEU A 42 -82.28 47.12 9.61
CA LEU A 42 -81.06 47.04 8.81
C LEU A 42 -79.84 47.43 9.62
N ILE A 43 -79.96 48.49 10.43
CA ILE A 43 -78.89 48.90 11.32
C ILE A 43 -78.51 47.75 12.25
N ASN A 44 -79.50 47.14 12.90
CA ASN A 44 -79.23 46.01 13.78
C ASN A 44 -78.71 44.81 13.01
N PHE A 45 -79.08 44.67 11.74
CA PHE A 45 -78.50 43.63 10.90
C PHE A 45 -76.99 43.81 10.78
N PHE A 46 -76.55 45.01 10.44
CA PHE A 46 -75.12 45.27 10.35
C PHE A 46 -74.44 45.12 11.71
N ILE A 47 -75.13 45.50 12.79
CA ILE A 47 -74.54 45.36 14.12
C ILE A 47 -74.33 43.89 14.47
N GLN A 48 -75.36 43.06 14.25
CA GLN A 48 -75.26 41.65 14.55
C GLN A 48 -74.23 40.96 13.66
N CYS A 49 -74.11 41.39 12.40
CA CYS A 49 -73.13 40.79 11.50
C CYS A 49 -71.71 41.01 12.00
N SER A 50 -71.48 42.10 12.76
CA SER A 50 -70.19 42.31 13.39
C SER A 50 -69.98 41.40 14.61
N GLY A 51 -71.02 40.70 15.05
CA GLY A 51 -70.96 39.84 16.22
C GLY A 51 -71.59 40.43 17.45
N CYS A 52 -71.88 41.73 17.44
CA CYS A 52 -72.46 42.38 18.62
C CYS A 52 -73.83 41.82 18.93
N LYS A 53 -74.03 41.48 20.21
CA LYS A 53 -75.30 40.91 20.66
C LYS A 53 -76.29 41.97 21.15
N GLY A 54 -75.87 43.23 21.20
CA GLY A 54 -76.79 44.29 21.59
C GLY A 54 -77.72 44.69 20.45
N VAL A 55 -78.67 45.55 20.79
CA VAL A 55 -79.70 45.99 19.86
C VAL A 55 -79.83 47.50 19.94
N VAL A 56 -79.93 48.16 18.80
CA VAL A 56 -80.08 49.61 18.74
C VAL A 56 -81.56 49.97 18.90
N THR A 57 -81.84 50.91 19.80
CA THR A 57 -83.21 51.32 20.04
C THR A 57 -83.68 52.34 18.99
N ALA A 58 -85.00 52.45 18.86
CA ALA A 58 -85.56 53.44 17.95
C ALA A 58 -85.25 54.86 18.40
N GLU A 59 -85.21 55.09 19.71
CA GLU A 59 -84.81 56.41 20.22
C GLU A 59 -83.36 56.70 19.86
N MET A 60 -82.51 55.68 19.90
CA MET A 60 -81.12 55.83 19.48
C MET A 60 -81.04 56.27 18.02
N PHE A 61 -81.74 55.55 17.14
CA PHE A 61 -81.75 55.90 15.72
C PHE A 61 -82.35 57.26 15.48
N ARG A 62 -83.26 57.71 16.36
CA ARG A 62 -83.92 59.00 16.16
C ARG A 62 -83.06 60.16 16.62
N HIS A 63 -82.34 60.00 17.73
CA HIS A 63 -81.62 61.13 18.32
C HIS A 63 -80.14 60.85 18.53
N MET A 64 -79.79 59.66 18.98
CA MET A 64 -78.42 59.36 19.38
C MET A 64 -77.49 59.34 18.17
N GLN A 65 -76.33 59.98 18.30
CA GLN A 65 -75.40 60.06 17.20
C GLN A 65 -74.78 58.69 16.96
N ASN A 66 -74.36 58.44 15.72
CA ASN A 66 -73.83 57.13 15.36
C ASN A 66 -72.63 56.76 16.22
N SER A 67 -71.77 57.74 16.52
CA SER A 67 -70.61 57.46 17.38
C SER A 67 -71.05 56.96 18.75
N GLU A 68 -72.02 57.65 19.35
CA GLU A 68 -72.53 57.21 20.65
C GLU A 68 -73.16 55.84 20.57
N ILE A 69 -73.92 55.59 19.50
CA ILE A 69 -74.55 54.27 19.33
C ILE A 69 -73.48 53.20 19.26
N ILE A 70 -72.39 53.47 18.54
CA ILE A 70 -71.29 52.51 18.42
C ILE A 70 -70.67 52.25 19.78
N ARG A 71 -70.48 53.30 20.57
CA ARG A 71 -69.91 53.12 21.91
C ARG A 71 -70.82 52.26 22.78
N LYS A 72 -72.12 52.54 22.75
CA LYS A 72 -73.10 51.73 23.47
C LYS A 72 -73.05 50.27 23.00
N MET A 73 -72.84 50.05 21.71
CA MET A 73 -72.79 48.68 21.20
C MET A 73 -71.52 47.97 21.65
N THR A 74 -70.40 48.69 21.70
CA THR A 74 -69.17 48.12 22.25
C THR A 74 -69.39 47.68 23.69
N GLU A 75 -70.00 48.54 24.51
CA GLU A 75 -70.25 48.14 25.89
C GLU A 75 -71.39 47.13 26.00
N GLU A 76 -72.25 47.02 24.98
CA GLU A 76 -73.32 46.03 24.96
C GLU A 76 -72.99 44.82 24.10
N PHE A 77 -71.70 44.59 23.82
CA PHE A 77 -71.31 43.54 22.90
C PHE A 77 -71.60 42.15 23.46
N ASP A 78 -71.46 41.96 24.78
CA ASP A 78 -71.60 40.65 25.41
C ASP A 78 -70.73 39.61 24.73
N GLU A 79 -69.55 40.03 24.29
CA GLU A 79 -68.63 39.13 23.62
C GLU A 79 -68.11 38.09 24.60
N ASP A 80 -67.97 36.86 24.13
CA ASP A 80 -67.32 35.82 24.91
C ASP A 80 -65.90 35.54 24.45
N SER A 81 -65.50 36.09 23.31
CA SER A 81 -64.16 35.90 22.77
C SER A 81 -63.87 37.03 21.79
N GLY A 82 -62.72 36.94 21.12
CA GLY A 82 -62.37 37.91 20.10
C GLY A 82 -62.86 37.57 18.72
N ASP A 83 -63.39 36.36 18.52
CA ASP A 83 -63.91 35.97 17.22
C ASP A 83 -65.15 36.77 16.86
N TYR A 84 -65.23 37.21 15.62
CA TYR A 84 -66.44 37.77 15.05
C TYR A 84 -66.72 37.07 13.73
N PRO A 85 -67.99 37.08 13.28
CA PRO A 85 -68.40 36.20 12.16
C PRO A 85 -67.46 36.20 10.95
N LEU A 86 -66.93 37.35 10.56
CA LEU A 86 -66.05 37.39 9.39
C LEU A 86 -64.74 36.66 9.64
N THR A 87 -64.24 36.71 10.88
CA THR A 87 -63.01 35.98 11.21
C THR A 87 -63.30 34.54 11.59
N MET A 88 -64.49 34.26 12.12
CA MET A 88 -64.84 32.90 12.53
C MET A 88 -64.76 31.95 11.35
N ALA A 89 -64.05 30.85 11.53
CA ALA A 89 -63.93 29.83 10.49
C ALA A 89 -65.09 28.86 10.56
N GLY A 90 -65.24 28.06 9.51
CA GLY A 90 -66.30 27.09 9.44
C GLY A 90 -67.20 27.31 8.23
N PRO A 91 -67.74 26.22 7.68
CA PRO A 91 -68.57 26.35 6.47
C PRO A 91 -69.77 27.27 6.64
N GLN A 92 -70.43 27.22 7.80
CA GLN A 92 -71.58 28.10 8.02
C GLN A 92 -71.16 29.56 7.93
N TRP A 93 -69.97 29.89 8.44
CA TRP A 93 -69.53 31.28 8.44
C TRP A 93 -69.01 31.71 7.06
N LYS A 94 -68.47 30.78 6.27
CA LYS A 94 -68.11 31.11 4.90
C LYS A 94 -69.37 31.41 4.08
N LYS A 95 -70.38 30.54 4.20
CA LYS A 95 -71.68 30.80 3.60
C LYS A 95 -72.26 32.12 4.09
N PHE A 96 -72.04 32.46 5.36
CA PHE A 96 -72.54 33.73 5.88
C PHE A 96 -71.83 34.91 5.24
N LYS A 97 -70.51 34.84 5.09
CA LYS A 97 -69.77 35.91 4.43
C LYS A 97 -70.33 36.13 3.02
N SER A 98 -70.47 35.04 2.27
CA SER A 98 -71.00 35.14 0.91
C SER A 98 -72.40 35.73 0.90
N SER A 99 -73.26 35.27 1.81
CA SER A 99 -74.64 35.74 1.85
C SER A 99 -74.72 37.20 2.27
N PHE A 100 -73.82 37.63 3.15
CA PHE A 100 -73.76 39.02 3.57
C PHE A 100 -73.45 39.93 2.39
N CYS A 101 -72.39 39.60 1.65
CA CYS A 101 -72.05 40.41 0.48
C CYS A 101 -73.17 40.38 -0.55
N GLU A 102 -73.76 39.21 -0.78
CA GLU A 102 -74.88 39.12 -1.73
C GLU A 102 -76.07 39.96 -1.27
N PHE A 103 -76.33 39.96 0.03
CA PHE A 103 -77.41 40.78 0.56
C PHE A 103 -77.20 42.25 0.22
N ILE A 104 -75.97 42.73 0.42
CA ILE A 104 -75.68 44.13 0.08
C ILE A 104 -75.94 44.38 -1.39
N GLY A 105 -75.37 43.52 -2.26
CA GLY A 105 -75.54 43.72 -3.69
C GLY A 105 -76.99 43.71 -4.13
N VAL A 106 -77.75 42.73 -3.65
CA VAL A 106 -79.15 42.59 -4.04
C VAL A 106 -79.99 43.74 -3.47
N LEU A 107 -79.69 44.18 -2.25
CA LEU A 107 -80.40 45.31 -1.68
C LEU A 107 -80.24 46.54 -2.55
N VAL A 108 -79.02 46.79 -3.02
CA VAL A 108 -78.83 47.92 -3.94
C VAL A 108 -79.59 47.68 -5.23
N ARG A 109 -79.52 46.46 -5.76
CA ARG A 109 -80.13 46.16 -7.06
C ARG A 109 -81.64 46.39 -7.04
N GLN A 110 -82.30 45.93 -5.98
CA GLN A 110 -83.75 45.99 -5.91
C GLN A 110 -84.27 47.41 -5.64
N CYS A 111 -83.43 48.28 -5.08
CA CYS A 111 -83.81 49.66 -4.82
C CYS A 111 -83.25 50.62 -5.85
N GLN A 112 -82.56 50.12 -6.89
CA GLN A 112 -81.73 50.98 -7.73
C GLN A 112 -82.53 51.92 -8.62
N TYR A 113 -83.86 51.81 -8.67
CA TYR A 113 -84.66 52.67 -9.52
C TYR A 113 -85.59 53.60 -8.75
N SER A 114 -85.63 53.49 -7.42
CA SER A 114 -86.53 54.32 -6.63
C SER A 114 -85.99 54.57 -5.23
N ILE A 115 -85.98 53.53 -4.39
CA ILE A 115 -85.59 53.68 -2.99
C ILE A 115 -84.17 54.20 -2.87
N ILE A 116 -83.31 53.89 -3.83
CA ILE A 116 -81.93 54.40 -3.79
C ILE A 116 -81.94 55.91 -3.91
N TYR A 117 -82.91 56.48 -4.63
CA TYR A 117 -83.03 57.92 -4.78
C TYR A 117 -83.96 58.55 -3.76
N ASP A 118 -84.55 57.76 -2.86
CA ASP A 118 -85.35 58.34 -1.81
C ASP A 118 -84.52 59.20 -0.87
N GLU A 119 -83.21 58.98 -0.83
CA GLU A 119 -82.28 59.76 -0.01
C GLU A 119 -82.66 59.72 1.46
N TYR A 120 -83.04 58.52 1.92
CA TYR A 120 -83.26 58.25 3.33
C TYR A 120 -82.51 56.99 3.73
N MET A 121 -82.85 55.85 3.09
CA MET A 121 -82.21 54.59 3.46
C MET A 121 -80.75 54.55 3.01
N MET A 122 -80.45 55.07 1.82
CA MET A 122 -79.07 55.07 1.34
C MET A 122 -78.18 55.94 2.23
N ASP A 123 -78.65 57.15 2.55
CA ASP A 123 -77.89 58.06 3.40
C ASP A 123 -77.72 57.47 4.80
N THR A 124 -78.78 56.87 5.34
CA THR A 124 -78.69 56.22 6.65
C THR A 124 -77.66 55.09 6.63
N VAL A 125 -77.69 54.26 5.59
CA VAL A 125 -76.78 53.12 5.50
C VAL A 125 -75.34 53.59 5.40
N ILE A 126 -75.08 54.56 4.52
CA ILE A 126 -73.71 55.04 4.35
C ILE A 126 -73.22 55.70 5.63
N SER A 127 -74.09 56.43 6.32
CA SER A 127 -73.70 57.07 7.58
C SER A 127 -73.32 56.03 8.63
N LEU A 128 -74.18 55.03 8.82
CA LEU A 128 -73.87 53.97 9.79
C LEU A 128 -72.60 53.23 9.44
N LEU A 129 -72.41 52.92 8.15
CA LEU A 129 -71.23 52.17 7.74
C LEU A 129 -69.96 52.99 7.92
N THR A 130 -70.01 54.29 7.63
CA THR A 130 -68.85 55.14 7.86
C THR A 130 -68.50 55.20 9.34
N GLY A 131 -69.51 55.46 10.18
CA GLY A 131 -69.28 55.47 11.62
C GLY A 131 -68.63 54.18 12.11
N LEU A 132 -69.15 53.05 11.65
CA LEU A 132 -68.58 51.76 12.07
C LEU A 132 -67.18 51.55 11.49
N SER A 133 -66.89 52.12 10.33
CA SER A 133 -65.55 52.04 9.77
C SER A 133 -64.56 52.85 10.59
N ASP A 134 -65.02 53.88 11.29
CA ASP A 134 -64.12 54.62 12.16
C ASP A 134 -63.86 53.95 13.51
N SER A 135 -64.60 52.90 13.86
CA SER A 135 -64.51 52.35 15.20
C SER A 135 -63.16 51.69 15.48
N GLN A 136 -62.68 51.86 16.71
CA GLN A 136 -61.49 51.15 17.14
C GLN A 136 -61.73 49.65 17.21
N VAL A 137 -62.97 49.24 17.49
CA VAL A 137 -63.31 47.82 17.55
C VAL A 137 -63.10 47.20 16.19
N ARG A 138 -62.28 46.14 16.13
CA ARG A 138 -61.93 45.54 14.85
C ARG A 138 -63.14 44.87 14.19
N ALA A 139 -64.05 44.30 14.99
CA ALA A 139 -65.21 43.66 14.41
C ALA A 139 -66.05 44.65 13.62
N PHE A 140 -66.40 45.77 14.25
CA PHE A 140 -67.18 46.81 13.58
C PHE A 140 -66.45 47.32 12.35
N ARG A 141 -65.17 47.69 12.50
CA ARG A 141 -64.42 48.27 11.40
C ARG A 141 -64.34 47.31 10.22
N HIS A 142 -63.97 46.05 10.50
CA HIS A 142 -63.83 45.04 9.45
C HIS A 142 -65.15 44.80 8.72
N THR A 143 -66.20 44.45 9.47
CA THR A 143 -67.47 44.15 8.83
C THR A 143 -67.99 45.35 8.05
N SER A 144 -67.90 46.55 8.65
CA SER A 144 -68.40 47.75 7.99
C SER A 144 -67.60 48.07 6.73
N THR A 145 -66.29 47.85 6.76
CA THR A 145 -65.48 48.14 5.59
C THR A 145 -65.81 47.18 4.44
N LEU A 146 -65.96 45.90 4.74
CA LEU A 146 -66.37 44.96 3.70
C LEU A 146 -67.73 45.35 3.13
N ALA A 147 -68.68 45.70 4.01
CA ALA A 147 -70.01 46.09 3.57
C ALA A 147 -69.95 47.34 2.70
N ALA A 148 -69.12 48.31 3.07
CA ALA A 148 -69.03 49.55 2.31
C ALA A 148 -68.40 49.32 0.95
N MET A 149 -67.40 48.44 0.87
CA MET A 149 -66.81 48.14 -0.43
C MET A 149 -67.80 47.43 -1.34
N LYS A 150 -68.55 46.46 -0.80
CA LYS A 150 -69.57 45.79 -1.60
C LYS A 150 -70.65 46.78 -2.06
N LEU A 151 -71.08 47.65 -1.15
CA LEU A 151 -72.05 48.68 -1.49
C LEU A 151 -71.56 49.58 -2.61
N MET A 152 -70.29 49.99 -2.56
CA MET A 152 -69.79 50.86 -3.61
C MET A 152 -69.64 50.12 -4.93
N THR A 153 -69.29 48.83 -4.90
CA THR A 153 -69.29 48.06 -6.15
C THR A 153 -70.68 48.06 -6.79
N ALA A 154 -71.71 47.77 -5.98
CA ALA A 154 -73.08 47.81 -6.50
C ALA A 154 -73.42 49.21 -7.04
N LEU A 155 -73.00 50.26 -6.33
CA LEU A 155 -73.31 51.61 -6.78
C LEU A 155 -72.58 51.94 -8.08
N VAL A 156 -71.37 51.43 -8.25
CA VAL A 156 -70.63 51.63 -9.49
C VAL A 156 -71.37 50.98 -10.64
N ASN A 157 -71.92 49.78 -10.42
CA ASN A 157 -72.71 49.14 -11.48
C ASN A 157 -73.95 49.97 -11.80
N VAL A 158 -74.61 50.51 -10.77
CA VAL A 158 -75.79 51.35 -10.99
C VAL A 158 -75.42 52.58 -11.82
N ALA A 159 -74.31 53.23 -11.48
CA ALA A 159 -73.91 54.44 -12.19
C ALA A 159 -73.50 54.12 -13.62
N LEU A 160 -72.88 52.97 -13.84
CA LEU A 160 -72.52 52.55 -15.19
C LEU A 160 -73.77 52.34 -16.04
N ASN A 161 -74.77 51.66 -15.47
CA ASN A 161 -76.04 51.49 -16.18
C ASN A 161 -76.68 52.83 -16.47
N LEU A 162 -76.60 53.78 -15.52
CA LEU A 162 -77.15 55.11 -15.75
C LEU A 162 -76.44 55.80 -16.91
N SER A 163 -75.12 55.68 -16.98
CA SER A 163 -74.39 56.30 -18.08
C SER A 163 -74.77 55.68 -19.42
N ILE A 164 -74.91 54.35 -19.46
CA ILE A 164 -75.31 53.69 -20.70
C ILE A 164 -76.69 54.15 -21.14
N ASN A 165 -77.64 54.20 -20.18
CA ASN A 165 -78.99 54.62 -20.51
C ASN A 165 -79.02 56.08 -20.96
N MET A 166 -78.19 56.92 -20.36
CA MET A 166 -78.07 58.31 -20.79
C MET A 166 -77.55 58.42 -22.22
N ASP A 167 -76.51 57.65 -22.55
CA ASP A 167 -76.02 57.64 -23.91
C ASP A 167 -77.11 57.18 -24.87
N ASN A 168 -77.90 56.20 -24.47
CA ASN A 168 -78.98 55.71 -25.33
C ASN A 168 -80.04 56.79 -25.56
N THR A 169 -80.43 57.50 -24.50
CA THR A 169 -81.41 58.56 -24.67
C THR A 169 -80.86 59.70 -25.51
N GLN A 170 -79.57 60.00 -25.39
CA GLN A 170 -78.97 61.04 -26.23
C GLN A 170 -78.95 60.60 -27.69
N ARG A 171 -78.68 59.31 -27.95
CA ARG A 171 -78.72 58.81 -29.32
C ARG A 171 -80.14 58.88 -29.89
N GLN A 172 -81.13 58.54 -29.06
CA GLN A 172 -82.52 58.64 -29.50
C GLN A 172 -82.89 60.08 -29.83
N TYR A 173 -82.48 61.02 -28.97
CA TYR A 173 -82.73 62.44 -29.24
C TYR A 173 -82.02 62.89 -30.50
N GLU A 174 -80.81 62.38 -30.75
CA GLU A 174 -80.08 62.71 -31.97
C GLU A 174 -80.83 62.23 -33.20
N ALA A 175 -81.34 60.99 -33.15
CA ALA A 175 -82.14 60.47 -34.26
C ALA A 175 -83.40 61.28 -34.48
N GLU A 176 -84.08 61.67 -33.38
CA GLU A 176 -85.28 62.47 -33.51
C GLU A 176 -84.98 63.85 -34.06
N ARG A 177 -83.84 64.44 -33.66
CA ARG A 177 -83.42 65.73 -34.18
C ARG A 177 -83.13 65.64 -35.68
N ASN A 178 -82.55 64.53 -36.13
CA ASN A 178 -82.41 64.32 -37.56
C ASN A 178 -83.76 64.21 -38.24
N LYS A 179 -84.73 63.59 -37.56
CA LYS A 179 -86.11 63.49 -38.04
C LYS A 179 -86.21 62.91 -39.45
N ASN A 186 -91.56 66.69 -32.30
CA ASN A 186 -90.96 67.71 -31.44
C ASN A 186 -91.18 67.39 -29.98
N GLU A 187 -92.37 66.87 -29.65
CA GLU A 187 -92.65 66.51 -28.26
C GLU A 187 -91.82 65.32 -27.81
N ARG A 188 -91.52 64.39 -28.71
CA ARG A 188 -90.73 63.22 -28.33
C ARG A 188 -89.30 63.61 -27.98
N LEU A 189 -88.69 64.48 -28.78
CA LEU A 189 -87.31 64.88 -28.51
C LEU A 189 -87.23 65.72 -27.23
N GLU A 190 -88.29 66.47 -26.92
CA GLU A 190 -88.31 67.20 -25.66
C GLU A 190 -88.45 66.24 -24.48
N LEU A 191 -89.32 65.23 -24.61
CA LEU A 191 -89.34 64.14 -23.65
C LEU A 191 -87.95 63.56 -23.45
N LEU A 192 -87.23 63.32 -24.54
CA LEU A 192 -85.91 62.70 -24.46
C LEU A 192 -84.92 63.59 -23.74
N LEU A 193 -84.96 64.89 -24.02
CA LEU A 193 -84.11 65.85 -23.32
C LEU A 193 -84.39 65.83 -21.82
N GLN A 194 -85.67 65.84 -21.45
CA GLN A 194 -86.03 65.83 -20.03
C GLN A 194 -85.61 64.52 -19.36
N LYS A 195 -85.71 63.40 -20.10
CA LYS A 195 -85.28 62.11 -19.58
C LYS A 195 -83.78 62.11 -19.33
N ARG A 196 -83.00 62.65 -20.28
CA ARG A 196 -81.57 62.81 -20.07
C ARG A 196 -81.28 63.67 -18.84
N LYS A 197 -82.06 64.74 -18.65
CA LYS A 197 -81.86 65.60 -17.49
C LYS A 197 -82.05 64.83 -16.19
N GLU A 198 -83.15 64.09 -16.08
CA GLU A 198 -83.40 63.33 -14.86
C GLU A 198 -82.39 62.21 -14.68
N LEU A 199 -81.92 61.60 -15.77
CA LEU A 199 -80.85 60.61 -15.67
C LEU A 199 -79.58 61.22 -15.12
N GLN A 200 -79.26 62.45 -15.55
CA GLN A 200 -78.08 63.12 -15.03
C GLN A 200 -78.23 63.44 -13.54
N GLU A 201 -79.44 63.81 -13.13
CA GLU A 201 -79.66 64.02 -11.69
C GLU A 201 -79.45 62.72 -10.91
N ASN A 202 -79.97 61.60 -11.42
CA ASN A 202 -79.74 60.32 -10.78
C ASN A 202 -78.25 59.99 -10.71
N GLN A 203 -77.51 60.29 -11.78
CA GLN A 203 -76.09 60.00 -11.80
C GLN A 203 -75.36 60.85 -10.77
N ASP A 204 -75.78 62.10 -10.60
CA ASP A 204 -75.17 62.95 -9.58
C ASP A 204 -75.46 62.42 -8.18
N GLU A 205 -76.67 61.90 -7.96
CA GLU A 205 -77.00 61.35 -6.64
C GLU A 205 -76.14 60.12 -6.34
N ILE A 206 -76.06 59.20 -7.31
CA ILE A 206 -75.19 58.02 -7.15
C ILE A 206 -73.74 58.44 -6.96
N GLU A 207 -73.33 59.53 -7.63
CA GLU A 207 -71.97 60.03 -7.48
C GLU A 207 -71.72 60.55 -6.07
N ASN A 208 -72.71 61.24 -5.49
CA ASN A 208 -72.59 61.66 -4.09
C ASN A 208 -72.39 60.46 -3.19
N MET A 209 -73.21 59.41 -3.38
CA MET A 209 -73.07 58.22 -2.55
C MET A 209 -71.69 57.58 -2.69
N MET A 210 -71.24 57.40 -3.94
CA MET A 210 -69.95 56.76 -4.20
C MET A 210 -68.80 57.59 -3.64
N ASN A 211 -68.85 58.92 -3.84
CA ASN A 211 -67.84 59.82 -3.27
C ASN A 211 -67.83 59.73 -1.76
N ALA A 212 -69.00 59.63 -1.14
CA ALA A 212 -69.06 59.50 0.31
C ALA A 212 -68.34 58.23 0.77
N ILE A 213 -68.64 57.10 0.11
CA ILE A 213 -67.99 55.84 0.52
C ILE A 213 -66.49 55.93 0.31
N PHE A 214 -66.06 56.44 -0.85
CA PHE A 214 -64.63 56.47 -1.16
C PHE A 214 -63.87 57.38 -0.20
N LYS A 215 -64.30 58.63 -0.08
CA LYS A 215 -63.57 59.60 0.73
C LYS A 215 -63.74 59.39 2.22
N GLY A 216 -64.81 58.72 2.66
CA GLY A 216 -65.02 58.54 4.07
C GLY A 216 -64.62 57.18 4.59
N VAL A 217 -64.50 56.20 3.69
CA VAL A 217 -64.14 54.86 4.13
C VAL A 217 -62.86 54.39 3.46
N PHE A 218 -62.80 54.43 2.12
CA PHE A 218 -61.68 53.81 1.42
C PHE A 218 -60.36 54.46 1.80
N VAL A 219 -60.26 55.79 1.68
CA VAL A 219 -59.00 56.47 1.93
C VAL A 219 -58.50 56.29 3.35
N HIS A 220 -59.37 55.82 4.26
CA HIS A 220 -58.97 55.53 5.62
C HIS A 220 -58.72 54.06 5.86
N ARG A 221 -59.41 53.17 5.15
CA ARG A 221 -59.28 51.73 5.38
C ARG A 221 -58.30 51.05 4.44
N TYR A 222 -57.94 51.68 3.31
CA TYR A 222 -56.88 51.12 2.46
C TYR A 222 -55.53 51.16 3.15
N ARG A 223 -55.40 52.03 4.17
CA ARG A 223 -54.19 52.13 4.98
C ARG A 223 -54.46 51.69 6.42
N ASP A 224 -55.41 50.77 6.58
CA ASP A 224 -55.77 50.26 7.89
C ASP A 224 -54.60 49.50 8.51
N ALA A 225 -54.57 49.44 9.84
CA ALA A 225 -53.54 48.68 10.52
C ALA A 225 -53.66 47.19 10.21
N ILE A 226 -54.88 46.69 10.12
CA ILE A 226 -55.11 45.27 9.83
C ILE A 226 -54.91 45.04 8.34
N ALA A 227 -54.15 43.99 8.01
CA ALA A 227 -53.85 43.70 6.60
C ALA A 227 -55.09 43.22 5.86
N GLU A 228 -55.98 42.50 6.55
CA GLU A 228 -57.19 41.98 5.92
C GLU A 228 -58.05 43.12 5.36
N ILE A 229 -58.24 44.17 6.15
CA ILE A 229 -59.04 45.31 5.73
C ILE A 229 -58.42 45.97 4.49
N ARG A 230 -57.10 46.15 4.51
CA ARG A 230 -56.40 46.74 3.37
C ARG A 230 -56.59 45.90 2.12
N ALA A 231 -56.49 44.58 2.25
CA ALA A 231 -56.68 43.70 1.12
C ALA A 231 -58.08 43.81 0.55
N ILE A 232 -59.09 43.88 1.44
CA ILE A 232 -60.46 44.07 0.99
C ILE A 232 -60.58 45.34 0.15
N CYS A 233 -60.06 46.45 0.67
CA CYS A 233 -60.19 47.71 -0.05
C CYS A 233 -59.46 47.69 -1.39
N ILE A 234 -58.26 47.11 -1.41
CA ILE A 234 -57.47 47.07 -2.65
C ILE A 234 -58.18 46.24 -3.71
N GLU A 235 -58.64 45.04 -3.34
CA GLU A 235 -59.36 44.19 -4.27
C GLU A 235 -60.58 44.91 -4.83
N GLU A 236 -61.33 45.60 -3.97
CA GLU A 236 -62.55 46.22 -4.47
C GLU A 236 -62.27 47.44 -5.34
N ILE A 237 -61.18 48.18 -5.09
CA ILE A 237 -60.86 49.26 -6.01
C ILE A 237 -60.42 48.72 -7.36
N GLY A 238 -59.69 47.60 -7.38
CA GLY A 238 -59.43 46.95 -8.64
C GLY A 238 -60.71 46.55 -9.37
N ILE A 239 -61.68 46.05 -8.62
CA ILE A 239 -62.96 45.66 -9.22
C ILE A 239 -63.66 46.89 -9.82
N TRP A 240 -63.66 48.01 -9.10
CA TRP A 240 -64.28 49.23 -9.63
C TRP A 240 -63.59 49.68 -10.91
N MET A 241 -62.26 49.61 -10.95
CA MET A 241 -61.53 50.03 -12.14
C MET A 241 -61.87 49.15 -13.34
N LYS A 242 -61.94 47.83 -13.13
CA LYS A 242 -62.35 46.95 -14.22
C LYS A 242 -63.79 47.19 -14.65
N MET A 243 -64.69 47.37 -13.68
CA MET A 243 -66.12 47.46 -13.98
C MET A 243 -66.44 48.67 -14.84
N TYR A 244 -65.90 49.83 -14.46
CA TYR A 244 -66.26 51.13 -15.03
C TYR A 244 -64.97 51.86 -15.38
N SER A 245 -64.33 51.40 -16.46
CA SER A 245 -62.98 51.88 -16.76
C SER A 245 -62.95 53.37 -17.05
N ASP A 246 -63.97 53.88 -17.76
CA ASP A 246 -63.96 55.29 -18.13
C ASP A 246 -64.06 56.21 -16.93
N ALA A 247 -64.64 55.74 -15.83
CA ALA A 247 -64.84 56.56 -14.65
C ALA A 247 -63.91 56.24 -13.49
N PHE A 248 -63.31 55.06 -13.46
CA PHE A 248 -62.48 54.65 -12.34
C PHE A 248 -61.05 54.24 -12.72
N LEU A 249 -60.74 54.11 -14.01
CA LEU A 249 -59.36 53.85 -14.43
C LEU A 249 -58.66 55.19 -14.63
N ASN A 250 -58.26 55.78 -13.51
CA ASN A 250 -57.54 57.04 -13.51
C ASN A 250 -56.37 56.93 -12.55
N ASP A 251 -55.43 57.87 -12.67
CA ASP A 251 -54.33 57.93 -11.71
C ASP A 251 -54.83 58.20 -10.30
N SER A 252 -55.92 58.94 -10.17
CA SER A 252 -56.48 59.26 -8.85
C SER A 252 -56.89 58.00 -8.09
N TYR A 253 -57.26 56.95 -8.81
CA TYR A 253 -57.57 55.66 -8.20
C TYR A 253 -56.39 54.70 -8.24
N LEU A 254 -55.61 54.74 -9.32
CA LEU A 254 -54.48 53.82 -9.46
C LEU A 254 -53.40 54.08 -8.43
N LYS A 255 -53.32 55.31 -7.91
CA LYS A 255 -52.25 55.65 -6.96
C LYS A 255 -52.34 54.80 -5.70
N TYR A 256 -53.55 54.43 -5.29
CA TYR A 256 -53.69 53.64 -4.07
C TYR A 256 -53.13 52.24 -4.26
N VAL A 257 -53.42 51.63 -5.41
CA VAL A 257 -52.84 50.32 -5.72
C VAL A 257 -51.33 50.44 -5.82
N GLY A 258 -50.83 51.50 -6.47
CA GLY A 258 -49.40 51.66 -6.62
C GLY A 258 -48.69 51.83 -5.29
N TRP A 259 -49.29 52.60 -4.38
CA TRP A 259 -48.70 52.80 -3.06
C TRP A 259 -48.74 51.52 -2.25
N THR A 260 -49.88 50.84 -2.25
CA THR A 260 -50.05 49.65 -1.43
C THR A 260 -49.34 48.44 -2.03
N MET A 261 -48.81 48.56 -3.24
CA MET A 261 -47.86 47.58 -3.76
C MET A 261 -46.65 47.43 -2.85
N HIS A 262 -46.34 48.45 -2.05
CA HIS A 262 -45.18 48.46 -1.18
C HIS A 262 -45.52 48.02 0.25
N ASP A 263 -46.74 47.52 0.46
CA ASP A 263 -47.14 47.05 1.78
C ASP A 263 -46.26 45.89 2.22
N LYS A 264 -45.86 45.91 3.49
CA LYS A 264 -44.99 44.85 4.01
C LYS A 264 -45.65 43.48 3.96
N GLN A 265 -46.97 43.43 4.14
CA GLN A 265 -47.68 42.16 4.10
C GLN A 265 -47.84 41.68 2.67
N GLY A 266 -47.59 40.38 2.46
CA GLY A 266 -47.64 39.83 1.12
C GLY A 266 -49.03 39.62 0.58
N GLU A 267 -50.00 39.35 1.46
CA GLU A 267 -51.39 39.23 1.03
C GLU A 267 -51.85 40.49 0.30
N VAL A 268 -51.56 41.65 0.88
CA VAL A 268 -51.94 42.92 0.28
C VAL A 268 -51.24 43.12 -1.06
N ARG A 269 -49.96 42.75 -1.14
CA ARG A 269 -49.20 42.89 -2.36
C ARG A 269 -49.81 42.05 -3.49
N LEU A 270 -50.18 40.80 -3.18
CA LEU A 270 -50.81 39.95 -4.18
C LEU A 270 -52.15 40.52 -4.63
N LYS A 271 -52.91 41.10 -3.68
CA LYS A 271 -54.17 41.73 -4.06
C LYS A 271 -53.93 42.83 -5.09
N CYS A 272 -52.94 43.69 -4.81
CA CYS A 272 -52.58 44.75 -5.76
C CYS A 272 -52.22 44.17 -7.12
N LEU A 273 -51.41 43.12 -7.14
CA LEU A 273 -50.95 42.54 -8.41
C LEU A 273 -52.12 42.02 -9.24
N THR A 274 -53.05 41.30 -8.60
CA THR A 274 -54.20 40.79 -9.35
C THR A 274 -55.06 41.91 -9.89
N ALA A 275 -55.33 42.92 -9.06
CA ALA A 275 -56.09 44.09 -9.52
C ALA A 275 -55.44 44.69 -10.77
N LEU A 276 -54.12 44.81 -10.77
CA LEU A 276 -53.44 45.37 -11.93
C LEU A 276 -53.54 44.45 -13.14
N GLN A 277 -53.43 43.13 -12.91
CA GLN A 277 -53.48 42.16 -14.00
C GLN A 277 -54.76 42.29 -14.81
N GLY A 278 -55.88 42.50 -14.14
CA GLY A 278 -57.12 42.72 -14.88
C GLY A 278 -57.00 43.81 -15.94
N LEU A 279 -56.63 45.02 -15.49
CA LEU A 279 -56.52 46.16 -16.38
C LEU A 279 -55.52 45.90 -17.50
N TYR A 280 -54.37 45.31 -17.16
CA TYR A 280 -53.35 45.10 -18.20
C TYR A 280 -53.79 44.02 -19.19
N TYR A 281 -54.63 43.09 -18.76
CA TYR A 281 -55.23 42.15 -19.71
C TYR A 281 -56.16 42.87 -20.67
N ASN A 282 -56.90 43.88 -20.19
CA ASN A 282 -57.90 44.51 -21.07
C ASN A 282 -57.31 45.24 -22.27
N LYS A 283 -56.01 45.49 -22.33
CA LYS A 283 -55.37 46.18 -23.46
C LYS A 283 -56.02 47.54 -23.72
N GLU A 284 -56.16 48.34 -22.68
CA GLU A 284 -56.51 49.75 -22.90
C GLU A 284 -55.28 50.60 -23.12
N LEU A 285 -54.16 50.23 -22.48
CA LEU A 285 -52.87 50.89 -22.64
C LEU A 285 -52.92 52.35 -22.20
N ASN A 286 -53.52 53.20 -23.03
CA ASN A 286 -53.51 54.64 -22.75
C ASN A 286 -54.28 54.98 -21.47
N SER A 287 -55.12 54.08 -20.99
CA SER A 287 -56.01 54.36 -19.86
C SER A 287 -55.23 54.60 -18.58
N LYS A 288 -54.42 55.65 -18.55
CA LYS A 288 -53.60 56.01 -17.39
C LYS A 288 -52.59 54.93 -17.07
N LEU A 289 -52.64 53.81 -17.80
CA LEU A 289 -51.71 52.71 -17.56
C LEU A 289 -50.31 53.04 -18.02
N GLU A 290 -50.16 53.95 -18.98
CA GLU A 290 -48.82 54.38 -19.39
C GLU A 290 -48.11 55.06 -18.22
N LEU A 291 -48.77 56.02 -17.59
CA LEU A 291 -48.18 56.71 -16.46
C LEU A 291 -47.92 55.77 -15.29
N PHE A 292 -48.86 54.86 -15.02
CA PHE A 292 -48.67 53.91 -13.93
C PHE A 292 -47.52 52.96 -14.20
N THR A 293 -47.40 52.47 -15.45
CA THR A 293 -46.27 51.64 -15.82
C THR A 293 -44.96 52.38 -15.61
N SER A 294 -44.85 53.61 -16.14
CA SER A 294 -43.59 54.33 -15.98
C SER A 294 -43.27 54.58 -14.51
N ARG A 295 -44.30 54.80 -13.69
CA ARG A 295 -44.08 55.13 -12.28
C ARG A 295 -43.69 53.92 -11.46
N PHE A 296 -44.29 52.74 -11.73
CA PHE A 296 -44.15 51.58 -10.85
C PHE A 296 -43.55 50.35 -11.56
N LYS A 297 -42.93 50.56 -12.73
CA LYS A 297 -42.30 49.45 -13.46
C LYS A 297 -41.23 48.80 -12.62
N ASP A 298 -40.36 49.61 -12.02
CA ASP A 298 -39.26 49.06 -11.23
C ASP A 298 -39.80 48.31 -10.02
N ARG A 299 -40.90 48.77 -9.44
CA ARG A 299 -41.53 48.06 -8.33
C ARG A 299 -42.02 46.69 -8.77
N ILE A 300 -42.67 46.61 -9.94
CA ILE A 300 -43.15 45.31 -10.40
C ILE A 300 -41.97 44.37 -10.67
N VAL A 301 -40.94 44.89 -11.36
CA VAL A 301 -39.76 44.09 -11.67
C VAL A 301 -39.12 43.59 -10.38
N SER A 302 -39.09 44.43 -9.34
CA SER A 302 -38.54 44.02 -8.06
C SER A 302 -39.43 42.98 -7.38
N MET A 303 -40.74 43.09 -7.53
CA MET A 303 -41.66 42.11 -6.99
C MET A 303 -41.49 40.74 -7.63
N THR A 304 -40.90 40.69 -8.84
CA THR A 304 -40.52 39.38 -9.37
C THR A 304 -39.61 38.60 -8.41
N LEU A 305 -38.90 39.28 -7.52
CA LEU A 305 -38.06 38.64 -6.51
C LEU A 305 -38.59 38.91 -5.09
N ASP A 306 -39.91 38.86 -4.95
CA ASP A 306 -40.56 39.15 -3.68
C ASP A 306 -40.27 38.03 -2.67
N LYS A 307 -40.30 38.40 -1.38
CA LYS A 307 -40.15 37.40 -0.32
C LYS A 307 -41.18 36.28 -0.44
N GLU A 308 -42.36 36.59 -0.98
CA GLU A 308 -43.41 35.60 -1.16
C GLU A 308 -43.38 35.10 -2.60
N TYR A 309 -43.26 33.79 -2.77
CA TYR A 309 -43.09 33.22 -4.11
C TYR A 309 -44.33 33.41 -4.97
N ASP A 310 -45.52 33.25 -4.38
CA ASP A 310 -46.76 33.45 -5.14
C ASP A 310 -46.87 34.88 -5.66
N VAL A 311 -46.53 35.86 -4.80
CA VAL A 311 -46.47 37.25 -5.23
C VAL A 311 -45.50 37.41 -6.40
N ALA A 312 -44.37 36.71 -6.33
CA ALA A 312 -43.36 36.83 -7.38
C ALA A 312 -43.87 36.26 -8.71
N VAL A 313 -44.55 35.13 -8.66
CA VAL A 313 -45.14 34.56 -9.87
C VAL A 313 -46.15 35.52 -10.47
N GLN A 314 -46.99 36.12 -9.63
CA GLN A 314 -47.97 37.08 -10.14
C GLN A 314 -47.28 38.30 -10.74
N ALA A 315 -46.17 38.75 -10.15
CA ALA A 315 -45.45 39.89 -10.71
C ALA A 315 -44.84 39.55 -12.06
N ILE A 316 -44.29 38.34 -12.21
CA ILE A 316 -43.76 37.92 -13.51
C ILE A 316 -44.89 37.87 -14.54
N LYS A 317 -46.05 37.34 -14.15
CA LYS A 317 -47.16 37.27 -15.09
C LYS A 317 -47.63 38.67 -15.48
N LEU A 318 -47.64 39.59 -14.53
CA LEU A 318 -47.97 40.98 -14.82
C LEU A 318 -46.96 41.59 -15.80
N LEU A 319 -45.68 41.26 -15.64
CA LEU A 319 -44.68 41.75 -16.58
C LEU A 319 -44.90 41.19 -17.98
N THR A 320 -45.29 39.92 -18.07
CA THR A 320 -45.64 39.36 -19.38
C THR A 320 -46.83 40.11 -19.99
N LEU A 321 -47.81 40.47 -19.16
CA LEU A 321 -48.95 41.24 -19.68
C LEU A 321 -48.49 42.60 -20.20
N VAL A 322 -47.65 43.28 -19.42
CA VAL A 322 -47.10 44.57 -19.86
C VAL A 322 -46.36 44.40 -21.18
N LEU A 323 -45.63 43.29 -21.33
CA LEU A 323 -44.94 43.02 -22.58
C LEU A 323 -45.92 42.85 -23.73
N GLN A 324 -47.04 42.17 -23.49
CA GLN A 324 -48.07 42.06 -24.53
C GLN A 324 -48.66 43.43 -24.87
N SER A 325 -48.68 44.35 -23.92
CA SER A 325 -49.25 45.67 -24.21
C SER A 325 -48.35 46.48 -25.14
N SER A 326 -47.06 46.61 -24.78
CA SER A 326 -46.16 47.46 -25.55
C SER A 326 -44.83 46.81 -25.86
N GLU A 327 -44.37 45.89 -24.99
CA GLU A 327 -43.09 45.19 -25.12
C GLU A 327 -41.88 46.09 -24.87
N GLU A 328 -41.67 47.09 -25.72
CA GLU A 328 -40.47 47.92 -25.58
C GLU A 328 -40.44 48.72 -24.29
N VAL A 329 -41.60 48.84 -23.61
CA VAL A 329 -41.69 49.63 -22.38
C VAL A 329 -40.85 49.01 -21.27
N LEU A 330 -40.73 47.67 -21.27
CA LEU A 330 -40.09 46.95 -20.19
C LEU A 330 -38.58 47.13 -20.13
N THR A 331 -37.95 47.61 -21.22
CA THR A 331 -36.49 47.73 -21.41
C THR A 331 -35.74 46.41 -21.20
N ALA A 332 -34.54 46.34 -21.78
CA ALA A 332 -33.79 45.08 -21.81
C ALA A 332 -33.26 44.66 -20.45
N GLU A 333 -32.89 45.61 -19.59
CA GLU A 333 -32.35 45.27 -18.28
C GLU A 333 -33.38 44.51 -17.44
N ASP A 334 -34.60 45.03 -17.39
CA ASP A 334 -35.66 44.39 -16.62
C ASP A 334 -35.99 43.01 -17.19
N CYS A 335 -36.03 42.92 -18.53
CA CYS A 335 -36.22 41.62 -19.18
C CYS A 335 -35.15 40.63 -18.76
N GLU A 336 -33.89 41.08 -18.67
CA GLU A 336 -32.82 40.18 -18.24
C GLU A 336 -32.99 39.74 -16.80
N ASN A 337 -33.43 40.67 -15.94
CA ASN A 337 -33.80 40.30 -14.57
C ASN A 337 -34.81 39.16 -14.58
N VAL A 338 -35.85 39.26 -15.41
CA VAL A 338 -36.83 38.18 -15.48
C VAL A 338 -36.18 36.91 -16.06
N TYR A 339 -35.27 37.06 -17.01
CA TYR A 339 -34.64 35.90 -17.64
C TYR A 339 -33.93 35.04 -16.59
N HIS A 340 -33.22 35.68 -15.66
CA HIS A 340 -32.48 34.91 -14.65
C HIS A 340 -33.38 33.94 -13.89
N LEU A 341 -34.66 34.29 -13.71
CA LEU A 341 -35.57 33.50 -12.88
C LEU A 341 -35.89 32.13 -13.46
N VAL A 342 -35.60 31.87 -14.74
CA VAL A 342 -35.86 30.55 -15.29
C VAL A 342 -34.96 29.49 -14.65
N TYR A 343 -33.89 29.91 -13.97
CA TYR A 343 -33.01 28.99 -13.27
C TYR A 343 -33.34 28.89 -11.78
N SER A 344 -34.49 29.40 -11.36
CA SER A 344 -34.84 29.40 -9.95
C SER A 344 -35.28 28.02 -9.50
N ALA A 345 -35.10 27.76 -8.19
CA ALA A 345 -35.53 26.48 -7.65
C ALA A 345 -37.04 26.33 -7.67
N HIS A 346 -37.75 27.45 -7.48
CA HIS A 346 -39.21 27.46 -7.45
C HIS A 346 -39.74 27.29 -8.88
N ARG A 347 -40.34 26.14 -9.17
CA ARG A 347 -40.81 25.89 -10.52
C ARG A 347 -41.90 26.86 -10.99
N PRO A 348 -42.85 27.31 -10.15
CA PRO A 348 -43.78 28.34 -10.65
C PRO A 348 -43.11 29.59 -11.16
N VAL A 349 -42.19 30.17 -10.36
CA VAL A 349 -41.45 31.35 -10.81
C VAL A 349 -40.68 31.04 -12.08
N ALA A 350 -40.05 29.87 -12.14
CA ALA A 350 -39.22 29.53 -13.30
C ALA A 350 -40.05 29.39 -14.57
N VAL A 351 -41.23 28.76 -14.48
CA VAL A 351 -42.03 28.58 -15.68
C VAL A 351 -42.71 29.89 -16.09
N ALA A 352 -43.06 30.75 -15.12
CA ALA A 352 -43.58 32.06 -15.48
C ALA A 352 -42.52 32.88 -16.20
N ALA A 353 -41.28 32.85 -15.69
CA ALA A 353 -40.18 33.55 -16.35
C ALA A 353 -39.88 32.94 -17.72
N GLY A 354 -40.01 31.62 -17.85
CA GLY A 354 -39.77 30.99 -19.14
C GLY A 354 -40.85 31.36 -20.16
N GLU A 355 -42.09 31.50 -19.69
CA GLU A 355 -43.15 32.02 -20.54
C GLU A 355 -42.84 33.45 -20.99
N PHE A 356 -42.40 34.29 -20.04
CA PHE A 356 -41.98 35.65 -20.38
C PHE A 356 -40.87 35.64 -21.42
N LEU A 357 -39.90 34.75 -21.26
CA LEU A 357 -38.76 34.70 -22.16
C LEU A 357 -39.16 34.18 -23.54
N TYR A 358 -40.06 33.19 -23.58
CA TYR A 358 -40.57 32.68 -24.84
C TYR A 358 -41.31 33.76 -25.60
N LYS A 359 -42.16 34.52 -24.89
CA LYS A 359 -42.90 35.59 -25.56
C LYS A 359 -41.98 36.74 -25.96
N LYS A 360 -40.89 36.95 -25.21
CA LYS A 360 -40.01 38.08 -25.50
C LYS A 360 -39.28 37.91 -26.82
N LEU A 361 -38.77 36.71 -27.11
CA LEU A 361 -37.92 36.54 -28.29
C LEU A 361 -38.20 35.27 -29.07
N PHE A 362 -38.44 34.15 -28.38
CA PHE A 362 -38.72 32.90 -29.09
C PHE A 362 -40.09 32.89 -29.77
N SER A 363 -41.04 33.71 -29.33
CA SER A 363 -42.37 33.70 -29.94
C SER A 363 -42.30 34.21 -31.38
N ARG A 364 -41.72 35.39 -31.56
CA ARG A 364 -41.49 35.94 -32.88
C ARG A 364 -40.47 35.08 -33.61
N ARG A 365 -40.78 34.71 -34.86
CA ARG A 365 -39.91 33.80 -35.59
C ARG A 365 -39.95 34.03 -37.10
N PRO A 381 -36.71 26.73 -40.10
CA PRO A 381 -37.61 27.71 -39.48
C PRO A 381 -37.23 28.04 -38.04
N ASN A 382 -37.21 27.02 -37.18
CA ASN A 382 -36.81 27.18 -35.79
C ASN A 382 -35.30 27.30 -35.61
N ALA A 383 -34.53 27.21 -36.71
CA ALA A 383 -33.08 27.16 -36.60
C ALA A 383 -32.53 28.41 -35.92
N ASN A 384 -33.01 29.58 -36.32
CA ASN A 384 -32.56 30.81 -35.66
C ASN A 384 -33.03 30.86 -34.21
N LEU A 385 -34.20 30.31 -33.91
CA LEU A 385 -34.64 30.22 -32.52
C LEU A 385 -33.77 29.26 -31.72
N VAL A 386 -33.36 28.15 -32.35
CA VAL A 386 -32.48 27.20 -31.66
C VAL A 386 -31.14 27.86 -31.37
N LYS A 387 -30.59 28.57 -32.36
CA LYS A 387 -29.34 29.29 -32.17
C LYS A 387 -29.48 30.34 -31.08
N THR A 388 -30.62 31.03 -31.04
CA THR A 388 -30.84 32.05 -30.00
C THR A 388 -30.94 31.41 -28.62
N LEU A 389 -31.55 30.22 -28.53
CA LEU A 389 -31.60 29.51 -27.26
C LEU A 389 -30.20 29.10 -26.80
N VAL A 390 -29.38 28.61 -27.73
CA VAL A 390 -28.01 28.26 -27.40
C VAL A 390 -27.25 29.49 -26.91
N PHE A 391 -27.42 30.62 -27.60
CA PHE A 391 -26.71 31.84 -27.22
C PHE A 391 -27.18 32.35 -25.86
N PHE A 392 -28.49 32.28 -25.60
CA PHE A 392 -29.01 32.69 -24.30
C PHE A 392 -28.47 31.79 -23.19
N PHE A 393 -28.44 30.48 -23.42
CA PHE A 393 -27.94 29.56 -22.41
C PHE A 393 -26.47 29.82 -22.13
N LEU A 394 -25.69 30.11 -23.18
CA LEU A 394 -24.27 30.41 -22.97
C LEU A 394 -24.08 31.75 -22.27
N GLU A 395 -24.89 32.75 -22.62
CA GLU A 395 -24.75 34.08 -22.04
C GLU A 395 -25.02 34.07 -20.55
N SER A 396 -25.94 33.23 -20.10
CA SER A 396 -26.27 33.12 -18.67
C SER A 396 -25.30 32.13 -18.04
N GLU A 397 -24.32 32.67 -17.30
CA GLU A 397 -23.35 31.83 -16.60
C GLU A 397 -23.94 31.10 -15.40
N LEU A 398 -25.25 31.22 -15.18
CA LEU A 398 -25.86 30.70 -13.96
C LEU A 398 -25.81 29.18 -13.91
N HIS A 399 -26.14 28.53 -15.03
CA HIS A 399 -26.23 27.08 -15.07
C HIS A 399 -25.26 26.51 -16.10
N GLU A 400 -24.73 25.32 -15.80
CA GLU A 400 -23.87 24.60 -16.72
C GLU A 400 -24.63 23.59 -17.55
N HIS A 401 -25.90 23.33 -17.24
CA HIS A 401 -26.74 22.45 -18.04
C HIS A 401 -28.06 23.15 -18.32
N ALA A 402 -28.81 22.61 -19.28
CA ALA A 402 -30.05 23.24 -19.75
C ALA A 402 -31.28 22.57 -19.17
N ALA A 403 -31.12 21.68 -18.18
CA ALA A 403 -32.26 20.91 -17.68
C ALA A 403 -33.35 21.83 -17.13
N TYR A 404 -32.96 22.78 -16.28
CA TYR A 404 -33.95 23.65 -15.64
C TYR A 404 -34.46 24.72 -16.59
N LEU A 405 -33.60 25.20 -17.51
CA LEU A 405 -34.06 26.08 -18.58
C LEU A 405 -35.11 25.39 -19.45
N VAL A 406 -34.78 24.18 -19.92
CA VAL A 406 -35.71 23.40 -20.73
C VAL A 406 -37.01 23.16 -19.97
N ASP A 407 -36.92 22.89 -18.66
CA ASP A 407 -38.11 22.71 -17.86
C ASP A 407 -38.95 23.99 -17.82
N SER A 408 -38.30 25.13 -17.60
CA SER A 408 -39.01 26.40 -17.56
C SER A 408 -39.78 26.64 -18.85
N MET A 409 -39.19 26.32 -19.99
CA MET A 409 -39.82 26.62 -21.27
C MET A 409 -40.47 25.43 -21.95
N TRP A 410 -40.65 24.31 -21.25
CA TRP A 410 -41.14 23.10 -21.89
C TRP A 410 -42.61 23.23 -22.27
N ASP A 411 -43.40 23.94 -21.46
CA ASP A 411 -44.82 24.08 -21.75
C ASP A 411 -45.09 25.12 -22.82
N CYS A 412 -44.20 26.10 -22.97
CA CYS A 412 -44.39 27.18 -23.94
C CYS A 412 -43.75 26.85 -25.29
N ALA A 413 -42.45 26.56 -25.30
CA ALA A 413 -41.69 26.31 -26.53
C ALA A 413 -41.56 24.83 -26.83
N THR A 414 -42.62 24.05 -26.65
CA THR A 414 -42.54 22.62 -26.86
C THR A 414 -42.24 22.28 -28.32
N GLU A 415 -42.82 23.02 -29.26
CA GLU A 415 -42.56 22.74 -30.68
C GLU A 415 -41.10 23.02 -31.03
N LEU A 416 -40.54 24.10 -30.47
CA LEU A 416 -39.13 24.41 -30.72
C LEU A 416 -38.23 23.41 -30.01
N LEU A 417 -38.55 23.09 -28.75
CA LEU A 417 -37.72 22.17 -27.99
C LEU A 417 -37.75 20.76 -28.57
N LYS A 418 -38.84 20.39 -29.25
CA LYS A 418 -38.97 19.06 -29.83
C LYS A 418 -38.59 19.03 -31.31
N ASP A 419 -38.10 20.15 -31.86
CA ASP A 419 -37.57 20.17 -33.22
C ASP A 419 -36.17 19.55 -33.24
N TRP A 420 -36.09 18.30 -32.79
CA TRP A 420 -34.81 17.62 -32.74
C TRP A 420 -34.16 17.53 -34.11
N GLU A 421 -34.98 17.41 -35.16
CA GLU A 421 -34.46 17.30 -36.51
C GLU A 421 -33.61 18.51 -36.87
N CYS A 422 -34.12 19.72 -36.58
CA CYS A 422 -33.38 20.92 -36.88
C CYS A 422 -32.10 21.01 -36.05
N MET A 423 -32.17 20.58 -34.80
CA MET A 423 -30.99 20.66 -33.93
C MET A 423 -29.88 19.72 -34.40
N ASN A 424 -30.21 18.44 -34.61
CA ASN A 424 -29.15 17.53 -35.05
C ASN A 424 -28.67 17.90 -36.45
N SER A 425 -29.53 18.53 -37.27
CA SER A 425 -29.04 19.04 -38.55
C SER A 425 -28.04 20.17 -38.35
N LEU A 426 -28.30 21.05 -37.38
CA LEU A 426 -27.33 22.10 -37.06
C LEU A 426 -26.01 21.52 -36.60
N LEU A 427 -26.05 20.46 -35.78
CA LEU A 427 -24.81 19.85 -35.30
C LEU A 427 -24.10 19.10 -36.42
N LEU A 428 -24.84 18.40 -37.28
CA LEU A 428 -24.25 17.66 -38.38
C LEU A 428 -23.96 18.59 -39.55
N GLU A 429 -24.97 18.87 -40.37
CA GLU A 429 -24.79 19.78 -41.50
C GLU A 429 -24.43 21.18 -41.02
N GLU A 430 -23.50 21.82 -41.71
CA GLU A 430 -23.10 23.17 -41.33
C GLU A 430 -23.16 24.14 -42.51
N PRO A 431 -22.54 23.83 -43.68
CA PRO A 431 -22.54 24.81 -44.77
C PRO A 431 -23.93 25.21 -45.21
N LEU A 432 -24.42 26.35 -44.72
CA LEU A 432 -25.71 26.88 -45.11
C LEU A 432 -25.54 28.33 -45.56
N SER A 433 -24.76 28.49 -46.64
CA SER A 433 -24.51 29.77 -47.31
C SER A 433 -23.90 30.78 -46.36
N GLY A 434 -24.64 31.87 -46.09
CA GLY A 434 -24.19 32.91 -45.21
C GLY A 434 -24.16 32.57 -43.74
N GLU A 435 -24.77 31.45 -43.33
CA GLU A 435 -24.80 31.10 -41.92
C GLU A 435 -23.40 30.78 -41.41
N GLU A 436 -23.04 31.40 -40.28
CA GLU A 436 -21.75 31.17 -39.65
C GLU A 436 -21.77 29.86 -38.88
N ALA A 437 -20.73 29.05 -39.05
CA ALA A 437 -20.64 27.79 -38.33
C ALA A 437 -20.55 28.04 -36.83
N LEU A 438 -21.28 27.24 -36.07
CA LEU A 438 -21.34 27.41 -34.62
C LEU A 438 -19.98 27.17 -34.00
N THR A 439 -19.63 27.99 -33.01
CA THR A 439 -18.42 27.74 -32.25
C THR A 439 -18.54 26.40 -31.53
N ASP A 440 -17.38 25.81 -31.24
CA ASP A 440 -17.36 24.50 -30.58
C ASP A 440 -18.11 24.56 -29.25
N ARG A 441 -17.98 25.68 -28.53
CA ARG A 441 -18.72 25.86 -27.29
C ARG A 441 -20.22 25.87 -27.56
N GLN A 442 -20.64 26.53 -28.63
CA GLN A 442 -22.05 26.53 -29.00
C GLN A 442 -22.52 25.13 -29.40
N GLU A 443 -21.65 24.34 -30.03
CA GLU A 443 -22.01 22.97 -30.39
C GLU A 443 -22.21 22.12 -29.13
N SER A 444 -21.34 22.31 -28.13
CA SER A 444 -21.53 21.61 -26.87
C SER A 444 -22.82 22.04 -26.18
N ALA A 445 -23.09 23.35 -26.15
CA ALA A 445 -24.36 23.82 -25.58
C ALA A 445 -25.56 23.21 -26.31
N LEU A 446 -25.45 23.08 -27.64
CA LEU A 446 -26.55 22.53 -28.42
C LEU A 446 -26.75 21.05 -28.14
N ILE A 447 -25.67 20.28 -28.02
CA ILE A 447 -25.89 18.86 -27.72
C ILE A 447 -26.45 18.72 -26.32
N GLU A 448 -26.06 19.60 -25.40
CA GLU A 448 -26.63 19.58 -24.05
C GLU A 448 -28.13 19.85 -24.09
N ILE A 449 -28.55 20.89 -24.81
CA ILE A 449 -29.96 21.25 -24.87
C ILE A 449 -30.77 20.16 -25.55
N MET A 450 -30.21 19.60 -26.63
CA MET A 450 -30.89 18.51 -27.35
C MET A 450 -31.08 17.31 -26.43
N LEU A 451 -30.04 16.94 -25.68
CA LEU A 451 -30.16 15.83 -24.75
C LEU A 451 -31.21 16.10 -23.67
N CYS A 452 -31.25 17.33 -23.14
CA CYS A 452 -32.24 17.64 -22.11
C CYS A 452 -33.65 17.55 -22.65
N THR A 453 -33.89 18.07 -23.85
CA THR A 453 -35.22 17.98 -24.44
C THR A 453 -35.60 16.52 -24.70
N ILE A 454 -34.64 15.73 -25.19
CA ILE A 454 -34.90 14.31 -25.42
C ILE A 454 -35.29 13.62 -24.12
N ARG A 455 -34.58 13.95 -23.03
CA ARG A 455 -34.86 13.30 -21.76
C ARG A 455 -36.23 13.71 -21.23
N GLN A 456 -36.56 15.00 -21.30
CA GLN A 456 -37.86 15.44 -20.81
C GLN A 456 -39.00 14.88 -21.64
N ALA A 457 -38.77 14.64 -22.94
CA ALA A 457 -39.83 14.05 -23.76
C ALA A 457 -39.95 12.55 -23.53
N ALA A 458 -38.83 11.85 -23.34
CA ALA A 458 -38.86 10.40 -23.15
C ALA A 458 -39.50 10.03 -21.82
N GLU A 459 -39.05 10.67 -20.75
CA GLU A 459 -39.66 10.53 -19.42
C GLU A 459 -40.41 11.84 -19.14
N CYS A 460 -41.74 11.77 -19.10
CA CYS A 460 -42.57 12.96 -18.93
C CYS A 460 -42.61 13.38 -17.45
N HIS A 461 -41.44 13.71 -16.93
CA HIS A 461 -41.29 14.17 -15.56
C HIS A 461 -40.18 15.21 -15.48
N PRO A 462 -40.34 16.24 -14.66
CA PRO A 462 -39.39 17.34 -14.65
C PRO A 462 -38.08 16.94 -13.99
N PRO A 463 -37.02 17.72 -14.17
CA PRO A 463 -35.77 17.45 -13.44
C PRO A 463 -35.96 17.63 -11.94
N VAL A 464 -35.01 17.08 -11.17
CA VAL A 464 -35.14 17.07 -9.72
C VAL A 464 -35.12 18.49 -9.18
N GLY A 465 -35.94 18.75 -8.17
CA GLY A 465 -36.13 20.08 -7.66
C GLY A 465 -37.25 20.87 -8.31
N ARG A 466 -37.86 20.33 -9.36
CA ARG A 466 -38.97 20.97 -10.05
C ARG A 466 -40.25 20.17 -10.00
N GLY A 467 -40.17 18.85 -10.14
CA GLY A 467 -41.34 18.01 -10.02
C GLY A 467 -41.00 16.72 -9.30
N THR A 468 -42.04 16.03 -8.82
CA THR A 468 -41.83 14.84 -8.01
C THR A 468 -41.20 13.72 -8.86
N GLY A 469 -41.58 13.64 -10.14
CA GLY A 469 -41.20 12.56 -11.00
C GLY A 469 -41.94 11.25 -10.76
N LYS A 470 -42.76 11.17 -9.72
CA LYS A 470 -43.55 9.98 -9.42
C LYS A 470 -45.02 10.37 -9.44
N ARG A 471 -45.51 10.70 -10.63
CA ARG A 471 -46.90 11.06 -10.84
C ARG A 471 -47.44 10.24 -12.01
N VAL A 472 -48.61 9.65 -11.83
CA VAL A 472 -49.20 8.81 -12.87
C VAL A 472 -49.41 9.64 -14.12
N LEU A 473 -48.87 9.17 -15.24
CA LEU A 473 -48.99 9.90 -16.50
C LEU A 473 -50.43 9.88 -16.98
N THR A 474 -50.86 10.99 -17.58
CA THR A 474 -52.17 11.02 -18.19
C THR A 474 -52.18 10.18 -19.46
N ALA A 475 -53.35 9.69 -19.84
CA ALA A 475 -53.49 8.96 -21.10
C ALA A 475 -52.96 9.79 -22.26
N LYS A 476 -53.39 11.05 -22.34
CA LYS A 476 -52.82 11.98 -23.31
C LYS A 476 -51.32 12.08 -23.17
N GLU A 477 -50.83 12.18 -21.93
CA GLU A 477 -49.40 12.30 -21.71
C GLU A 477 -48.67 11.04 -22.12
N LYS A 478 -49.26 9.87 -21.86
CA LYS A 478 -48.63 8.62 -22.26
C LYS A 478 -48.56 8.50 -23.78
N LYS A 479 -49.61 8.90 -24.49
CA LYS A 479 -49.59 8.85 -25.94
C LYS A 479 -48.57 9.83 -26.51
N THR A 480 -48.52 11.05 -25.96
CA THR A 480 -47.52 12.02 -26.41
C THR A 480 -46.10 11.50 -26.16
N GLN A 481 -45.88 10.91 -24.98
CA GLN A 481 -44.56 10.37 -24.65
C GLN A 481 -44.18 9.24 -25.59
N LEU A 482 -45.13 8.36 -25.92
CA LEU A 482 -44.83 7.28 -26.87
C LEU A 482 -44.48 7.83 -28.24
N ASP A 483 -45.21 8.84 -28.70
CA ASP A 483 -44.91 9.43 -30.00
C ASP A 483 -43.53 10.09 -30.00
N ASP A 484 -43.22 10.86 -28.95
CA ASP A 484 -41.91 11.47 -28.84
C ASP A 484 -40.80 10.41 -28.80
N ARG A 485 -41.03 9.32 -28.08
CA ARG A 485 -40.01 8.28 -27.95
C ARG A 485 -39.76 7.59 -29.30
N THR A 486 -40.83 7.28 -30.03
CA THR A 486 -40.65 6.69 -31.35
C THR A 486 -39.91 7.65 -32.28
N ARG A 487 -40.29 8.94 -32.28
CA ARG A 487 -39.60 9.89 -33.12
C ARG A 487 -38.13 10.00 -32.75
N ILE A 488 -37.84 10.09 -31.45
CA ILE A 488 -36.45 10.17 -30.98
C ILE A 488 -35.66 8.95 -31.44
N THR A 489 -36.24 7.76 -31.24
CA THR A 489 -35.56 6.53 -31.61
C THR A 489 -35.25 6.50 -33.11
N GLU A 490 -36.26 6.75 -33.95
CA GLU A 490 -36.04 6.64 -35.39
C GLU A 490 -35.13 7.73 -35.92
N LEU A 491 -35.16 8.93 -35.34
CA LEU A 491 -34.28 9.99 -35.82
C LEU A 491 -32.84 9.75 -35.38
N PHE A 492 -32.63 9.48 -34.10
CA PHE A 492 -31.29 9.40 -33.58
C PHE A 492 -30.65 8.03 -33.76
N ALA A 493 -31.41 6.99 -34.11
CA ALA A 493 -30.78 5.73 -34.50
C ALA A 493 -29.80 5.96 -35.64
N VAL A 494 -30.11 6.88 -36.53
CA VAL A 494 -29.20 7.26 -37.60
C VAL A 494 -28.35 8.46 -37.21
N ALA A 495 -28.94 9.43 -36.49
CA ALA A 495 -28.20 10.67 -36.21
C ALA A 495 -27.03 10.43 -35.26
N LEU A 496 -27.18 9.52 -34.28
CA LEU A 496 -26.25 9.35 -33.18
C LEU A 496 -24.89 8.77 -33.61
N PRO A 497 -24.85 7.75 -34.47
CA PRO A 497 -23.53 7.33 -34.99
C PRO A 497 -22.76 8.47 -35.63
N GLN A 498 -23.43 9.24 -36.48
CA GLN A 498 -22.81 10.39 -37.13
C GLN A 498 -22.32 11.39 -36.09
N LEU A 499 -23.19 11.76 -35.15
CA LEU A 499 -22.83 12.75 -34.14
C LEU A 499 -21.64 12.28 -33.31
N LEU A 500 -21.63 11.01 -32.93
CA LEU A 500 -20.53 10.47 -32.15
C LEU A 500 -19.23 10.48 -32.94
N ALA A 501 -19.30 10.18 -34.24
CA ALA A 501 -18.10 10.20 -35.06
C ALA A 501 -17.56 11.62 -35.22
N LYS A 502 -18.45 12.60 -35.43
CA LYS A 502 -18.02 13.98 -35.63
C LYS A 502 -17.31 14.52 -34.40
N TYR A 503 -17.68 14.06 -33.22
CA TYR A 503 -17.21 14.63 -31.96
C TYR A 503 -16.48 13.60 -31.10
N SER A 504 -15.87 12.61 -31.75
CA SER A 504 -15.26 11.50 -31.01
C SER A 504 -14.17 11.96 -30.07
N VAL A 505 -13.44 13.03 -30.43
CA VAL A 505 -12.33 13.46 -29.60
C VAL A 505 -12.83 14.19 -28.36
N ASP A 506 -13.93 14.93 -28.47
CA ASP A 506 -14.42 15.71 -27.34
C ASP A 506 -15.15 14.82 -26.35
N ALA A 507 -14.76 14.89 -25.08
CA ALA A 507 -15.25 13.96 -24.07
C ALA A 507 -16.67 14.32 -23.60
N GLU A 508 -16.90 15.60 -23.32
CA GLU A 508 -18.23 16.03 -22.89
C GLU A 508 -19.27 15.72 -23.96
N LYS A 509 -18.96 16.00 -25.21
CA LYS A 509 -19.87 15.71 -26.31
C LYS A 509 -20.23 14.23 -26.35
N VAL A 510 -19.22 13.36 -26.25
CA VAL A 510 -19.50 11.93 -26.41
C VAL A 510 -20.26 11.40 -25.20
N THR A 511 -20.00 11.92 -24.01
CA THR A 511 -20.79 11.51 -22.85
C THR A 511 -22.27 11.87 -23.06
N ASN A 512 -22.55 13.14 -23.37
CA ASN A 512 -23.92 13.57 -23.54
C ASN A 512 -24.60 12.79 -24.67
N LEU A 513 -23.89 12.56 -25.78
CA LEU A 513 -24.48 11.84 -26.90
C LEU A 513 -24.71 10.38 -26.55
N LEU A 514 -23.83 9.79 -25.75
CA LEU A 514 -23.98 8.40 -25.33
C LEU A 514 -25.15 8.22 -24.39
N GLN A 515 -25.57 9.28 -23.71
CA GLN A 515 -26.78 9.16 -22.89
C GLN A 515 -28.06 9.02 -23.71
N LEU A 516 -28.01 9.25 -25.04
CA LEU A 516 -29.24 9.21 -25.83
C LEU A 516 -29.86 7.82 -25.94
N PRO A 517 -29.13 6.74 -26.22
CA PRO A 517 -29.80 5.45 -26.48
C PRO A 517 -30.66 4.95 -25.34
N GLN A 518 -30.37 5.36 -24.09
CA GLN A 518 -31.19 4.94 -22.96
C GLN A 518 -32.64 5.39 -23.10
N TYR A 519 -32.91 6.40 -23.92
CA TYR A 519 -34.25 6.89 -24.17
C TYR A 519 -34.84 6.37 -25.47
N PHE A 520 -34.27 5.30 -26.02
CA PHE A 520 -34.75 4.71 -27.27
C PHE A 520 -35.65 3.52 -26.98
N ASP A 521 -36.52 3.22 -27.95
CA ASP A 521 -37.28 1.97 -27.97
C ASP A 521 -36.50 1.01 -28.85
N LEU A 522 -35.74 0.11 -28.22
CA LEU A 522 -34.84 -0.76 -28.97
C LEU A 522 -35.58 -1.69 -29.91
N GLU A 523 -36.88 -1.92 -29.68
CA GLU A 523 -37.68 -2.69 -30.63
C GLU A 523 -37.75 -2.00 -31.98
N ILE A 524 -37.62 -0.67 -32.00
CA ILE A 524 -37.68 0.07 -33.25
C ILE A 524 -36.51 -0.31 -34.15
N TYR A 525 -35.35 -0.60 -33.56
CA TYR A 525 -34.19 -1.03 -34.34
C TYR A 525 -34.51 -2.24 -35.20
N THR A 526 -35.18 -3.23 -34.61
CA THR A 526 -35.54 -4.44 -35.34
C THR A 526 -36.72 -4.19 -36.28
N THR A 527 -37.79 -3.59 -35.77
CA THR A 527 -38.98 -3.37 -36.59
C THR A 527 -38.69 -2.46 -37.78
N GLY A 528 -37.87 -1.43 -37.57
CA GLY A 528 -37.59 -0.47 -38.62
C GLY A 528 -36.35 -0.83 -39.40
N ARG A 529 -35.92 -2.09 -39.28
CA ARG A 529 -34.75 -2.64 -39.96
C ARG A 529 -33.57 -1.66 -39.98
N LEU A 530 -33.31 -1.08 -38.81
CA LEU A 530 -32.22 -0.12 -38.64
C LEU A 530 -30.97 -0.77 -38.07
N GLU A 531 -30.82 -2.09 -38.22
CA GLU A 531 -29.74 -2.81 -37.56
C GLU A 531 -28.36 -2.28 -37.97
N LYS A 532 -28.23 -1.82 -39.22
CA LYS A 532 -26.96 -1.25 -39.66
C LYS A 532 -26.58 -0.04 -38.82
N HIS A 533 -27.54 0.84 -38.54
CA HIS A 533 -27.25 2.00 -37.71
C HIS A 533 -26.89 1.61 -36.29
N LEU A 534 -27.51 0.56 -35.77
CA LEU A 534 -27.13 0.03 -34.47
C LEU A 534 -25.69 -0.47 -34.47
N ASP A 535 -25.29 -1.16 -35.55
CA ASP A 535 -23.91 -1.63 -35.66
C ASP A 535 -22.93 -0.47 -35.72
N ALA A 536 -23.28 0.58 -36.48
CA ALA A 536 -22.42 1.75 -36.55
C ALA A 536 -22.29 2.42 -35.19
N LEU A 537 -23.40 2.54 -34.46
CA LEU A 537 -23.36 3.10 -33.12
C LEU A 537 -22.49 2.27 -32.19
N LEU A 538 -22.63 0.94 -32.25
CA LEU A 538 -21.82 0.05 -31.41
C LEU A 538 -20.34 0.23 -31.70
N ARG A 539 -19.99 0.27 -32.99
CA ARG A 539 -18.59 0.46 -33.36
C ARG A 539 -18.08 1.82 -32.89
N GLN A 540 -18.91 2.85 -32.94
CA GLN A 540 -18.48 4.17 -32.48
C GLN A 540 -18.24 4.16 -30.97
N ILE A 541 -19.11 3.48 -30.22
CA ILE A 541 -18.93 3.37 -28.77
C ILE A 541 -17.61 2.66 -28.46
N ARG A 542 -17.35 1.54 -29.13
CA ARG A 542 -16.12 0.81 -28.88
C ARG A 542 -14.90 1.63 -29.26
N ASN A 543 -14.99 2.41 -30.34
CA ASN A 543 -13.88 3.27 -30.75
C ASN A 543 -13.58 4.30 -29.68
N ILE A 544 -14.62 4.91 -29.11
CA ILE A 544 -14.36 5.96 -28.12
C ILE A 544 -13.92 5.34 -26.79
N VAL A 545 -14.29 4.10 -26.50
CA VAL A 545 -13.73 3.50 -25.29
C VAL A 545 -12.25 3.26 -25.50
N GLU A 546 -11.85 2.91 -26.71
CA GLU A 546 -10.43 2.69 -26.96
C GLU A 546 -9.66 4.01 -26.93
N LYS A 547 -10.26 5.09 -27.43
CA LYS A 547 -9.56 6.37 -27.51
C LYS A 547 -9.49 7.04 -26.15
N HIS A 548 -10.57 6.96 -25.37
CA HIS A 548 -10.76 7.83 -24.21
C HIS A 548 -10.28 7.16 -22.93
N THR A 549 -9.73 7.98 -22.03
CA THR A 549 -9.35 7.58 -20.69
C THR A 549 -10.15 8.31 -19.61
N ASP A 550 -11.08 9.18 -19.99
CA ASP A 550 -11.89 9.89 -19.03
C ASP A 550 -12.91 8.95 -18.41
N THR A 551 -13.06 9.03 -17.08
CA THR A 551 -13.96 8.11 -16.38
C THR A 551 -15.41 8.29 -16.84
N ASP A 552 -15.82 9.53 -17.10
CA ASP A 552 -17.22 9.76 -17.47
C ASP A 552 -17.53 9.18 -18.85
N VAL A 553 -16.60 9.29 -19.80
CA VAL A 553 -16.82 8.69 -21.11
C VAL A 553 -16.98 7.19 -20.99
N LEU A 554 -16.04 6.54 -20.29
CA LEU A 554 -16.08 5.09 -20.15
C LEU A 554 -17.34 4.64 -19.42
N GLU A 555 -17.76 5.41 -18.39
CA GLU A 555 -18.99 5.12 -17.68
C GLU A 555 -20.20 5.20 -18.61
N ALA A 556 -20.27 6.28 -19.40
CA ALA A 556 -21.38 6.42 -20.34
C ALA A 556 -21.39 5.29 -21.36
N CYS A 557 -20.19 4.82 -21.76
CA CYS A 557 -20.12 3.73 -22.73
C CYS A 557 -20.64 2.42 -22.13
N SER A 558 -20.21 2.10 -20.91
CA SER A 558 -20.70 0.88 -20.28
C SER A 558 -22.19 0.98 -20.01
N LYS A 559 -22.68 2.16 -19.61
CA LYS A 559 -24.11 2.36 -19.38
C LYS A 559 -24.90 2.15 -20.67
N THR A 560 -24.41 2.72 -21.78
CA THR A 560 -25.08 2.57 -23.05
C THR A 560 -25.11 1.12 -23.50
N TYR A 561 -23.99 0.42 -23.35
CA TYR A 561 -23.96 -1.00 -23.71
C TYR A 561 -24.91 -1.81 -22.84
N HIS A 562 -25.01 -1.47 -21.55
CA HIS A 562 -25.95 -2.15 -20.68
C HIS A 562 -27.38 -1.92 -21.11
N ALA A 563 -27.72 -0.67 -21.47
CA ALA A 563 -29.06 -0.37 -21.95
C ALA A 563 -29.36 -1.12 -23.23
N LEU A 564 -28.36 -1.25 -24.10
CA LEU A 564 -28.57 -1.94 -25.38
C LEU A 564 -28.65 -3.45 -25.19
N CYS A 565 -27.97 -4.00 -24.18
CA CYS A 565 -27.98 -5.44 -23.94
C CYS A 565 -29.20 -5.81 -23.13
N ASN A 566 -30.35 -5.87 -23.81
CA ASN A 566 -31.62 -6.28 -23.21
C ASN A 566 -32.05 -7.59 -23.85
N GLU A 567 -32.03 -8.68 -23.08
CA GLU A 567 -32.41 -9.98 -23.62
C GLU A 567 -33.80 -9.95 -24.25
N GLU A 568 -34.70 -9.13 -23.70
CA GLU A 568 -36.07 -9.06 -24.23
C GLU A 568 -36.15 -8.36 -25.59
N PHE A 569 -35.22 -7.47 -25.91
CA PHE A 569 -35.16 -6.89 -27.26
C PHE A 569 -34.36 -7.81 -28.18
N THR A 570 -34.73 -7.79 -29.46
CA THR A 570 -34.14 -8.71 -30.42
C THR A 570 -32.71 -8.34 -30.77
N ILE A 571 -32.36 -7.05 -30.64
CA ILE A 571 -31.00 -6.61 -30.96
C ILE A 571 -29.98 -7.18 -29.98
N PHE A 572 -30.43 -7.67 -28.82
CA PHE A 572 -29.54 -8.16 -27.76
C PHE A 572 -28.34 -8.90 -28.32
N ASN A 573 -28.59 -10.04 -28.96
CA ASN A 573 -27.54 -10.87 -29.53
C ASN A 573 -26.46 -10.03 -30.18
N ARG A 574 -26.83 -9.25 -31.21
CA ARG A 574 -25.87 -8.40 -31.89
C ARG A 574 -25.04 -7.61 -30.89
N VAL A 575 -25.71 -6.76 -30.12
CA VAL A 575 -25.00 -5.95 -29.13
C VAL A 575 -24.14 -6.83 -28.25
N ASP A 576 -24.73 -7.90 -27.71
CA ASP A 576 -23.99 -8.80 -26.83
C ASP A 576 -22.70 -9.24 -27.50
N ILE A 577 -22.79 -9.73 -28.75
CA ILE A 577 -21.61 -10.14 -29.49
C ILE A 577 -20.57 -9.03 -29.46
N SER A 578 -20.94 -7.85 -29.97
CA SER A 578 -20.02 -6.72 -29.96
C SER A 578 -19.46 -6.49 -28.57
N ARG A 579 -20.34 -6.46 -27.56
CA ARG A 579 -19.88 -6.27 -26.19
C ARG A 579 -18.76 -7.26 -25.88
N SER A 580 -19.04 -8.56 -26.07
CA SER A 580 -18.04 -9.58 -25.79
C SER A 580 -16.73 -9.24 -26.47
N GLN A 581 -16.78 -8.97 -27.79
CA GLN A 581 -15.56 -8.68 -28.53
C GLN A 581 -14.76 -7.60 -27.82
N LEU A 582 -15.41 -6.47 -27.52
CA LEU A 582 -14.73 -5.39 -26.83
C LEU A 582 -14.00 -5.91 -25.61
N ILE A 583 -14.76 -6.54 -24.70
CA ILE A 583 -14.16 -7.07 -23.48
C ILE A 583 -12.97 -7.93 -23.84
N ASP A 584 -13.18 -8.92 -24.72
CA ASP A 584 -12.12 -9.81 -25.13
C ASP A 584 -10.85 -9.02 -25.42
N GLU A 585 -10.93 -8.11 -26.39
CA GLU A 585 -9.74 -7.36 -26.78
C GLU A 585 -9.13 -6.69 -25.56
N LEU A 586 -9.94 -5.89 -24.85
CA LEU A 586 -9.46 -5.24 -23.63
C LEU A 586 -8.77 -6.26 -22.73
N ALA A 587 -9.50 -7.32 -22.36
CA ALA A 587 -8.94 -8.33 -21.47
C ALA A 587 -7.57 -8.77 -21.95
N ASP A 588 -7.49 -9.20 -23.22
CA ASP A 588 -6.21 -9.68 -23.74
C ASP A 588 -5.14 -8.63 -23.52
N LYS A 589 -5.37 -7.42 -24.02
CA LYS A 589 -4.41 -6.33 -23.83
C LYS A 589 -4.01 -6.24 -22.36
N PHE A 590 -5.00 -6.11 -21.49
CA PHE A 590 -4.73 -5.96 -20.07
C PHE A 590 -3.80 -7.08 -19.59
N ASN A 591 -4.19 -8.32 -19.87
CA ASN A 591 -3.37 -9.45 -19.44
C ASN A 591 -1.93 -9.28 -19.91
N ARG A 592 -1.75 -9.07 -21.22
CA ARG A 592 -0.41 -8.87 -21.75
C ARG A 592 0.29 -7.75 -21.00
N LEU A 593 -0.36 -6.59 -20.89
CA LEU A 593 0.22 -5.47 -20.17
C LEU A 593 0.67 -5.92 -18.79
N LEU A 594 -0.21 -6.60 -18.06
CA LEU A 594 0.11 -6.99 -16.70
C LEU A 594 1.29 -7.94 -16.66
N GLU A 595 1.37 -8.85 -17.64
CA GLU A 595 2.50 -9.77 -17.68
C GLU A 595 3.81 -9.01 -17.71
N ASP A 596 3.85 -7.89 -18.44
CA ASP A 596 5.06 -7.08 -18.45
C ASP A 596 5.12 -6.18 -17.22
N PHE A 597 3.97 -5.73 -16.71
CA PHE A 597 3.96 -4.80 -15.59
C PHE A 597 4.41 -5.50 -14.32
N LEU A 598 3.90 -6.71 -14.07
CA LEU A 598 4.27 -7.50 -12.89
C LEU A 598 5.38 -8.47 -13.27
N GLN A 599 6.55 -7.90 -13.53
CA GLN A 599 7.72 -8.67 -13.89
C GLN A 599 8.82 -8.47 -12.85
N GLU A 600 9.64 -9.50 -12.66
CA GLU A 600 10.67 -9.46 -11.62
C GLU A 600 11.65 -8.32 -11.85
N GLY A 601 11.96 -8.02 -13.11
CA GLY A 601 12.85 -6.92 -13.40
C GLY A 601 12.31 -6.02 -14.50
N GLU A 602 11.41 -5.10 -14.13
CA GLU A 602 10.71 -4.24 -15.10
C GLU A 602 10.29 -2.98 -14.36
N GLU A 603 11.24 -2.06 -14.22
CA GLU A 603 10.94 -0.74 -13.68
C GLU A 603 9.87 -0.08 -14.53
N PRO A 604 8.68 0.18 -13.99
CA PRO A 604 7.59 0.70 -14.82
C PRO A 604 7.83 2.16 -15.19
N ASP A 605 7.80 2.43 -16.49
CA ASP A 605 7.81 3.81 -16.95
C ASP A 605 6.40 4.39 -16.86
N GLU A 606 6.33 5.72 -16.90
CA GLU A 606 5.02 6.38 -16.78
C GLU A 606 4.09 5.97 -17.90
N ASP A 607 4.62 5.70 -19.10
CA ASP A 607 3.78 5.22 -20.19
C ASP A 607 3.24 3.82 -19.90
N ASP A 608 4.05 2.96 -19.30
CA ASP A 608 3.59 1.62 -18.97
C ASP A 608 2.44 1.68 -17.97
N ALA A 609 2.62 2.46 -16.90
CA ALA A 609 1.58 2.64 -15.91
C ALA A 609 0.32 3.24 -16.53
N TYR A 610 0.48 4.20 -17.44
CA TYR A 610 -0.67 4.79 -18.12
C TYR A 610 -1.41 3.75 -18.95
N GLN A 611 -0.68 2.88 -19.65
CA GLN A 611 -1.30 1.85 -20.45
C GLN A 611 -2.16 0.92 -19.59
N VAL A 612 -1.54 0.35 -18.55
CA VAL A 612 -2.27 -0.59 -17.70
C VAL A 612 -3.44 0.13 -17.02
N LEU A 613 -3.25 1.40 -16.66
CA LEU A 613 -4.29 2.17 -16.00
C LEU A 613 -5.48 2.39 -16.93
N SER A 614 -5.23 2.77 -18.18
CA SER A 614 -6.32 3.02 -19.11
C SER A 614 -7.12 1.75 -19.37
N THR A 615 -6.43 0.64 -19.65
CA THR A 615 -7.15 -0.60 -19.90
C THR A 615 -7.92 -1.05 -18.65
N LEU A 616 -7.32 -0.86 -17.47
CA LEU A 616 -8.00 -1.20 -16.22
C LEU A 616 -9.25 -0.34 -16.02
N LYS A 617 -9.18 0.93 -16.39
CA LYS A 617 -10.33 1.82 -16.25
C LYS A 617 -11.47 1.38 -17.15
N ARG A 618 -11.15 1.04 -18.41
CA ARG A 618 -12.18 0.51 -19.31
C ARG A 618 -12.81 -0.76 -18.75
N ILE A 619 -11.97 -1.70 -18.29
CA ILE A 619 -12.49 -2.98 -17.81
C ILE A 619 -13.33 -2.78 -16.55
N THR A 620 -12.92 -1.85 -15.68
CA THR A 620 -13.70 -1.58 -14.46
C THR A 620 -15.05 -0.98 -14.81
N ALA A 621 -15.06 0.00 -15.72
CA ALA A 621 -16.31 0.61 -16.14
C ALA A 621 -17.28 -0.44 -16.67
N PHE A 622 -16.78 -1.35 -17.52
CA PHE A 622 -17.70 -2.34 -18.07
C PHE A 622 -18.05 -3.43 -17.06
N HIS A 623 -17.16 -3.74 -16.12
CA HIS A 623 -17.44 -4.77 -15.13
C HIS A 623 -18.47 -4.31 -14.12
N ASN A 624 -18.57 -3.00 -13.90
CA ASN A 624 -19.62 -2.49 -13.01
C ASN A 624 -21.01 -2.82 -13.54
N ALA A 625 -21.21 -2.69 -14.85
CA ALA A 625 -22.54 -2.85 -15.44
C ALA A 625 -22.71 -4.16 -16.21
N HIS A 626 -21.67 -4.98 -16.33
CA HIS A 626 -21.73 -6.18 -17.15
C HIS A 626 -21.03 -7.32 -16.43
N ASP A 627 -21.54 -8.53 -16.62
CA ASP A 627 -20.98 -9.72 -15.98
C ASP A 627 -19.75 -10.17 -16.78
N LEU A 628 -18.56 -9.77 -16.30
CA LEU A 628 -17.31 -10.15 -16.94
C LEU A 628 -16.65 -11.32 -16.22
N SER A 629 -17.41 -12.08 -15.42
CA SER A 629 -16.85 -13.21 -14.68
C SER A 629 -16.29 -14.28 -15.59
N LYS A 630 -16.77 -14.36 -16.83
CA LYS A 630 -16.19 -15.31 -17.78
C LYS A 630 -14.71 -15.03 -18.00
N TRP A 631 -14.32 -13.75 -18.06
CA TRP A 631 -12.93 -13.39 -18.30
C TRP A 631 -12.05 -13.56 -17.06
N ASP A 632 -12.62 -13.87 -15.90
CA ASP A 632 -11.86 -14.33 -14.74
C ASP A 632 -10.82 -13.30 -14.31
N LEU A 633 -11.24 -12.04 -14.23
CA LEU A 633 -10.31 -10.93 -14.04
C LEU A 633 -9.92 -10.71 -12.59
N PHE A 634 -10.40 -11.53 -11.66
CA PHE A 634 -10.01 -11.36 -10.25
C PHE A 634 -8.51 -11.52 -10.07
N ALA A 635 -7.89 -12.46 -10.80
CA ALA A 635 -6.47 -12.72 -10.65
C ALA A 635 -5.65 -11.45 -10.90
N CYS A 636 -5.96 -10.75 -12.00
CA CYS A 636 -5.18 -9.57 -12.37
C CYS A 636 -5.31 -8.47 -11.32
N ASN A 637 -6.55 -8.19 -10.89
CA ASN A 637 -6.78 -7.16 -9.89
C ASN A 637 -6.08 -7.49 -8.57
N TYR A 638 -6.19 -8.75 -8.13
CA TYR A 638 -5.56 -9.14 -6.88
C TYR A 638 -4.05 -9.04 -6.95
N LYS A 639 -3.47 -9.46 -8.06
CA LYS A 639 -2.01 -9.36 -8.22
C LYS A 639 -1.57 -7.90 -8.20
N LEU A 640 -2.28 -7.03 -8.93
CA LEU A 640 -1.98 -5.60 -8.88
C LEU A 640 -2.07 -5.07 -7.46
N LEU A 641 -3.11 -5.45 -6.72
CA LEU A 641 -3.32 -4.90 -5.39
C LEU A 641 -2.25 -5.36 -4.40
N LYS A 642 -1.93 -6.66 -4.41
CA LYS A 642 -0.89 -7.14 -3.51
C LYS A 642 0.47 -6.57 -3.89
N THR A 643 0.73 -6.37 -5.19
CA THR A 643 1.98 -5.74 -5.59
C THR A 643 2.03 -4.29 -5.11
N GLY A 644 0.89 -3.60 -5.14
CA GLY A 644 0.85 -2.26 -4.58
C GLY A 644 1.07 -2.24 -3.08
N ILE A 645 0.59 -3.27 -2.38
CA ILE A 645 0.82 -3.37 -0.94
C ILE A 645 2.30 -3.60 -0.65
N GLU A 646 2.94 -4.49 -1.40
CA GLU A 646 4.33 -4.82 -1.13
C GLU A 646 5.27 -3.72 -1.64
N ASN A 647 5.35 -3.54 -2.96
CA ASN A 647 6.28 -2.59 -3.55
C ASN A 647 6.05 -1.18 -3.02
N GLY A 648 4.80 -0.74 -2.99
CA GLY A 648 4.48 0.58 -2.48
C GLY A 648 4.74 1.72 -3.44
N ASP A 649 5.00 1.44 -4.71
CA ASP A 649 5.12 2.48 -5.73
C ASP A 649 3.96 2.45 -6.71
N MET A 650 2.96 1.60 -6.48
CA MET A 650 1.87 1.44 -7.41
C MET A 650 1.09 2.75 -7.54
N PRO A 651 0.71 3.14 -8.76
CA PRO A 651 -0.08 4.37 -8.92
C PRO A 651 -1.40 4.28 -8.15
N GLU A 652 -1.78 5.41 -7.55
CA GLU A 652 -2.99 5.43 -6.72
C GLU A 652 -4.23 5.13 -7.53
N GLN A 653 -4.31 5.65 -8.77
CA GLN A 653 -5.46 5.39 -9.62
C GLN A 653 -5.56 3.91 -9.96
N ILE A 654 -4.42 3.26 -10.18
CA ILE A 654 -4.41 1.83 -10.46
C ILE A 654 -5.01 1.06 -9.30
N VAL A 655 -4.61 1.41 -8.08
CA VAL A 655 -5.13 0.76 -6.88
C VAL A 655 -6.64 0.97 -6.77
N ILE A 656 -7.09 2.20 -7.02
CA ILE A 656 -8.52 2.52 -6.89
C ILE A 656 -9.34 1.67 -7.86
N HIS A 657 -8.98 1.72 -9.15
CA HIS A 657 -9.75 0.99 -10.15
C HIS A 657 -9.63 -0.52 -9.96
N ALA A 658 -8.49 -1.01 -9.47
CA ALA A 658 -8.35 -2.45 -9.21
C ALA A 658 -9.23 -2.87 -8.04
N LEU A 659 -9.29 -2.07 -6.98
CA LEU A 659 -10.21 -2.32 -5.89
C LEU A 659 -11.64 -2.42 -6.41
N GLN A 660 -12.06 -1.43 -7.20
CA GLN A 660 -13.41 -1.45 -7.75
C GLN A 660 -13.66 -2.70 -8.58
N CYS A 661 -12.70 -3.08 -9.43
CA CYS A 661 -12.91 -4.20 -10.34
C CYS A 661 -13.00 -5.53 -9.59
N ALA A 662 -12.12 -5.73 -8.60
CA ALA A 662 -12.22 -6.93 -7.77
C ALA A 662 -13.54 -6.97 -7.02
N HIS A 663 -13.99 -5.82 -6.52
CA HIS A 663 -15.29 -5.73 -5.88
C HIS A 663 -16.40 -6.20 -6.82
N TYR A 664 -16.38 -5.72 -8.06
CA TYR A 664 -17.41 -6.10 -9.02
C TYR A 664 -17.32 -7.59 -9.37
N VAL A 665 -16.10 -8.14 -9.44
CA VAL A 665 -15.95 -9.57 -9.69
C VAL A 665 -16.65 -10.37 -8.60
N ILE A 666 -16.35 -10.05 -7.34
CA ILE A 666 -16.97 -10.75 -6.22
C ILE A 666 -18.49 -10.60 -6.28
N LEU A 667 -18.97 -9.39 -6.59
CA LEU A 667 -20.40 -9.15 -6.59
C LEU A 667 -21.11 -9.98 -7.66
N TRP A 668 -20.56 -9.97 -8.88
CA TRP A 668 -21.17 -10.72 -9.97
C TRP A 668 -21.17 -12.21 -9.67
N GLN A 669 -20.07 -12.72 -9.09
CA GLN A 669 -20.04 -14.13 -8.72
C GLN A 669 -21.09 -14.45 -7.67
N LEU A 670 -21.29 -13.54 -6.70
CA LEU A 670 -22.35 -13.74 -5.73
C LEU A 670 -23.71 -13.83 -6.42
N ALA A 671 -23.97 -12.94 -7.39
CA ALA A 671 -25.22 -13.02 -8.12
C ALA A 671 -25.38 -14.35 -8.84
N LYS A 672 -24.28 -14.87 -9.40
CA LYS A 672 -24.35 -16.16 -10.10
C LYS A 672 -24.61 -17.31 -9.13
N ILE A 673 -23.96 -17.29 -7.97
CA ILE A 673 -24.03 -18.43 -7.03
C ILE A 673 -25.25 -18.18 -6.15
N THR A 674 -26.42 -18.54 -6.68
CA THR A 674 -27.66 -18.47 -5.91
C THR A 674 -28.48 -19.74 -5.97
N GLU A 675 -28.12 -20.71 -6.80
CA GLU A 675 -28.78 -22.00 -6.87
C GLU A 675 -27.76 -23.10 -6.68
N SER A 676 -28.18 -24.20 -6.06
CA SER A 676 -27.31 -25.37 -5.96
C SER A 676 -26.96 -25.91 -7.34
N THR A 677 -27.88 -25.75 -8.31
CA THR A 677 -27.59 -26.18 -9.67
C THR A 677 -26.43 -25.41 -10.27
N SER A 678 -26.21 -24.16 -9.84
CA SER A 678 -25.15 -23.36 -10.40
C SER A 678 -23.77 -23.93 -10.06
N THR A 679 -23.48 -24.05 -8.76
CA THR A 679 -22.17 -24.50 -8.29
C THR A 679 -22.20 -24.62 -6.77
N LYS A 680 -21.26 -25.39 -6.24
CA LYS A 680 -21.04 -25.49 -4.80
C LYS A 680 -19.61 -25.11 -4.39
N GLU A 681 -18.61 -25.50 -5.18
CA GLU A 681 -17.23 -25.17 -4.82
C GLU A 681 -16.91 -23.70 -5.11
N ASP A 682 -17.55 -23.12 -6.13
CA ASP A 682 -17.35 -21.71 -6.40
C ASP A 682 -17.86 -20.84 -5.27
N LEU A 683 -18.78 -21.35 -4.45
CA LEU A 683 -19.17 -20.64 -3.23
C LEU A 683 -17.99 -20.48 -2.29
N LEU A 684 -17.25 -21.57 -2.06
CA LEU A 684 -16.06 -21.50 -1.22
C LEU A 684 -15.01 -20.58 -1.83
N ARG A 685 -14.82 -20.69 -3.14
CA ARG A 685 -13.88 -19.79 -3.82
C ARG A 685 -14.28 -18.33 -3.63
N LEU A 686 -15.57 -18.03 -3.74
CA LEU A 686 -16.07 -16.66 -3.56
C LEU A 686 -15.86 -16.18 -2.13
N LYS A 687 -16.08 -17.06 -1.15
CA LYS A 687 -15.84 -16.70 0.23
C LYS A 687 -14.38 -16.31 0.44
N LYS A 688 -13.47 -17.15 -0.07
CA LYS A 688 -12.04 -16.85 0.03
C LYS A 688 -11.70 -15.53 -0.64
N GLN A 689 -12.26 -15.29 -1.84
CA GLN A 689 -12.00 -14.05 -2.55
C GLN A 689 -12.45 -12.84 -1.73
N MET A 690 -13.66 -12.93 -1.15
CA MET A 690 -14.19 -11.79 -0.39
C MET A 690 -13.34 -11.49 0.83
N ARG A 691 -12.95 -12.54 1.57
CA ARG A 691 -12.14 -12.32 2.77
C ARG A 691 -10.78 -11.73 2.41
N VAL A 692 -10.14 -12.28 1.38
CA VAL A 692 -8.84 -11.75 0.95
C VAL A 692 -8.97 -10.29 0.54
N PHE A 693 -10.00 -9.97 -0.24
CA PHE A 693 -10.20 -8.61 -0.70
C PHE A 693 -10.50 -7.67 0.46
N CYS A 694 -11.20 -8.16 1.48
CA CYS A 694 -11.44 -7.34 2.67
C CYS A 694 -10.14 -7.03 3.39
N GLN A 695 -9.26 -8.02 3.52
CA GLN A 695 -7.94 -7.74 4.09
C GLN A 695 -7.19 -6.70 3.28
N ILE A 696 -7.28 -6.80 1.95
CA ILE A 696 -6.59 -5.83 1.09
C ILE A 696 -7.15 -4.43 1.30
N CYS A 697 -8.48 -4.31 1.40
CA CYS A 697 -9.09 -3.01 1.66
C CYS A 697 -8.72 -2.48 3.03
N GLN A 698 -8.53 -3.36 4.01
CA GLN A 698 -8.08 -2.90 5.32
C GLN A 698 -6.65 -2.37 5.26
N HIS A 699 -5.79 -3.04 4.50
CA HIS A 699 -4.43 -2.54 4.32
C HIS A 699 -4.44 -1.17 3.66
N TYR A 700 -5.24 -1.02 2.59
CA TYR A 700 -5.31 0.25 1.88
C TYR A 700 -6.08 1.30 2.68
N LEU A 701 -6.80 0.91 3.72
CA LEU A 701 -7.42 1.87 4.63
C LEU A 701 -6.37 2.68 5.35
N THR A 702 -5.26 2.04 5.71
CA THR A 702 -4.13 2.72 6.34
C THR A 702 -3.10 3.08 5.26
N ASN A 703 -3.47 4.08 4.46
CA ASN A 703 -2.67 4.53 3.34
C ASN A 703 -2.42 6.02 3.47
N VAL A 704 -1.36 6.50 2.82
CA VAL A 704 -1.03 7.92 2.88
C VAL A 704 -1.98 8.73 2.01
N ASN A 705 -2.33 8.22 0.84
CA ASN A 705 -3.25 8.91 -0.06
C ASN A 705 -4.68 8.75 0.45
N THR A 706 -5.33 9.88 0.72
CA THR A 706 -6.68 9.83 1.28
C THR A 706 -7.68 9.21 0.30
N THR A 707 -7.47 9.42 -1.01
CA THR A 707 -8.41 8.87 -1.98
C THR A 707 -8.40 7.34 -1.97
N VAL A 708 -7.22 6.75 -1.77
CA VAL A 708 -7.12 5.29 -1.70
C VAL A 708 -7.88 4.77 -0.48
N LYS A 709 -7.67 5.40 0.67
CA LYS A 709 -8.42 5.03 1.86
C LYS A 709 -9.91 5.19 1.66
N GLU A 710 -10.33 6.26 0.97
CA GLU A 710 -11.74 6.49 0.73
C GLU A 710 -12.34 5.39 -0.13
N GLN A 711 -11.65 5.03 -1.22
CA GLN A 711 -12.14 3.97 -2.09
C GLN A 711 -12.24 2.65 -1.31
N ALA A 712 -11.20 2.31 -0.56
CA ALA A 712 -11.21 1.07 0.21
C ALA A 712 -12.33 1.07 1.25
N PHE A 713 -12.53 2.18 1.95
CA PHE A 713 -13.57 2.27 2.97
C PHE A 713 -14.96 2.14 2.38
N THR A 714 -15.21 2.87 1.28
CA THR A 714 -16.49 2.78 0.59
C THR A 714 -16.79 1.34 0.18
N ILE A 715 -15.86 0.73 -0.57
CA ILE A 715 -16.08 -0.63 -1.04
C ILE A 715 -16.22 -1.59 0.14
N LEU A 716 -15.51 -1.32 1.23
CA LEU A 716 -15.53 -2.20 2.38
C LEU A 716 -16.87 -2.17 3.09
N CYS A 717 -17.43 -0.96 3.26
CA CYS A 717 -18.77 -0.86 3.84
C CYS A 717 -19.80 -1.55 2.97
N ASP A 718 -19.74 -1.34 1.65
CA ASP A 718 -20.69 -1.99 0.77
C ASP A 718 -20.54 -3.52 0.81
N ILE A 719 -19.30 -4.01 0.83
CA ILE A 719 -19.06 -5.45 0.93
C ILE A 719 -19.65 -6.00 2.23
N LEU A 720 -19.34 -5.33 3.35
CA LEU A 720 -19.80 -5.81 4.65
C LEU A 720 -21.33 -5.88 4.69
N MET A 721 -22.00 -4.90 4.09
CA MET A 721 -23.47 -4.96 4.06
C MET A 721 -23.97 -6.07 3.14
N ILE A 722 -23.37 -6.20 1.96
CA ILE A 722 -23.79 -7.21 1.00
C ILE A 722 -23.55 -8.61 1.54
N PHE A 723 -22.49 -8.80 2.33
CA PHE A 723 -22.12 -10.09 2.88
C PHE A 723 -22.40 -10.18 4.37
N SER A 724 -23.36 -9.41 4.86
CA SER A 724 -23.74 -9.48 6.27
C SER A 724 -24.61 -10.71 6.51
N HIS A 725 -25.09 -10.85 7.75
CA HIS A 725 -25.99 -11.95 8.07
C HIS A 725 -27.20 -11.97 7.14
N GLN A 726 -27.72 -10.78 6.80
CA GLN A 726 -28.87 -10.66 5.92
C GLN A 726 -28.67 -11.35 4.57
N ILE A 727 -27.43 -11.75 4.23
CA ILE A 727 -27.20 -12.46 2.99
C ILE A 727 -27.93 -13.80 2.96
N MET A 728 -28.33 -14.32 4.12
CA MET A 728 -29.12 -15.56 4.15
C MET A 728 -30.53 -15.33 4.66
N SER A 729 -30.91 -14.09 4.95
CA SER A 729 -32.16 -13.82 5.66
C SER A 729 -33.37 -14.30 4.86
N GLY A 730 -33.39 -14.08 3.55
CA GLY A 730 -34.55 -14.43 2.77
C GLY A 730 -34.38 -15.68 1.92
N GLY A 731 -34.59 -16.84 2.53
CA GLY A 731 -34.53 -18.09 1.80
C GLY A 731 -33.20 -18.33 1.11
N ARG A 732 -32.13 -17.74 1.64
CA ARG A 732 -30.79 -17.87 1.08
C ARG A 732 -29.88 -18.61 2.04
N ASP A 733 -30.42 -19.64 2.70
CA ASP A 733 -29.65 -20.40 3.68
C ASP A 733 -28.45 -21.09 3.07
N MET A 734 -28.44 -21.28 1.74
CA MET A 734 -27.25 -21.78 1.08
C MET A 734 -26.12 -20.77 1.07
N LEU A 735 -26.42 -19.48 1.25
CA LEU A 735 -25.41 -18.44 1.35
C LEU A 735 -24.90 -18.25 2.77
N GLU A 736 -25.38 -19.04 3.72
CA GLU A 736 -24.92 -18.93 5.10
C GLU A 736 -23.41 -19.05 5.26
N PRO A 737 -22.70 -19.92 4.54
CA PRO A 737 -21.23 -19.89 4.62
C PRO A 737 -20.65 -18.55 4.18
N LEU A 738 -21.35 -17.82 3.34
CA LEU A 738 -20.83 -16.59 2.72
C LEU A 738 -21.18 -15.36 3.57
N VAL A 739 -20.73 -15.38 4.82
CA VAL A 739 -20.95 -14.27 5.73
C VAL A 739 -19.60 -13.76 6.21
N TYR A 740 -19.53 -12.46 6.46
CA TYR A 740 -18.32 -11.82 6.97
C TYR A 740 -18.71 -10.96 8.16
N THR A 741 -18.25 -11.35 9.35
CA THR A 741 -18.46 -10.55 10.55
C THR A 741 -17.28 -9.60 10.73
N PRO A 742 -17.51 -8.29 10.83
CA PRO A 742 -16.39 -7.36 10.98
C PRO A 742 -15.64 -7.62 12.27
N ASP A 743 -14.36 -7.94 12.13
CA ASP A 743 -13.50 -8.10 13.30
C ASP A 743 -13.35 -6.75 14.01
N SER A 744 -12.97 -6.81 15.28
CA SER A 744 -12.89 -5.60 16.09
C SER A 744 -11.91 -4.60 15.50
N SER A 745 -10.79 -5.09 14.94
CA SER A 745 -9.85 -4.18 14.29
C SER A 745 -10.49 -3.49 13.10
N LEU A 746 -11.30 -4.23 12.33
CA LEU A 746 -11.97 -3.65 11.17
C LEU A 746 -12.96 -2.57 11.59
N GLN A 747 -13.78 -2.88 12.60
CA GLN A 747 -14.71 -1.88 13.12
C GLN A 747 -13.97 -0.65 13.63
N SER A 748 -12.85 -0.86 14.33
CA SER A 748 -12.07 0.26 14.84
C SER A 748 -11.52 1.12 13.71
N GLU A 749 -11.00 0.47 12.66
CA GLU A 749 -10.46 1.22 11.52
C GLU A 749 -11.53 1.98 10.78
N LEU A 750 -12.74 1.40 10.66
CA LEU A 750 -13.83 2.11 9.99
C LEU A 750 -14.26 3.32 10.80
N LEU A 751 -14.43 3.16 12.12
CA LEU A 751 -14.77 4.28 12.97
C LEU A 751 -13.67 5.33 12.97
N SER A 752 -12.41 4.92 12.88
CA SER A 752 -11.31 5.86 12.81
C SER A 752 -11.32 6.63 11.50
N PHE A 753 -11.67 5.96 10.40
CA PHE A 753 -11.86 6.68 9.14
C PHE A 753 -12.96 7.73 9.27
N ILE A 754 -14.07 7.37 9.92
CA ILE A 754 -15.15 8.33 10.10
C ILE A 754 -14.66 9.52 10.93
N LEU A 755 -13.92 9.25 12.01
CA LEU A 755 -13.48 10.31 12.89
C LEU A 755 -12.46 11.22 12.23
N ASP A 756 -11.56 10.65 11.42
CA ASP A 756 -10.51 11.44 10.80
C ASP A 756 -11.00 12.22 9.59
N HIS A 757 -11.90 11.61 8.80
CA HIS A 757 -12.29 12.16 7.51
C HIS A 757 -13.64 12.88 7.54
N VAL A 758 -14.68 12.22 8.04
CA VAL A 758 -16.02 12.81 8.04
C VAL A 758 -16.07 14.02 8.95
N PHE A 759 -15.74 13.83 10.22
CA PHE A 759 -15.73 14.93 11.18
C PHE A 759 -14.38 15.65 11.10
N ILE A 760 -14.42 16.92 10.72
CA ILE A 760 -13.22 17.73 10.50
C ILE A 760 -13.42 19.11 11.11
N GLU A 761 -12.41 19.96 10.96
CA GLU A 761 -12.47 21.32 11.49
C GLU A 761 -13.50 22.13 10.71
N GLN A 762 -14.41 22.77 11.44
CA GLN A 762 -15.46 23.59 10.82
C GLN A 762 -14.90 24.97 10.52
N ASP A 763 -14.92 25.34 9.24
CA ASP A 763 -14.40 26.63 8.80
C ASP A 763 -15.53 27.62 8.51
N ASP A 775 -14.29 26.81 -5.03
CA ASP A 775 -14.63 27.62 -3.87
C ASP A 775 -15.78 27.02 -3.06
N GLU A 776 -16.88 27.76 -2.93
CA GLU A 776 -18.00 27.28 -2.12
C GLU A 776 -18.60 26.02 -2.70
N ALA A 777 -18.67 25.93 -4.03
CA ALA A 777 -19.21 24.73 -4.68
C ALA A 777 -18.31 23.53 -4.44
N SER A 778 -16.99 23.74 -4.43
CA SER A 778 -16.08 22.65 -4.11
C SER A 778 -16.26 22.17 -2.67
N LYS A 779 -16.52 23.11 -1.75
CA LYS A 779 -16.84 22.73 -0.38
C LYS A 779 -18.12 21.90 -0.33
N ILE A 780 -19.11 22.27 -1.14
CA ILE A 780 -20.36 21.51 -1.18
C ILE A 780 -20.10 20.09 -1.67
N GLU A 781 -19.28 19.95 -2.71
CA GLU A 781 -18.95 18.62 -3.23
C GLU A 781 -18.23 17.78 -2.17
N ALA A 782 -17.26 18.38 -1.49
CA ALA A 782 -16.55 17.66 -0.43
C ALA A 782 -17.50 17.25 0.69
N LEU A 783 -18.43 18.13 1.05
CA LEU A 783 -19.40 17.80 2.10
C LEU A 783 -20.29 16.63 1.66
N HIS A 784 -20.67 16.59 0.39
CA HIS A 784 -21.49 15.47 -0.08
C HIS A 784 -20.72 14.16 -0.02
N LYS A 785 -19.44 14.18 -0.41
CA LYS A 785 -18.63 12.96 -0.30
C LYS A 785 -18.51 12.51 1.16
N ARG A 786 -18.29 13.46 2.07
CA ARG A 786 -18.19 13.12 3.49
C ARG A 786 -19.51 12.58 4.03
N ARG A 787 -20.63 13.13 3.56
CA ARG A 787 -21.93 12.65 4.00
C ARG A 787 -22.18 11.22 3.53
N ASN A 788 -21.76 10.89 2.31
CA ASN A 788 -21.92 9.52 1.84
C ASN A 788 -21.06 8.55 2.65
N LEU A 789 -19.84 8.96 3.00
CA LEU A 789 -18.98 8.11 3.85
C LEU A 789 -19.64 7.85 5.20
N LEU A 790 -20.04 8.94 5.88
CA LEU A 790 -20.71 8.80 7.16
C LEU A 790 -21.95 7.93 7.05
N ALA A 791 -22.70 8.08 5.96
CA ALA A 791 -23.92 7.28 5.78
C ALA A 791 -23.58 5.81 5.59
N ALA A 792 -22.45 5.50 4.97
CA ALA A 792 -22.02 4.10 4.88
C ALA A 792 -21.81 3.52 6.28
N PHE A 793 -20.98 4.19 7.08
CA PHE A 793 -20.74 3.62 8.42
C PHE A 793 -22.02 3.61 9.26
N CYS A 794 -22.89 4.60 9.09
CA CYS A 794 -24.15 4.63 9.84
C CYS A 794 -25.10 3.54 9.39
N LYS A 795 -25.08 3.19 8.10
CA LYS A 795 -25.82 2.02 7.64
C LYS A 795 -25.32 0.76 8.34
N LEU A 796 -23.99 0.64 8.47
CA LEU A 796 -23.47 -0.47 9.27
C LEU A 796 -24.03 -0.46 10.68
N ILE A 797 -24.11 0.72 11.30
CA ILE A 797 -24.60 0.81 12.68
C ILE A 797 -26.06 0.39 12.76
N VAL A 798 -26.92 1.00 11.93
CA VAL A 798 -28.36 0.82 12.07
C VAL A 798 -28.82 -0.57 11.69
N TYR A 799 -28.04 -1.28 10.87
CA TYR A 799 -28.37 -2.65 10.47
C TYR A 799 -27.58 -3.67 11.28
N THR A 800 -27.04 -3.26 12.43
CA THR A 800 -26.35 -4.12 13.39
C THR A 800 -25.13 -4.82 12.80
N VAL A 801 -24.59 -4.30 11.69
CA VAL A 801 -23.36 -4.88 11.14
C VAL A 801 -22.19 -4.63 12.08
N VAL A 802 -22.17 -3.47 12.75
CA VAL A 802 -21.14 -3.15 13.72
C VAL A 802 -21.79 -2.95 15.08
N GLU A 803 -20.96 -2.75 16.10
CA GLU A 803 -21.44 -2.52 17.44
C GLU A 803 -22.15 -1.18 17.54
N MET A 804 -23.24 -1.13 18.31
CA MET A 804 -23.93 0.14 18.54
C MET A 804 -23.02 1.15 19.23
N ASN A 805 -22.10 0.68 20.07
CA ASN A 805 -21.29 1.58 20.89
C ASN A 805 -20.47 2.53 20.05
N THR A 806 -19.99 2.09 18.88
CA THR A 806 -19.29 2.98 17.96
C THR A 806 -20.09 4.25 17.72
N ALA A 807 -21.39 4.09 17.44
CA ALA A 807 -22.25 5.25 17.14
C ALA A 807 -22.10 6.35 18.18
N ALA A 808 -21.68 6.01 19.41
CA ALA A 808 -21.42 7.02 20.43
C ALA A 808 -20.71 8.23 19.84
N ASP A 809 -19.54 8.00 19.22
CA ASP A 809 -18.79 9.12 18.68
C ASP A 809 -19.61 9.91 17.68
N ILE A 810 -20.26 9.22 16.74
CA ILE A 810 -21.14 9.91 15.80
C ILE A 810 -22.17 10.74 16.55
N PHE A 811 -22.81 10.15 17.56
CA PHE A 811 -23.84 10.86 18.31
C PHE A 811 -23.28 12.09 19.02
N LYS A 812 -22.00 12.08 19.39
CA LYS A 812 -21.46 13.23 20.09
C LYS A 812 -21.31 14.43 19.17
N GLN A 813 -21.38 14.23 17.85
CA GLN A 813 -21.23 15.30 16.89
C GLN A 813 -22.58 15.77 16.33
N TYR A 814 -23.67 15.37 16.96
CA TYR A 814 -25.01 15.69 16.46
C TYR A 814 -25.25 17.19 16.40
N MET A 815 -25.00 17.89 17.50
CA MET A 815 -25.10 19.34 17.50
C MET A 815 -23.92 20.00 16.80
N LYS A 816 -22.74 19.41 16.89
CA LYS A 816 -21.55 20.03 16.31
C LYS A 816 -21.66 20.12 14.79
N TYR A 817 -22.25 19.12 14.16
CA TYR A 817 -22.41 19.07 12.71
C TYR A 817 -23.88 18.92 12.33
N TYR A 818 -24.76 19.68 12.99
CA TYR A 818 -26.18 19.56 12.70
C TYR A 818 -26.47 19.85 11.24
N ASN A 819 -25.89 20.92 10.70
CA ASN A 819 -26.10 21.25 9.29
C ASN A 819 -25.40 20.25 8.38
N ASP A 820 -24.14 19.91 8.67
CA ASP A 820 -23.36 19.08 7.77
C ASP A 820 -23.86 17.64 7.76
N TYR A 821 -24.03 17.04 8.94
CA TYR A 821 -24.38 15.63 9.04
C TYR A 821 -25.53 15.35 9.99
N GLY A 822 -26.25 16.37 10.46
CA GLY A 822 -27.24 16.17 11.49
C GLY A 822 -28.39 15.29 11.07
N ASP A 823 -28.78 15.36 9.79
CA ASP A 823 -29.84 14.48 9.30
C ASP A 823 -29.44 13.02 9.41
N ILE A 824 -28.21 12.71 8.97
CA ILE A 824 -27.72 11.33 9.04
C ILE A 824 -27.60 10.87 10.49
N ILE A 825 -27.08 11.74 11.36
CA ILE A 825 -26.94 11.36 12.76
C ILE A 825 -28.30 11.15 13.40
N LYS A 826 -29.28 11.99 13.04
CA LYS A 826 -30.62 11.88 13.59
C LYS A 826 -31.28 10.57 13.16
N GLU A 827 -31.18 10.23 11.86
CA GLU A 827 -31.74 8.98 11.39
C GLU A 827 -31.07 7.78 12.04
N THR A 828 -29.74 7.83 12.15
CA THR A 828 -29.01 6.76 12.83
C THR A 828 -29.49 6.59 14.27
N MET A 829 -29.67 7.71 14.97
CA MET A 829 -30.08 7.68 16.37
C MET A 829 -31.48 7.11 16.52
N SER A 830 -32.39 7.48 15.62
CA SER A 830 -33.75 6.95 15.68
C SER A 830 -33.76 5.45 15.39
N LYS A 831 -33.03 5.03 14.36
CA LYS A 831 -32.97 3.61 14.05
C LYS A 831 -32.37 2.81 15.20
N THR A 832 -31.34 3.36 15.86
CA THR A 832 -30.75 2.66 17.00
C THR A 832 -31.71 2.62 18.19
N ARG A 833 -32.49 3.68 18.38
CA ARG A 833 -33.56 3.62 19.38
C ARG A 833 -34.48 2.43 19.09
N GLN A 834 -34.94 2.32 17.84
CA GLN A 834 -35.85 1.23 17.50
C GLN A 834 -35.19 -0.14 17.70
N ILE A 835 -33.91 -0.25 17.38
CA ILE A 835 -33.19 -1.51 17.56
C ILE A 835 -33.18 -1.91 19.02
N ASP A 836 -32.69 -1.01 19.89
CA ASP A 836 -32.60 -1.30 21.32
C ASP A 836 -32.58 0.04 22.06
N LYS A 837 -33.72 0.42 22.65
CA LYS A 837 -33.82 1.71 23.31
C LYS A 837 -32.88 1.78 24.52
N ILE A 838 -32.75 0.68 25.27
CA ILE A 838 -31.88 0.68 26.43
C ILE A 838 -30.41 0.84 26.02
N GLN A 839 -29.98 0.11 25.00
CA GLN A 839 -28.61 0.23 24.51
C GLN A 839 -28.38 1.58 23.83
N CYS A 840 -29.40 2.12 23.16
CA CYS A 840 -29.27 3.46 22.59
C CYS A 840 -29.10 4.52 23.67
N ALA A 841 -29.83 4.37 24.77
CA ALA A 841 -29.63 5.28 25.91
C ALA A 841 -28.22 5.14 26.46
N LYS A 842 -27.71 3.90 26.54
CA LYS A 842 -26.33 3.72 26.98
C LYS A 842 -25.34 4.42 26.05
N THR A 843 -25.54 4.30 24.75
CA THR A 843 -24.60 4.94 23.81
C THR A 843 -24.70 6.46 23.89
N LEU A 844 -25.90 7.00 24.12
CA LEU A 844 -26.04 8.44 24.27
C LEU A 844 -25.34 8.94 25.54
N ILE A 845 -25.46 8.19 26.64
CA ILE A 845 -24.77 8.58 27.85
C ILE A 845 -23.27 8.46 27.65
N LEU A 846 -22.83 7.51 26.81
CA LEU A 846 -21.41 7.42 26.48
C LEU A 846 -20.94 8.64 25.71
N SER A 847 -21.76 9.11 24.76
CA SER A 847 -21.39 10.32 24.03
C SER A 847 -21.28 11.52 24.96
N LEU A 848 -22.23 11.67 25.88
CA LEU A 848 -22.15 12.79 26.82
C LEU A 848 -20.94 12.66 27.73
N GLN A 849 -20.64 11.45 28.20
CA GLN A 849 -19.46 11.24 29.03
C GLN A 849 -18.19 11.59 28.25
N GLN A 850 -18.16 11.23 26.97
CA GLN A 850 -17.02 11.55 26.11
C GLN A 850 -16.84 13.05 25.98
N LEU A 851 -17.95 13.78 25.86
CA LEU A 851 -17.84 15.24 25.82
C LEU A 851 -17.35 15.77 27.17
N PHE A 852 -17.79 15.18 28.27
CA PHE A 852 -17.38 15.63 29.59
C PHE A 852 -15.87 15.46 29.78
N ASN A 853 -15.34 14.27 29.52
CA ASN A 853 -13.92 14.10 29.82
C ASN A 853 -13.07 14.79 28.77
N GLU A 854 -13.61 15.01 27.56
CA GLU A 854 -12.91 15.87 26.61
C GLU A 854 -12.83 17.31 27.12
N MET A 855 -13.90 17.78 27.76
CA MET A 855 -13.87 19.12 28.35
C MET A 855 -12.82 19.21 29.45
N ILE A 856 -12.79 18.21 30.34
CA ILE A 856 -11.80 18.24 31.41
C ILE A 856 -10.38 18.09 30.85
N GLN A 857 -10.23 17.48 29.67
CA GLN A 857 -8.92 17.38 29.05
C GLN A 857 -8.50 18.69 28.42
N GLU A 858 -9.43 19.39 27.76
CA GLU A 858 -9.10 20.68 27.15
C GLU A 858 -8.92 21.76 28.20
N ASN A 859 -9.82 21.83 29.17
CA ASN A 859 -9.82 22.86 30.19
C ASN A 859 -9.84 22.21 31.56
N GLY A 860 -9.21 22.87 32.53
CA GLY A 860 -9.12 22.30 33.87
C GLY A 860 -10.47 22.06 34.50
N TYR A 861 -10.45 21.28 35.58
CA TYR A 861 -11.67 20.94 36.32
C TYR A 861 -12.34 22.18 36.92
N ASN A 862 -11.72 23.34 36.75
CA ASN A 862 -12.30 24.61 37.15
C ASN A 862 -13.34 25.14 36.18
N PHE A 863 -13.76 24.33 35.21
CA PHE A 863 -14.71 24.81 34.20
C PHE A 863 -16.03 25.20 34.86
N ASP A 864 -16.52 26.39 34.51
CA ASP A 864 -17.77 26.88 35.07
C ASP A 864 -18.96 26.23 34.38
N ARG A 865 -20.08 26.15 35.09
CA ARG A 865 -21.30 25.66 34.47
C ARG A 865 -21.72 26.55 33.31
N SER A 866 -21.45 27.86 33.41
CA SER A 866 -21.85 28.78 32.36
C SER A 866 -20.95 28.69 31.14
N SER A 867 -19.78 28.03 31.26
CA SER A 867 -18.88 27.90 30.14
C SER A 867 -19.59 27.25 28.95
N SER A 868 -19.37 27.84 27.77
CA SER A 868 -20.11 27.42 26.58
C SER A 868 -19.96 25.93 26.30
N THR A 869 -18.82 25.34 26.66
CA THR A 869 -18.61 23.92 26.44
C THR A 869 -19.58 23.09 27.28
N PHE A 870 -19.59 23.32 28.60
CA PHE A 870 -20.48 22.55 29.48
C PHE A 870 -21.94 22.85 29.17
N SER A 871 -22.26 24.11 28.88
CA SER A 871 -23.63 24.46 28.50
C SER A 871 -24.05 23.73 27.23
N GLY A 872 -23.12 23.57 26.29
CA GLY A 872 -23.44 22.85 25.07
C GLY A 872 -23.62 21.36 25.31
N ILE A 873 -22.81 20.80 26.21
CA ILE A 873 -23.03 19.39 26.59
C ILE A 873 -24.40 19.22 27.22
N LYS A 874 -24.81 20.18 28.06
CA LYS A 874 -26.13 20.09 28.68
C LYS A 874 -27.24 20.27 27.64
N GLU A 875 -26.99 21.12 26.64
CA GLU A 875 -27.96 21.33 25.56
C GLU A 875 -28.13 20.06 24.73
N LEU A 876 -27.01 19.42 24.38
CA LEU A 876 -27.08 18.15 23.67
C LEU A 876 -27.76 17.09 24.53
N ALA A 877 -27.55 17.13 25.84
CA ALA A 877 -28.24 16.20 26.73
C ALA A 877 -29.74 16.42 26.72
N ARG A 878 -30.17 17.69 26.67
CA ARG A 878 -31.59 17.99 26.54
C ARG A 878 -32.15 17.46 25.22
N ARG A 879 -31.42 17.68 24.13
CA ARG A 879 -31.82 17.15 22.83
C ARG A 879 -31.99 15.63 22.90
N PHE A 880 -31.01 14.94 23.47
CA PHE A 880 -31.11 13.49 23.65
C PHE A 880 -32.31 13.13 24.52
N ALA A 881 -32.57 13.91 25.55
CA ALA A 881 -33.66 13.62 26.48
C ALA A 881 -35.01 13.66 25.77
N LEU A 882 -35.19 14.61 24.85
CA LEU A 882 -36.43 14.67 24.09
C LEU A 882 -36.71 13.34 23.39
N THR A 883 -35.68 12.71 22.84
CA THR A 883 -35.81 11.41 22.20
C THR A 883 -36.22 10.33 23.19
N ASP A 887 -43.42 8.63 27.51
CA ASP A 887 -42.27 7.75 27.64
C ASP A 887 -42.59 6.54 28.53
N GLN A 888 -43.74 5.92 28.28
CA GLN A 888 -44.20 4.77 29.03
C GLN A 888 -44.00 3.46 28.28
N LEU A 889 -43.58 3.52 27.03
CA LEU A 889 -43.43 2.34 26.18
C LEU A 889 -42.03 1.79 26.34
N LYS A 890 -41.80 1.10 27.46
CA LYS A 890 -40.50 0.57 27.85
C LYS A 890 -39.41 1.65 27.93
N THR A 891 -39.75 2.87 27.51
CA THR A 891 -38.80 3.98 27.55
C THR A 891 -38.37 4.30 28.97
N ARG A 892 -39.29 4.12 29.94
CA ARG A 892 -38.97 4.31 31.35
C ARG A 892 -37.86 3.37 31.82
N GLU A 893 -37.87 2.12 31.36
CA GLU A 893 -36.82 1.16 31.71
C GLU A 893 -35.46 1.60 31.15
N ALA A 894 -35.42 1.92 29.85
CA ALA A 894 -34.19 2.38 29.22
C ALA A 894 -33.64 3.63 29.91
N ILE A 895 -34.52 4.57 30.29
CA ILE A 895 -34.00 5.78 30.93
C ILE A 895 -33.54 5.52 32.37
N ALA A 896 -34.17 4.58 33.07
CA ALA A 896 -33.60 4.15 34.35
C ALA A 896 -32.16 3.68 34.17
N MET A 897 -31.93 2.87 33.14
CA MET A 897 -30.56 2.41 32.89
C MET A 897 -29.62 3.58 32.59
N LEU A 898 -30.09 4.54 31.79
CA LEU A 898 -29.28 5.72 31.47
C LEU A 898 -28.85 6.44 32.75
N HIS A 899 -29.80 6.69 33.65
CA HIS A 899 -29.48 7.39 34.89
C HIS A 899 -28.48 6.60 35.74
N LYS A 900 -28.63 5.27 35.76
CA LYS A 900 -27.68 4.43 36.49
C LYS A 900 -26.26 4.65 35.98
N ASP A 901 -26.08 4.56 34.66
CA ASP A 901 -24.75 4.78 34.08
C ASP A 901 -24.23 6.18 34.41
N GLY A 902 -25.12 7.18 34.38
CA GLY A 902 -24.69 8.54 34.68
C GLY A 902 -24.12 8.69 36.07
N ILE A 903 -24.83 8.17 37.07
CA ILE A 903 -24.34 8.32 38.44
C ILE A 903 -23.06 7.50 38.66
N GLU A 904 -22.98 6.32 38.02
CA GLU A 904 -21.76 5.53 38.15
C GLU A 904 -20.57 6.27 37.57
N PHE A 905 -20.76 6.96 36.44
CA PHE A 905 -19.68 7.75 35.88
C PHE A 905 -19.32 8.91 36.82
N ALA A 906 -20.33 9.54 37.42
CA ALA A 906 -20.06 10.67 38.31
C ALA A 906 -19.17 10.24 39.48
N PHE A 907 -19.42 9.08 40.07
CA PHE A 907 -18.62 8.62 41.20
C PHE A 907 -17.48 7.68 40.82
N LYS A 908 -17.22 7.50 39.52
CA LYS A 908 -16.11 6.64 39.11
C LYS A 908 -14.77 7.25 39.50
N GLU A 909 -14.64 8.58 39.39
CA GLU A 909 -13.42 9.25 39.80
C GLU A 909 -13.63 9.89 41.16
N PRO A 910 -13.02 9.37 42.23
CA PRO A 910 -13.21 9.96 43.55
C PRO A 910 -12.25 11.12 43.79
N ASN A 911 -12.58 11.91 44.81
CA ASN A 911 -11.77 13.08 45.15
C ASN A 911 -10.39 12.64 45.62
N PRO A 912 -9.32 13.27 45.13
CA PRO A 912 -7.98 12.83 45.55
C PRO A 912 -7.69 13.03 47.03
N GLN A 913 -8.09 14.18 47.58
CA GLN A 913 -7.90 14.42 49.01
C GLN A 913 -8.96 13.71 49.83
N PRO A 919 -16.10 13.75 44.61
CA PRO A 919 -16.14 13.12 43.30
C PRO A 919 -15.78 14.08 42.16
N LEU A 920 -14.91 13.64 41.25
CA LEU A 920 -14.39 14.54 40.23
C LEU A 920 -15.45 14.89 39.19
N ASN A 921 -16.30 13.92 38.83
CA ASN A 921 -17.33 14.12 37.82
C ASN A 921 -18.68 14.44 38.45
N LEU A 922 -18.68 15.16 39.56
CA LEU A 922 -19.93 15.63 40.15
C LEU A 922 -20.70 16.49 39.16
N ALA A 923 -19.99 17.31 38.38
CA ALA A 923 -20.62 18.22 37.44
C ALA A 923 -21.53 17.46 36.48
N PHE A 924 -21.14 16.23 36.10
CA PHE A 924 -21.91 15.46 35.15
C PHE A 924 -23.35 15.24 35.61
N LEU A 925 -23.62 15.36 36.92
CA LEU A 925 -24.98 15.23 37.41
C LEU A 925 -25.91 16.22 36.72
N ASP A 926 -25.45 17.46 36.53
CA ASP A 926 -26.24 18.44 35.78
C ASP A 926 -26.64 17.87 34.43
N ILE A 927 -25.68 17.27 33.72
CA ILE A 927 -25.99 16.62 32.45
C ILE A 927 -27.12 15.62 32.64
N LEU A 928 -26.98 14.74 33.64
CA LEU A 928 -28.01 13.75 33.93
C LEU A 928 -29.33 14.43 34.30
N SER A 929 -29.26 15.60 34.94
CA SER A 929 -30.47 16.33 35.28
C SER A 929 -31.29 16.72 34.07
N GLU A 930 -30.67 16.77 32.89
CA GLU A 930 -31.42 17.05 31.67
C GLU A 930 -32.42 15.94 31.37
N PHE A 931 -32.11 14.71 31.79
CA PHE A 931 -32.99 13.56 31.56
C PHE A 931 -33.90 13.27 32.74
N SER A 932 -33.74 14.01 33.85
CA SER A 932 -34.53 13.73 35.05
C SER A 932 -36.03 13.86 34.78
N SER A 933 -36.40 14.80 33.90
CA SER A 933 -37.82 15.05 33.65
C SER A 933 -38.50 13.84 33.00
N LYS A 934 -37.80 13.18 32.07
CA LYS A 934 -38.37 12.00 31.42
C LYS A 934 -38.52 10.84 32.38
N LEU A 935 -37.77 10.83 33.47
CA LEU A 935 -37.87 9.79 34.48
C LEU A 935 -39.14 9.96 35.29
N LEU A 936 -39.85 8.86 35.52
CA LEU A 936 -41.08 8.89 36.31
C LEU A 936 -40.75 8.80 37.80
N ARG A 937 -41.66 9.32 38.63
CA ARG A 937 -41.41 9.36 40.06
C ARG A 937 -41.16 7.96 40.62
N GLN A 938 -41.95 6.98 40.16
CA GLN A 938 -41.80 5.61 40.63
C GLN A 938 -40.41 5.06 40.33
N ASP A 939 -39.93 5.28 39.10
CA ASP A 939 -38.56 4.88 38.75
C ASP A 939 -37.53 5.80 39.40
N LYS A 940 -37.90 7.07 39.59
CA LYS A 940 -37.04 8.00 40.29
C LYS A 940 -36.67 7.49 41.68
N ARG A 941 -37.59 6.79 42.34
CA ARG A 941 -37.27 6.26 43.66
C ARG A 941 -36.11 5.26 43.62
N THR A 942 -36.11 4.37 42.63
CA THR A 942 -35.03 3.39 42.53
C THR A 942 -33.71 4.05 42.16
N VAL A 943 -33.74 4.92 41.13
CA VAL A 943 -32.48 5.56 40.76
C VAL A 943 -31.99 6.46 41.89
N TYR A 944 -32.90 6.98 42.70
CA TYR A 944 -32.53 7.80 43.85
C TYR A 944 -31.95 6.95 44.96
N VAL A 945 -32.41 5.70 45.08
CA VAL A 945 -31.78 4.75 46.00
C VAL A 945 -30.32 4.52 45.59
N TYR A 946 -30.10 4.31 44.29
CA TYR A 946 -28.73 4.13 43.83
C TYR A 946 -27.88 5.38 44.10
N LEU A 947 -28.47 6.56 43.87
CA LEU A 947 -27.74 7.81 44.06
C LEU A 947 -27.41 8.03 45.53
N GLU A 948 -28.36 7.75 46.42
CA GLU A 948 -28.12 7.88 47.85
C GLU A 948 -27.06 6.89 48.32
N LYS A 949 -27.04 5.69 47.72
CA LYS A 949 -25.97 4.76 48.04
C LYS A 949 -24.63 5.32 47.58
N PHE A 950 -24.62 6.08 46.49
CA PHE A 950 -23.37 6.69 46.05
C PHE A 950 -22.88 7.79 47.00
N MET A 951 -23.75 8.70 47.46
CA MET A 951 -23.22 9.78 48.29
C MET A 951 -23.44 9.57 49.79
N THR A 952 -23.92 8.40 50.18
CA THR A 952 -24.22 8.09 51.59
C THR A 952 -25.26 9.09 52.07
N PHE A 953 -24.96 9.94 53.04
CA PHE A 953 -25.84 10.95 53.64
C PHE A 953 -25.13 12.27 53.87
N GLN A 954 -23.86 12.23 54.27
CA GLN A 954 -23.12 13.47 54.53
C GLN A 954 -23.06 14.35 53.29
N MET A 955 -22.90 13.74 52.12
CA MET A 955 -22.81 14.52 50.88
C MET A 955 -24.12 15.22 50.57
N SER A 956 -25.25 14.54 50.81
CA SER A 956 -26.55 15.18 50.61
C SER A 956 -26.74 16.40 51.51
N LEU A 957 -26.12 16.39 52.69
CA LEU A 957 -26.15 17.56 53.55
C LEU A 957 -25.12 18.59 53.12
N ARG A 958 -23.95 18.14 52.68
CA ARG A 958 -22.86 19.02 52.29
C ARG A 958 -23.11 19.49 50.86
N ARG A 959 -23.72 20.67 50.71
CA ARG A 959 -23.90 21.26 49.39
C ARG A 959 -24.04 22.78 49.48
N GLU A 960 -22.94 23.45 49.81
CA GLU A 960 -22.92 24.90 49.90
C GLU A 960 -22.03 25.57 48.86
N ASP A 961 -21.21 24.81 48.15
CA ASP A 961 -20.28 25.40 47.20
C ASP A 961 -20.33 24.69 45.84
N VAL A 962 -19.25 23.98 45.50
CA VAL A 962 -19.15 23.22 44.25
C VAL A 962 -19.97 21.94 44.27
N TRP A 963 -20.61 21.61 45.40
CA TRP A 963 -21.52 20.48 45.51
C TRP A 963 -22.92 20.82 45.05
N LEU A 964 -23.10 22.04 44.53
CA LEU A 964 -24.41 22.45 44.01
C LEU A 964 -24.90 21.61 42.83
N PRO A 965 -24.07 21.13 41.91
CA PRO A 965 -24.60 20.20 40.89
C PRO A 965 -25.25 18.97 41.49
N LEU A 966 -24.62 18.41 42.53
CA LEU A 966 -25.21 17.27 43.22
C LEU A 966 -26.59 17.60 43.78
N MET A 967 -26.71 18.78 44.40
CA MET A 967 -27.98 19.19 44.99
C MET A 967 -29.02 19.50 43.91
N SER A 968 -28.59 20.02 42.76
CA SER A 968 -29.53 20.28 41.68
C SER A 968 -30.09 18.98 41.11
N TYR A 969 -29.21 18.00 40.88
CA TYR A 969 -29.67 16.69 40.42
C TYR A 969 -30.54 16.04 41.47
N ARG A 970 -30.22 16.24 42.76
CA ARG A 970 -31.01 15.66 43.84
C ARG A 970 -32.41 16.24 43.88
N ASN A 971 -32.52 17.55 43.66
CA ASN A 971 -33.84 18.19 43.59
C ASN A 971 -34.61 17.70 42.38
N SER A 972 -33.94 17.65 41.22
CA SER A 972 -34.59 17.17 40.01
C SER A 972 -35.19 15.78 40.20
N LEU A 973 -34.63 15.00 41.12
CA LEU A 973 -35.16 13.70 41.46
C LEU A 973 -36.32 13.82 42.45
N LYS B 44 -59.65 42.11 31.18
CA LYS B 44 -60.96 42.74 31.00
C LYS B 44 -61.74 41.97 29.94
N ARG B 45 -62.30 42.68 28.95
CA ARG B 45 -63.03 42.00 27.90
C ARG B 45 -62.07 41.48 26.83
N LYS B 46 -62.48 40.42 26.15
CA LYS B 46 -61.70 39.84 25.07
C LYS B 46 -61.95 40.50 23.73
N LEU B 47 -62.82 41.51 23.68
CA LEU B 47 -63.11 42.18 22.41
C LEU B 47 -61.86 42.85 21.86
N ILE B 48 -61.65 42.70 20.55
CA ILE B 48 -60.47 43.22 19.89
C ILE B 48 -60.67 44.71 19.64
N VAL B 49 -59.88 45.53 20.34
CA VAL B 49 -59.92 46.99 20.19
C VAL B 49 -58.54 47.44 19.76
N ASP B 50 -58.42 47.92 18.52
CA ASP B 50 -57.15 48.39 17.99
C ASP B 50 -57.01 49.88 18.27
N SER B 51 -56.04 50.24 19.11
CA SER B 51 -55.84 51.64 19.45
C SER B 51 -55.40 52.46 18.25
N VAL B 52 -54.56 51.88 17.39
CA VAL B 52 -54.12 52.52 16.16
C VAL B 52 -54.75 51.76 15.00
N LYS B 53 -55.71 52.40 14.34
CA LYS B 53 -56.43 51.80 13.23
C LYS B 53 -55.76 52.04 11.88
N GLU B 54 -54.77 52.92 11.83
CA GLU B 54 -54.22 53.41 10.57
C GLU B 54 -52.71 53.34 10.58
N LEU B 55 -52.14 53.16 9.39
CA LEU B 55 -50.71 53.32 9.19
C LEU B 55 -50.42 54.81 9.01
N ASP B 56 -49.54 55.35 9.85
CA ASP B 56 -49.22 56.76 9.76
C ASP B 56 -48.52 57.07 8.44
N SER B 57 -48.57 58.34 8.04
CA SER B 57 -47.99 58.74 6.77
C SER B 57 -46.48 58.47 6.73
N LYS B 58 -45.81 58.54 7.88
CA LYS B 58 -44.38 58.27 7.90
C LYS B 58 -44.09 56.81 7.57
N THR B 59 -44.91 55.89 8.11
CA THR B 59 -44.70 54.48 7.81
C THR B 59 -45.01 54.17 6.35
N ILE B 60 -45.99 54.85 5.77
CA ILE B 60 -46.28 54.64 4.34
C ILE B 60 -45.13 55.16 3.49
N ARG B 61 -44.59 56.33 3.85
CA ARG B 61 -43.43 56.85 3.13
C ARG B 61 -42.23 55.91 3.28
N ALA B 62 -42.09 55.28 4.45
CA ALA B 62 -41.00 54.33 4.64
C ALA B 62 -41.20 53.07 3.81
N GLN B 63 -42.43 52.58 3.74
CA GLN B 63 -42.76 51.46 2.86
C GLN B 63 -42.40 51.79 1.42
N LEU B 64 -42.70 53.02 0.99
CA LEU B 64 -42.41 53.41 -0.40
C LEU B 64 -40.91 53.59 -0.62
N SER B 65 -40.19 54.08 0.38
CA SER B 65 -38.78 54.41 0.19
C SER B 65 -37.89 53.17 0.24
N ASP B 66 -38.15 52.26 1.17
CA ASP B 66 -37.35 51.06 1.36
C ASP B 66 -38.26 49.84 1.29
N TYR B 67 -38.04 48.99 0.29
CA TYR B 67 -38.70 47.69 0.20
C TYR B 67 -37.67 46.57 0.19
N SER B 68 -36.52 46.81 0.80
CA SER B 68 -35.48 45.78 0.89
C SER B 68 -35.92 44.60 1.74
N ASP B 69 -36.72 44.86 2.77
CA ASP B 69 -37.18 43.78 3.66
C ASP B 69 -38.11 42.82 2.94
N ILE B 70 -38.70 43.22 1.82
CA ILE B 70 -39.69 42.42 1.12
C ILE B 70 -39.18 41.94 -0.23
N VAL B 71 -37.87 41.99 -0.44
CA VAL B 71 -37.24 41.38 -1.60
C VAL B 71 -36.20 40.39 -1.10
N THR B 72 -35.79 39.49 -1.99
CA THR B 72 -34.83 38.46 -1.64
C THR B 72 -33.94 38.16 -2.85
N THR B 73 -32.97 37.28 -2.65
CA THR B 73 -32.07 36.87 -3.72
C THR B 73 -32.64 35.63 -4.42
N LEU B 74 -31.95 35.23 -5.49
CA LEU B 74 -32.43 34.14 -6.33
C LEU B 74 -31.99 32.81 -5.75
N ASP B 75 -32.94 31.91 -5.54
CA ASP B 75 -32.64 30.55 -5.09
C ASP B 75 -32.39 29.70 -6.33
N LEU B 76 -31.12 29.61 -6.72
CA LEU B 76 -30.76 28.91 -7.95
C LEU B 76 -31.05 27.42 -7.85
N ALA B 77 -31.62 26.87 -8.92
CA ALA B 77 -31.70 25.42 -9.08
C ALA B 77 -30.29 24.86 -9.29
N PRO B 78 -30.10 23.56 -9.06
CA PRO B 78 -28.75 22.97 -9.16
C PRO B 78 -28.04 23.36 -10.45
N PRO B 79 -26.93 24.08 -10.34
CA PRO B 79 -26.25 24.57 -11.56
C PRO B 79 -25.39 23.53 -12.25
N THR B 80 -24.77 22.64 -11.50
CA THR B 80 -23.95 21.58 -12.09
C THR B 80 -24.71 20.27 -12.07
N LYS B 81 -24.37 19.39 -13.02
CA LYS B 81 -24.98 18.07 -13.07
C LYS B 81 -24.73 17.29 -11.78
N LYS B 82 -23.54 17.46 -11.19
CA LYS B 82 -23.22 16.73 -9.97
C LYS B 82 -24.10 17.18 -8.81
N LEU B 83 -24.37 18.48 -8.72
CA LEU B 83 -25.25 18.98 -7.66
C LEU B 83 -26.66 18.45 -7.83
N MET B 84 -27.13 18.31 -9.07
CA MET B 84 -28.44 17.75 -9.34
C MET B 84 -28.49 16.27 -8.95
N MET B 85 -27.45 15.53 -9.34
CA MET B 85 -27.35 14.13 -8.95
C MET B 85 -27.30 13.99 -7.43
N TRP B 86 -26.66 14.94 -6.75
CA TRP B 86 -26.64 14.88 -5.29
C TRP B 86 -27.98 15.24 -4.68
N LYS B 87 -28.71 16.16 -5.33
CA LYS B 87 -30.08 16.45 -4.91
C LYS B 87 -30.92 15.19 -4.91
N GLU B 88 -30.76 14.33 -5.91
CA GLU B 88 -31.54 13.09 -5.89
C GLU B 88 -30.91 12.05 -4.95
N THR B 89 -29.64 11.70 -5.20
CA THR B 89 -29.00 10.59 -4.49
C THR B 89 -28.73 10.93 -3.03
N GLY B 90 -28.29 12.15 -2.75
CA GLY B 90 -28.09 12.56 -1.38
C GLY B 90 -29.38 12.63 -0.60
N GLY B 91 -29.25 12.66 0.73
CA GLY B 91 -30.41 12.67 1.58
C GLY B 91 -30.65 11.30 2.18
N VAL B 92 -31.01 11.27 3.47
CA VAL B 92 -31.08 10.01 4.21
C VAL B 92 -32.01 9.02 3.51
N GLU B 93 -33.10 9.52 2.93
CA GLU B 93 -34.09 8.66 2.29
C GLU B 93 -33.44 7.76 1.24
N LYS B 94 -32.49 8.31 0.49
CA LYS B 94 -31.79 7.56 -0.55
C LYS B 94 -30.45 7.05 -0.07
N LEU B 95 -29.75 7.84 0.76
CA LEU B 95 -28.44 7.44 1.27
C LEU B 95 -28.52 6.11 2.01
N PHE B 96 -29.48 5.97 2.93
CA PHE B 96 -29.55 4.74 3.70
C PHE B 96 -30.09 3.57 2.89
N PHE B 97 -30.53 3.80 1.66
CA PHE B 97 -31.07 2.73 0.82
C PHE B 97 -30.25 2.50 -0.44
N LEU B 98 -29.11 3.19 -0.59
CA LEU B 98 -28.26 3.11 -1.76
C LEU B 98 -26.82 2.83 -1.35
N PRO B 99 -26.06 2.12 -2.17
CA PRO B 99 -24.70 1.74 -1.78
C PRO B 99 -23.76 2.93 -1.84
N ALA B 100 -22.68 2.84 -1.06
CA ALA B 100 -21.67 3.90 -1.09
C ALA B 100 -20.92 3.88 -2.42
N GLN B 101 -20.66 2.70 -2.96
CA GLN B 101 -20.07 2.55 -4.29
C GLN B 101 -21.17 2.30 -5.30
N PRO B 102 -21.46 3.24 -6.20
CA PRO B 102 -22.62 3.08 -7.09
C PRO B 102 -22.51 1.83 -7.96
N LEU B 103 -23.57 1.03 -7.95
CA LEU B 103 -23.67 -0.17 -8.77
C LEU B 103 -24.62 0.12 -9.92
N TRP B 104 -24.10 0.06 -11.15
CA TRP B 104 -24.84 0.52 -12.31
C TRP B 104 -25.79 -0.51 -12.87
N ASN B 105 -25.63 -1.78 -12.51
CA ASN B 105 -26.56 -2.83 -12.89
C ASN B 105 -27.48 -3.14 -11.73
N ASN B 106 -28.79 -3.25 -12.01
CA ASN B 106 -29.76 -3.52 -10.96
C ASN B 106 -29.52 -4.86 -10.29
N ARG B 107 -28.84 -5.79 -10.96
CA ARG B 107 -28.56 -7.08 -10.35
C ARG B 107 -27.56 -6.94 -9.20
N LEU B 108 -26.51 -6.14 -9.40
CA LEU B 108 -25.56 -5.89 -8.32
C LEU B 108 -26.21 -5.09 -7.20
N LEU B 109 -27.01 -4.09 -7.55
CA LEU B 109 -27.70 -3.28 -6.55
C LEU B 109 -28.66 -4.11 -5.72
N LYS B 110 -29.30 -5.10 -6.35
CA LYS B 110 -30.28 -5.93 -5.65
C LYS B 110 -29.68 -6.63 -4.45
N LEU B 111 -28.39 -6.97 -4.52
CA LEU B 111 -27.74 -7.61 -3.38
C LEU B 111 -27.72 -6.67 -2.18
N PHE B 112 -27.22 -5.45 -2.39
CA PHE B 112 -27.23 -4.43 -1.36
C PHE B 112 -28.64 -4.20 -0.81
N THR B 113 -29.63 -4.09 -1.70
CA THR B 113 -30.98 -3.77 -1.25
C THR B 113 -31.60 -4.91 -0.46
N ARG B 114 -31.44 -6.16 -0.92
CA ARG B 114 -32.02 -7.28 -0.20
C ARG B 114 -31.36 -7.44 1.17
N CYS B 115 -30.07 -7.10 1.28
CA CYS B 115 -29.48 -7.11 2.62
C CYS B 115 -30.03 -5.98 3.50
N LEU B 116 -30.55 -4.91 2.92
CA LEU B 116 -31.11 -3.82 3.71
C LEU B 116 -32.41 -4.26 4.39
N THR B 117 -32.56 -3.90 5.66
CA THR B 117 -33.70 -4.31 6.47
C THR B 117 -33.90 -5.82 6.47
N ASP C 8 -47.23 63.21 -10.44
CA ASP C 8 -47.64 64.11 -9.37
C ASP C 8 -48.72 63.46 -8.52
N GLU C 9 -49.74 62.90 -9.19
CA GLU C 9 -50.82 62.21 -8.48
C GLU C 9 -50.29 61.03 -7.69
N TYR C 10 -49.24 60.37 -8.18
CA TYR C 10 -48.67 59.20 -7.51
C TYR C 10 -47.72 59.55 -6.37
N GLU C 11 -47.44 60.85 -6.17
CA GLU C 11 -46.61 61.26 -5.05
C GLU C 11 -47.48 61.37 -3.79
N PHE C 12 -47.07 60.67 -2.74
CA PHE C 12 -47.94 60.40 -1.60
C PHE C 12 -47.95 61.59 -0.64
N ASP C 13 -49.14 62.14 -0.39
CA ASP C 13 -49.28 63.31 0.48
C ASP C 13 -50.42 63.18 1.48
N GLU C 14 -50.98 61.99 1.66
CA GLU C 14 -52.12 61.80 2.53
C GLU C 14 -51.70 61.85 4.00
N ASP C 15 -52.61 62.33 4.84
CA ASP C 15 -52.40 62.33 6.29
C ASP C 15 -53.74 62.20 6.98
N ASP C 16 -53.77 61.46 8.08
CA ASP C 16 -55.00 61.18 8.81
C ASP C 16 -54.75 61.36 10.30
N GLU C 17 -55.76 60.99 11.09
CA GLU C 17 -55.82 61.20 12.54
C GLU C 17 -55.77 62.68 12.92
N GLN C 18 -55.81 63.58 11.94
CA GLN C 18 -56.01 65.00 12.16
C GLN C 18 -57.20 65.52 11.39
N ASP C 19 -58.12 64.63 11.02
CA ASP C 19 -59.30 64.99 10.24
C ASP C 19 -60.36 65.60 11.15
N ARG C 20 -61.11 66.56 10.61
CA ARG C 20 -62.16 67.21 11.37
C ARG C 20 -63.39 66.31 11.41
N VAL C 21 -63.93 66.12 12.62
CA VAL C 21 -65.05 65.18 12.80
C VAL C 21 -66.29 65.73 12.10
N PRO C 22 -67.13 64.88 11.53
CA PRO C 22 -68.33 65.38 10.85
C PRO C 22 -69.28 66.00 11.85
N PRO C 23 -70.05 67.01 11.44
CA PRO C 23 -70.99 67.66 12.37
C PRO C 23 -72.09 66.71 12.83
N VAL C 24 -72.89 66.22 11.89
CA VAL C 24 -73.96 65.27 12.18
C VAL C 24 -73.56 63.95 11.55
N ASP C 25 -73.12 62.99 12.38
CA ASP C 25 -72.78 61.67 11.88
C ASP C 25 -73.99 60.93 11.33
N ASP C 26 -75.20 61.30 11.76
CA ASP C 26 -76.39 60.58 11.34
C ASP C 26 -76.73 60.85 9.88
N LYS C 27 -76.39 62.03 9.37
CA LYS C 27 -76.61 62.39 7.97
C LYS C 27 -75.27 62.77 7.35
N HIS C 28 -74.61 61.79 6.72
CA HIS C 28 -73.36 62.04 6.01
C HIS C 28 -73.56 62.47 4.56
N LEU C 29 -74.73 62.21 3.98
CA LEU C 29 -75.02 62.56 2.60
C LEU C 29 -75.61 63.95 2.45
N LEU C 30 -75.66 64.74 3.54
CA LEU C 30 -76.31 66.05 3.62
C LEU C 30 -76.27 66.83 2.32
N LYS C 31 -75.08 66.99 1.74
CA LYS C 31 -74.96 67.65 0.45
C LYS C 31 -74.93 66.62 -0.68
N MET D 7 16.12 -23.59 -44.78
CA MET D 7 15.90 -23.13 -43.41
C MET D 7 16.27 -24.24 -42.43
N MET D 8 16.42 -25.47 -42.94
CA MET D 8 16.74 -26.60 -42.08
C MET D 8 18.22 -26.69 -41.72
N LEU D 9 19.08 -25.89 -42.34
CA LEU D 9 20.51 -25.97 -42.05
C LEU D 9 20.78 -25.78 -40.56
N PHE D 10 20.18 -24.74 -39.97
CA PHE D 10 20.31 -24.52 -38.54
C PHE D 10 19.76 -25.70 -37.75
N GLU D 11 18.64 -26.27 -38.21
CA GLU D 11 18.08 -27.44 -37.51
C GLU D 11 19.02 -28.64 -37.63
N VAL D 12 19.62 -28.84 -38.80
CA VAL D 12 20.54 -29.95 -38.99
C VAL D 12 21.73 -29.82 -38.07
N VAL D 13 22.25 -28.59 -37.91
CA VAL D 13 23.37 -28.40 -37.00
C VAL D 13 22.92 -28.57 -35.55
N LYS D 14 21.72 -28.10 -35.23
CA LYS D 14 21.23 -28.11 -33.85
C LYS D 14 21.01 -29.55 -33.36
N MET D 15 20.25 -30.34 -34.12
CA MET D 15 19.91 -31.68 -33.66
C MET D 15 19.83 -32.69 -34.79
N GLY D 16 20.42 -32.40 -35.96
CA GLY D 16 20.34 -33.34 -37.06
C GLY D 16 21.09 -34.62 -36.81
N LYS D 17 22.13 -34.56 -35.96
CA LYS D 17 22.91 -35.73 -35.57
C LYS D 17 23.49 -36.41 -36.82
N SER D 18 23.75 -35.62 -37.85
CA SER D 18 24.43 -36.08 -39.04
C SER D 18 25.80 -35.42 -39.14
N ALA D 19 26.78 -36.19 -39.60
CA ALA D 19 28.16 -35.72 -39.64
C ALA D 19 28.27 -34.40 -40.38
N MET D 20 28.85 -33.40 -39.70
CA MET D 20 29.00 -32.08 -40.31
C MET D 20 29.77 -32.14 -41.62
N GLN D 21 30.63 -33.15 -41.79
CA GLN D 21 31.29 -33.37 -43.07
C GLN D 21 30.27 -33.51 -44.20
N SER D 22 29.27 -34.38 -44.02
CA SER D 22 28.30 -34.62 -45.07
C SER D 22 27.47 -33.37 -45.33
N VAL D 23 27.12 -32.64 -44.28
CA VAL D 23 26.34 -31.40 -44.44
C VAL D 23 27.13 -30.39 -45.26
N VAL D 24 28.41 -30.23 -44.93
CA VAL D 24 29.26 -29.29 -45.65
C VAL D 24 29.39 -29.70 -47.12
N ASP D 25 29.55 -31.00 -47.38
CA ASP D 25 29.67 -31.46 -48.76
C ASP D 25 28.38 -31.22 -49.54
N ASP D 26 27.23 -31.42 -48.88
CA ASP D 26 25.96 -31.10 -49.52
C ASP D 26 25.87 -29.61 -49.87
N TRP D 27 26.28 -28.75 -48.93
CA TRP D 27 26.26 -27.32 -49.21
C TRP D 27 27.19 -26.97 -50.37
N ILE D 28 28.33 -27.65 -50.46
CA ILE D 28 29.27 -27.37 -51.55
C ILE D 28 28.69 -27.81 -52.88
N GLU D 29 27.99 -28.95 -52.91
CA GLU D 29 27.31 -29.36 -54.12
C GLU D 29 26.26 -28.34 -54.52
N SER D 30 25.51 -27.81 -53.55
CA SER D 30 24.55 -26.75 -53.84
C SER D 30 25.24 -25.51 -54.40
N TYR D 31 26.41 -25.16 -53.86
CA TYR D 31 27.18 -24.04 -54.39
C TYR D 31 27.56 -24.29 -55.84
N LYS D 32 27.91 -25.52 -56.18
CA LYS D 32 28.19 -25.86 -57.57
C LYS D 32 26.95 -25.65 -58.43
N HIS D 33 25.78 -26.09 -57.94
CA HIS D 33 24.55 -25.89 -58.70
C HIS D 33 24.24 -24.42 -58.89
N ASP D 34 24.08 -23.68 -57.79
CA ASP D 34 23.81 -22.25 -57.82
C ASP D 34 24.54 -21.61 -56.66
N ARG D 35 25.49 -20.72 -56.97
CA ARG D 35 26.30 -20.10 -55.92
C ARG D 35 25.47 -19.19 -55.04
N ASP D 36 24.62 -18.36 -55.66
CA ASP D 36 23.85 -17.37 -54.91
C ASP D 36 22.89 -18.06 -53.94
N ILE D 37 22.28 -19.16 -54.37
CA ILE D 37 21.30 -19.85 -53.53
C ILE D 37 21.96 -20.42 -52.29
N ALA D 38 23.11 -21.09 -52.47
CA ALA D 38 23.83 -21.64 -51.33
C ALA D 38 24.36 -20.54 -50.43
N LEU D 39 24.79 -19.41 -51.01
CA LEU D 39 25.26 -18.30 -50.19
C LEU D 39 24.13 -17.73 -49.34
N LEU D 40 22.94 -17.61 -49.92
CA LEU D 40 21.79 -17.16 -49.14
C LEU D 40 21.49 -18.13 -48.02
N ASP D 41 21.53 -19.43 -48.30
CA ASP D 41 21.30 -20.42 -47.26
C ASP D 41 22.34 -20.33 -46.15
N LEU D 42 23.59 -20.01 -46.49
CA LEU D 42 24.64 -19.92 -45.48
C LEU D 42 24.46 -18.66 -44.62
N ILE D 43 24.17 -17.53 -45.27
CA ILE D 43 23.86 -16.31 -44.54
C ILE D 43 22.74 -16.56 -43.54
N ASN D 44 21.64 -17.15 -44.02
CA ASN D 44 20.54 -17.47 -43.14
C ASN D 44 20.94 -18.49 -42.08
N PHE D 45 21.85 -19.41 -42.40
CA PHE D 45 22.32 -20.36 -41.40
C PHE D 45 22.92 -19.62 -40.21
N PHE D 46 23.81 -18.66 -40.48
CA PHE D 46 24.38 -17.87 -39.39
C PHE D 46 23.30 -17.08 -38.65
N ILE D 47 22.39 -16.45 -39.40
CA ILE D 47 21.33 -15.66 -38.78
C ILE D 47 20.50 -16.50 -37.83
N GLN D 48 20.04 -17.67 -38.29
CA GLN D 48 19.25 -18.57 -37.46
C GLN D 48 20.06 -19.10 -36.28
N CYS D 49 21.35 -19.36 -36.49
CA CYS D 49 22.21 -19.76 -35.37
C CYS D 49 22.25 -18.68 -34.29
N SER D 50 22.06 -17.42 -34.68
CA SER D 50 21.90 -16.40 -33.64
C SER D 50 20.54 -16.46 -32.94
N GLY D 51 19.69 -17.43 -33.25
CA GLY D 51 18.37 -17.52 -32.67
C GLY D 51 17.30 -16.74 -33.40
N CYS D 52 17.68 -15.92 -34.38
CA CYS D 52 16.72 -15.14 -35.15
C CYS D 52 15.74 -16.06 -35.88
N LYS D 53 14.45 -15.75 -35.79
CA LYS D 53 13.43 -16.49 -36.49
C LYS D 53 13.17 -15.98 -37.90
N GLY D 54 13.82 -14.88 -38.29
CA GLY D 54 13.59 -14.32 -39.61
C GLY D 54 14.46 -14.97 -40.67
N VAL D 55 14.13 -14.66 -41.92
CA VAL D 55 14.80 -15.22 -43.09
C VAL D 55 15.20 -14.08 -44.02
N VAL D 56 16.42 -14.15 -44.56
CA VAL D 56 16.92 -13.14 -45.47
C VAL D 56 16.48 -13.47 -46.89
N THR D 57 15.91 -12.47 -47.57
CA THR D 57 15.44 -12.66 -48.93
C THR D 57 16.62 -12.58 -49.91
N ALA D 58 16.38 -13.11 -51.12
CA ALA D 58 17.38 -13.03 -52.17
C ALA D 58 17.61 -11.59 -52.60
N GLU D 59 16.53 -10.80 -52.66
CA GLU D 59 16.67 -9.38 -52.99
C GLU D 59 17.50 -8.65 -51.94
N MET D 60 17.32 -9.01 -50.67
CA MET D 60 18.12 -8.43 -49.60
C MET D 60 19.61 -8.69 -49.85
N PHE D 61 19.96 -9.95 -50.10
CA PHE D 61 21.36 -10.30 -50.35
C PHE D 61 21.90 -9.64 -51.61
N ARG D 62 21.03 -9.38 -52.59
CA ARG D 62 21.48 -8.83 -53.86
C ARG D 62 21.69 -7.32 -53.79
N HIS D 63 20.75 -6.59 -53.19
CA HIS D 63 20.83 -5.13 -53.09
C HIS D 63 21.14 -4.63 -51.68
N MET D 64 20.38 -5.08 -50.69
CA MET D 64 20.48 -4.51 -49.35
C MET D 64 21.86 -4.75 -48.75
N GLN D 65 22.42 -3.72 -48.12
CA GLN D 65 23.68 -3.86 -47.43
C GLN D 65 23.49 -4.67 -46.14
N ASN D 66 24.58 -5.27 -45.67
CA ASN D 66 24.49 -6.17 -44.51
C ASN D 66 23.89 -5.46 -43.30
N SER D 67 24.20 -4.17 -43.11
CA SER D 67 23.70 -3.45 -41.95
C SER D 67 22.18 -3.39 -41.94
N GLU D 68 21.58 -3.01 -43.07
CA GLU D 68 20.13 -2.93 -43.15
C GLU D 68 19.50 -4.32 -43.04
N ILE D 69 20.16 -5.33 -43.58
CA ILE D 69 19.67 -6.71 -43.43
C ILE D 69 19.65 -7.09 -41.96
N ILE D 70 20.68 -6.70 -41.20
CA ILE D 70 20.73 -7.03 -39.78
C ILE D 70 19.64 -6.28 -39.03
N ARG D 71 19.40 -5.02 -39.38
CA ARG D 71 18.31 -4.28 -38.77
C ARG D 71 16.98 -4.97 -39.00
N LYS D 72 16.72 -5.36 -40.25
CA LYS D 72 15.49 -6.07 -40.57
C LYS D 72 15.40 -7.38 -39.78
N MET D 73 16.53 -8.06 -39.60
CA MET D 73 16.52 -9.31 -38.84
C MET D 73 16.21 -9.06 -37.36
N THR D 74 16.72 -7.97 -36.81
CA THR D 74 16.32 -7.59 -35.45
C THR D 74 14.81 -7.43 -35.37
N GLU D 75 14.21 -6.79 -36.37
CA GLU D 75 12.76 -6.68 -36.37
C GLU D 75 12.10 -8.06 -36.48
N GLU D 76 12.58 -8.91 -37.37
CA GLU D 76 11.98 -10.23 -37.62
C GLU D 76 12.44 -11.30 -36.61
N PHE D 77 13.13 -10.90 -35.54
CA PHE D 77 13.67 -11.88 -34.60
C PHE D 77 12.56 -12.73 -33.98
N ASP D 78 11.41 -12.12 -33.68
CA ASP D 78 10.27 -12.82 -33.08
C ASP D 78 10.69 -13.60 -31.83
N GLU D 79 11.68 -13.08 -31.12
CA GLU D 79 12.15 -13.74 -29.91
C GLU D 79 11.09 -13.67 -28.82
N ASP D 80 11.06 -14.70 -27.98
CA ASP D 80 10.20 -14.71 -26.81
C ASP D 80 10.96 -14.34 -25.54
N SER D 81 12.28 -14.35 -25.58
CA SER D 81 13.11 -13.97 -24.44
C SER D 81 14.47 -13.54 -24.96
N GLY D 82 15.33 -13.10 -24.03
CA GLY D 82 16.68 -12.71 -24.41
C GLY D 82 17.63 -13.85 -24.64
N ASP D 83 17.19 -15.09 -24.40
CA ASP D 83 18.05 -16.25 -24.60
C ASP D 83 18.29 -16.49 -26.08
N TYR D 84 19.53 -16.83 -26.42
CA TYR D 84 19.90 -17.27 -27.74
C TYR D 84 20.68 -18.57 -27.62
N PRO D 85 20.80 -19.34 -28.73
CA PRO D 85 21.37 -20.70 -28.62
C PRO D 85 22.69 -20.80 -27.88
N LEU D 86 23.59 -19.82 -28.04
CA LEU D 86 24.88 -19.90 -27.37
C LEU D 86 24.73 -19.73 -25.86
N THR D 87 23.79 -18.88 -25.43
CA THR D 87 23.53 -18.71 -24.00
C THR D 87 22.63 -19.81 -23.45
N MET D 88 21.80 -20.42 -24.28
CA MET D 88 20.87 -21.44 -23.82
C MET D 88 21.62 -22.63 -23.25
N ALA D 89 21.19 -23.08 -22.07
CA ALA D 89 21.81 -24.22 -21.42
C ALA D 89 21.10 -25.51 -21.83
N GLY D 90 21.73 -26.63 -21.51
CA GLY D 90 21.19 -27.93 -21.85
C GLY D 90 22.12 -28.71 -22.76
N PRO D 91 22.00 -30.04 -22.74
CA PRO D 91 22.92 -30.87 -23.53
C PRO D 91 22.81 -30.63 -25.03
N GLN D 92 21.59 -30.53 -25.54
CA GLN D 92 21.38 -30.30 -26.97
C GLN D 92 22.10 -29.05 -27.43
N TRP D 93 22.07 -28.00 -26.62
CA TRP D 93 22.69 -26.74 -27.02
C TRP D 93 24.21 -26.78 -26.92
N LYS D 94 24.75 -27.57 -25.98
CA LYS D 94 26.20 -27.79 -25.94
C LYS D 94 26.66 -28.51 -27.21
N LYS D 95 25.96 -29.60 -27.57
CA LYS D 95 26.24 -30.28 -28.83
C LYS D 95 26.12 -29.33 -30.01
N PHE D 96 25.15 -28.42 -29.97
CA PHE D 96 24.97 -27.46 -31.05
C PHE D 96 26.16 -26.51 -31.15
N LYS D 97 26.65 -26.01 -30.02
CA LYS D 97 27.84 -25.15 -30.05
C LYS D 97 29.01 -25.86 -30.69
N SER D 98 29.29 -27.08 -30.23
CA SER D 98 30.40 -27.83 -30.81
C SER D 98 30.21 -28.07 -32.31
N SER D 99 28.98 -28.42 -32.71
CA SER D 99 28.72 -28.68 -34.12
C SER D 99 28.81 -27.41 -34.97
N PHE D 100 28.47 -26.26 -34.38
CA PHE D 100 28.59 -24.99 -35.09
C PHE D 100 30.05 -24.68 -35.41
N CYS D 101 30.90 -24.76 -34.39
CA CYS D 101 32.33 -24.55 -34.62
C CYS D 101 32.88 -25.55 -35.62
N GLU D 102 32.52 -26.83 -35.47
CA GLU D 102 33.00 -27.86 -36.37
C GLU D 102 32.52 -27.61 -37.80
N PHE D 103 31.28 -27.16 -37.96
CA PHE D 103 30.78 -26.80 -39.28
C PHE D 103 31.65 -25.75 -39.95
N ILE D 104 31.98 -24.69 -39.21
CA ILE D 104 32.84 -23.66 -39.80
C ILE D 104 34.17 -24.28 -40.24
N GLY D 105 34.79 -25.06 -39.36
CA GLY D 105 36.09 -25.63 -39.70
C GLY D 105 36.03 -26.54 -40.91
N VAL D 106 35.01 -27.41 -40.97
CA VAL D 106 34.88 -28.35 -42.08
C VAL D 106 34.60 -27.62 -43.38
N LEU D 107 33.75 -26.58 -43.34
CA LEU D 107 33.50 -25.80 -44.54
C LEU D 107 34.79 -25.24 -45.10
N VAL D 108 35.61 -24.64 -44.23
CA VAL D 108 36.87 -24.07 -44.71
C VAL D 108 37.74 -25.16 -45.32
N ARG D 109 37.93 -26.26 -44.58
CA ARG D 109 38.81 -27.33 -45.08
C ARG D 109 38.31 -27.92 -46.40
N GLN D 110 37.01 -27.94 -46.62
CA GLN D 110 36.48 -28.50 -47.86
C GLN D 110 36.62 -27.54 -49.03
N CYS D 111 36.57 -26.25 -48.78
CA CYS D 111 36.80 -25.29 -49.85
C CYS D 111 38.25 -24.83 -49.96
N GLN D 112 39.15 -25.35 -49.14
CA GLN D 112 40.48 -24.76 -48.98
C GLN D 112 41.37 -24.88 -50.22
N TYR D 113 40.93 -25.59 -51.27
CA TYR D 113 41.77 -25.78 -52.45
C TYR D 113 41.19 -25.14 -53.71
N SER D 114 39.99 -24.58 -53.66
CA SER D 114 39.35 -24.07 -54.87
C SER D 114 38.34 -22.97 -54.55
N ILE D 115 37.24 -23.36 -53.91
CA ILE D 115 36.14 -22.42 -53.65
C ILE D 115 36.62 -21.26 -52.77
N ILE D 116 37.55 -21.52 -51.85
CA ILE D 116 38.09 -20.47 -50.99
C ILE D 116 38.66 -19.32 -51.81
N TYR D 117 39.21 -19.60 -52.99
CA TYR D 117 39.82 -18.58 -53.83
C TYR D 117 38.86 -18.08 -54.91
N ASP D 118 37.55 -18.27 -54.73
CA ASP D 118 36.58 -17.85 -55.75
C ASP D 118 36.27 -16.36 -55.71
N GLU D 119 36.73 -15.65 -54.68
CA GLU D 119 36.42 -14.23 -54.49
C GLU D 119 34.92 -14.00 -54.44
N TYR D 120 34.19 -14.91 -53.81
CA TYR D 120 32.74 -14.77 -53.73
C TYR D 120 32.21 -15.25 -52.37
N MET D 121 32.36 -16.55 -52.08
CA MET D 121 31.73 -17.07 -50.86
C MET D 121 32.54 -16.73 -49.62
N MET D 122 33.87 -16.76 -49.69
CA MET D 122 34.66 -16.20 -48.59
C MET D 122 34.32 -14.72 -48.39
N ASP D 123 34.38 -13.93 -49.45
CA ASP D 123 34.04 -12.51 -49.36
C ASP D 123 32.69 -12.34 -48.66
N THR D 124 31.68 -13.09 -49.13
CA THR D 124 30.35 -13.01 -48.54
C THR D 124 30.36 -13.36 -47.06
N VAL D 125 31.05 -14.45 -46.70
CA VAL D 125 30.99 -14.94 -45.33
C VAL D 125 31.67 -13.98 -44.36
N ILE D 126 32.90 -13.55 -44.69
CA ILE D 126 33.57 -12.59 -43.81
C ILE D 126 32.79 -11.28 -43.75
N SER D 127 32.19 -10.84 -44.86
CA SER D 127 31.41 -9.62 -44.83
C SER D 127 30.23 -9.73 -43.86
N LEU D 128 29.43 -10.79 -44.01
CA LEU D 128 28.28 -10.98 -43.14
C LEU D 128 28.71 -11.11 -41.67
N LEU D 129 29.77 -11.88 -41.42
CA LEU D 129 30.20 -12.12 -40.05
C LEU D 129 30.66 -10.83 -39.39
N THR D 130 31.46 -10.02 -40.10
CA THR D 130 31.94 -8.77 -39.50
C THR D 130 30.80 -7.78 -39.32
N GLY D 131 29.84 -7.77 -40.26
CA GLY D 131 28.67 -6.92 -40.07
C GLY D 131 27.90 -7.29 -38.81
N LEU D 132 27.66 -8.59 -38.62
CA LEU D 132 26.98 -9.03 -37.40
C LEU D 132 27.81 -8.75 -36.16
N SER D 133 29.14 -8.84 -36.26
CA SER D 133 30.00 -8.51 -35.13
C SER D 133 29.90 -7.04 -34.77
N ASP D 134 29.54 -6.18 -35.73
CA ASP D 134 29.30 -4.77 -35.40
C ASP D 134 27.97 -4.53 -34.71
N SER D 135 27.02 -5.46 -34.82
CA SER D 135 25.65 -5.21 -34.35
C SER D 135 25.61 -5.07 -32.83
N GLN D 136 24.70 -4.20 -32.36
CA GLN D 136 24.47 -4.06 -30.92
C GLN D 136 23.74 -5.25 -30.33
N VAL D 137 23.03 -6.03 -31.15
CA VAL D 137 22.33 -7.20 -30.65
C VAL D 137 23.34 -8.21 -30.13
N ARG D 138 23.19 -8.61 -28.86
CA ARG D 138 24.17 -9.52 -28.26
C ARG D 138 24.16 -10.87 -28.95
N ALA D 139 22.98 -11.33 -29.39
CA ALA D 139 22.92 -12.63 -30.08
C ALA D 139 23.77 -12.61 -31.34
N PHE D 140 23.52 -11.64 -32.22
CA PHE D 140 24.30 -11.52 -33.45
C PHE D 140 25.78 -11.37 -33.15
N ARG D 141 26.12 -10.45 -32.23
CA ARG D 141 27.54 -10.18 -31.96
C ARG D 141 28.26 -11.41 -31.43
N HIS D 142 27.67 -12.07 -30.43
CA HIS D 142 28.26 -13.25 -29.83
C HIS D 142 28.46 -14.35 -30.87
N THR D 143 27.37 -14.71 -31.58
CA THR D 143 27.46 -15.79 -32.55
C THR D 143 28.47 -15.47 -33.65
N SER D 144 28.44 -14.23 -34.17
CA SER D 144 29.31 -13.87 -35.28
C SER D 144 30.77 -13.83 -34.85
N THR D 145 31.04 -13.35 -33.63
CA THR D 145 32.42 -13.31 -33.17
C THR D 145 32.98 -14.71 -33.00
N LEU D 146 32.19 -15.61 -32.41
CA LEU D 146 32.64 -17.00 -32.29
C LEU D 146 32.91 -17.61 -33.66
N ALA D 147 31.98 -17.39 -34.59
CA ALA D 147 32.14 -17.93 -35.94
C ALA D 147 33.38 -17.35 -36.63
N ALA D 148 33.64 -16.06 -36.42
CA ALA D 148 34.79 -15.43 -37.07
C ALA D 148 36.10 -15.94 -36.49
N MET D 149 36.15 -16.17 -35.18
CA MET D 149 37.36 -16.74 -34.59
C MET D 149 37.60 -18.16 -35.12
N LYS D 150 36.55 -18.97 -35.21
CA LYS D 150 36.74 -20.32 -35.74
C LYS D 150 37.18 -20.29 -37.21
N LEU D 151 36.53 -19.44 -38.01
CA LEU D 151 36.90 -19.26 -39.41
C LEU D 151 38.36 -18.83 -39.54
N MET D 152 38.81 -17.91 -38.69
CA MET D 152 40.19 -17.45 -38.81
C MET D 152 41.18 -18.54 -38.39
N THR D 153 40.82 -19.34 -37.38
CA THR D 153 41.69 -20.46 -37.03
C THR D 153 41.84 -21.41 -38.21
N ALA D 154 40.74 -21.73 -38.89
CA ALA D 154 40.82 -22.58 -40.07
C ALA D 154 41.66 -21.94 -41.17
N LEU D 155 41.51 -20.62 -41.37
CA LEU D 155 42.32 -19.92 -42.36
C LEU D 155 43.80 -19.96 -41.99
N VAL D 156 44.10 -19.89 -40.70
CA VAL D 156 45.49 -19.98 -40.24
C VAL D 156 46.07 -21.34 -40.58
N ASN D 157 45.29 -22.40 -40.37
CA ASN D 157 45.77 -23.73 -40.75
C ASN D 157 46.01 -23.81 -42.26
N VAL D 158 45.11 -23.21 -43.05
CA VAL D 158 45.31 -23.16 -44.49
C VAL D 158 46.63 -22.47 -44.84
N ALA D 159 46.88 -21.32 -44.21
CA ALA D 159 48.09 -20.56 -44.50
C ALA D 159 49.34 -21.32 -44.08
N LEU D 160 49.27 -22.04 -42.97
CA LEU D 160 50.41 -22.86 -42.53
C LEU D 160 50.70 -23.96 -43.54
N ASN D 161 49.66 -24.64 -44.02
CA ASN D 161 49.86 -25.67 -45.05
C ASN D 161 50.44 -25.05 -46.32
N LEU D 162 49.99 -23.85 -46.69
CA LEU D 162 50.54 -23.17 -47.85
C LEU D 162 52.03 -22.90 -47.68
N SER D 163 52.43 -22.44 -46.49
CA SER D 163 53.84 -22.16 -46.25
C SER D 163 54.67 -23.44 -46.31
N ILE D 164 54.15 -24.53 -45.75
CA ILE D 164 54.88 -25.80 -45.80
C ILE D 164 55.05 -26.25 -47.26
N ASN D 165 53.98 -26.18 -48.04
CA ASN D 165 54.06 -26.61 -49.43
C ASN D 165 54.99 -25.72 -50.25
N MET D 166 55.02 -24.42 -49.92
CA MET D 166 55.94 -23.51 -50.60
C MET D 166 57.39 -23.82 -50.24
N ASP D 167 57.65 -24.13 -48.97
CA ASP D 167 58.99 -24.58 -48.60
C ASP D 167 59.37 -25.84 -49.38
N ASN D 168 58.44 -26.77 -49.53
CA ASN D 168 58.73 -27.99 -50.27
C ASN D 168 59.03 -27.70 -51.74
N THR D 169 58.24 -26.84 -52.37
CA THR D 169 58.50 -26.49 -53.77
C THR D 169 59.83 -25.76 -53.91
N GLN D 170 60.16 -24.88 -52.97
CA GLN D 170 61.42 -24.15 -53.04
C GLN D 170 62.60 -25.10 -52.90
N ARG D 171 62.53 -26.02 -51.94
CA ARG D 171 63.63 -26.96 -51.73
C ARG D 171 63.73 -27.96 -52.88
N GLN D 172 62.60 -28.33 -53.48
CA GLN D 172 62.59 -29.21 -54.63
C GLN D 172 63.21 -28.53 -55.84
N TYR D 173 62.88 -27.25 -56.04
CA TYR D 173 63.52 -26.46 -57.09
C TYR D 173 65.02 -26.33 -56.84
N GLU D 174 65.41 -26.18 -55.56
CA GLU D 174 66.83 -26.09 -55.25
C GLU D 174 67.55 -27.40 -55.55
N ALA D 175 66.88 -28.53 -55.29
CA ALA D 175 67.48 -29.82 -55.60
C ALA D 175 67.62 -30.01 -57.11
N GLU D 176 66.55 -29.69 -57.86
CA GLU D 176 66.65 -29.77 -59.32
C GLU D 176 67.71 -28.82 -59.86
N ARG D 177 67.86 -27.64 -59.24
CA ARG D 177 68.93 -26.74 -59.61
C ARG D 177 70.28 -27.43 -59.43
N ASN D 178 70.53 -27.92 -58.22
CA ASN D 178 71.82 -28.50 -57.89
C ASN D 178 72.20 -29.63 -58.84
N LYS D 179 71.21 -30.33 -59.39
CA LYS D 179 71.48 -31.33 -60.42
C LYS D 179 72.05 -30.63 -61.67
N MET D 180 73.20 -31.11 -62.14
CA MET D 180 73.86 -30.55 -63.33
C MET D 180 74.17 -29.06 -63.13
N ILE D 181 74.83 -28.75 -62.01
CA ILE D 181 75.07 -27.36 -61.64
C ILE D 181 76.22 -26.76 -62.44
N ALA D 185 65.69 -30.52 -67.39
CA ALA D 185 66.00 -29.95 -66.08
C ALA D 185 65.47 -28.53 -65.96
N ASN D 186 65.83 -27.68 -66.94
CA ASN D 186 65.32 -26.31 -66.96
C ASN D 186 63.80 -26.30 -66.98
N GLU D 187 63.21 -27.19 -67.79
CA GLU D 187 61.77 -27.39 -67.80
C GLU D 187 61.21 -27.56 -66.39
N ARG D 188 61.80 -28.48 -65.62
CA ARG D 188 61.21 -28.85 -64.34
C ARG D 188 61.38 -27.75 -63.30
N LEU D 189 62.58 -27.16 -63.22
CA LEU D 189 62.79 -26.08 -62.27
C LEU D 189 61.93 -24.87 -62.61
N GLU D 190 61.59 -24.69 -63.90
CA GLU D 190 60.79 -23.52 -64.26
C GLU D 190 59.31 -23.77 -63.96
N LEU D 191 58.84 -25.01 -64.18
CA LEU D 191 57.60 -25.48 -63.55
C LEU D 191 57.57 -25.17 -62.06
N LEU D 192 58.65 -25.53 -61.35
CA LEU D 192 58.67 -25.37 -59.90
C LEU D 192 58.56 -23.90 -59.51
N LEU D 193 59.26 -23.03 -60.23
CA LEU D 193 59.15 -21.59 -60.00
C LEU D 193 57.71 -21.12 -60.19
N GLN D 194 57.05 -21.59 -61.25
CA GLN D 194 55.66 -21.17 -61.47
C GLN D 194 54.73 -21.66 -60.38
N LYS D 195 54.93 -22.91 -59.93
CA LYS D 195 54.15 -23.43 -58.81
C LYS D 195 54.35 -22.59 -57.57
N ARG D 196 55.60 -22.16 -57.31
CA ARG D 196 55.88 -21.24 -56.22
C ARG D 196 55.09 -19.94 -56.38
N LYS D 197 55.05 -19.40 -57.59
CA LYS D 197 54.31 -18.15 -57.82
C LYS D 197 52.83 -18.32 -57.49
N GLU D 198 52.24 -19.42 -57.95
CA GLU D 198 50.82 -19.66 -57.69
C GLU D 198 50.55 -19.85 -56.20
N LEU D 199 51.44 -20.56 -55.51
CA LEU D 199 51.30 -20.73 -54.06
C LEU D 199 51.41 -19.39 -53.34
N GLN D 200 52.27 -18.50 -53.83
CA GLN D 200 52.39 -17.17 -53.21
C GLN D 200 51.12 -16.37 -53.40
N GLU D 201 50.48 -16.48 -54.57
CA GLU D 201 49.20 -15.81 -54.77
C GLU D 201 48.14 -16.35 -53.81
N ASN D 202 48.08 -17.67 -53.65
CA ASN D 202 47.16 -18.26 -52.68
C ASN D 202 47.44 -17.74 -51.27
N GLN D 203 48.72 -17.63 -50.91
CA GLN D 203 49.08 -17.14 -49.58
C GLN D 203 48.61 -15.70 -49.40
N ASP D 204 48.78 -14.86 -50.43
CA ASP D 204 48.30 -13.48 -50.34
C ASP D 204 46.80 -13.42 -50.16
N GLU D 205 46.06 -14.31 -50.84
CA GLU D 205 44.61 -14.29 -50.71
C GLU D 205 44.19 -14.69 -49.30
N ILE D 206 44.76 -15.78 -48.78
CA ILE D 206 44.48 -16.20 -47.41
C ILE D 206 44.90 -15.11 -46.42
N GLU D 207 45.97 -14.38 -46.71
CA GLU D 207 46.40 -13.31 -45.83
C GLU D 207 45.41 -12.15 -45.82
N ASN D 208 44.87 -11.80 -46.99
CA ASN D 208 43.81 -10.79 -47.03
C ASN D 208 42.62 -11.22 -46.17
N MET D 209 42.18 -12.47 -46.32
CA MET D 209 41.07 -12.96 -45.51
C MET D 209 41.38 -12.87 -44.02
N MET D 210 42.56 -13.36 -43.63
CA MET D 210 42.93 -13.40 -42.21
C MET D 210 43.03 -12.00 -41.62
N ASN D 211 43.67 -11.09 -42.35
CA ASN D 211 43.82 -9.72 -41.87
C ASN D 211 42.48 -9.02 -41.79
N ALA D 212 41.58 -9.30 -42.74
CA ALA D 212 40.23 -8.75 -42.67
C ALA D 212 39.53 -9.21 -41.40
N ILE D 213 39.60 -10.51 -41.10
CA ILE D 213 38.95 -11.01 -39.89
C ILE D 213 39.57 -10.39 -38.64
N PHE D 214 40.90 -10.31 -38.59
CA PHE D 214 41.57 -9.80 -37.39
C PHE D 214 41.27 -8.32 -37.17
N LYS D 215 41.51 -7.49 -38.19
CA LYS D 215 41.34 -6.05 -38.04
C LYS D 215 39.88 -5.63 -38.03
N GLY D 216 38.97 -6.51 -38.47
CA GLY D 216 37.57 -6.15 -38.54
C GLY D 216 36.75 -6.67 -37.38
N VAL D 217 37.20 -7.74 -36.74
CA VAL D 217 36.47 -8.38 -35.66
C VAL D 217 37.27 -8.42 -34.37
N PHE D 218 38.49 -8.96 -34.41
CA PHE D 218 39.23 -9.20 -33.17
C PHE D 218 39.51 -7.91 -32.42
N VAL D 219 40.09 -6.92 -33.09
CA VAL D 219 40.47 -5.68 -32.42
C VAL D 219 39.26 -4.97 -31.84
N HIS D 220 38.07 -5.29 -32.32
CA HIS D 220 36.83 -4.75 -31.78
C HIS D 220 36.24 -5.62 -30.68
N ARG D 221 36.34 -6.94 -30.82
CA ARG D 221 35.66 -7.85 -29.92
C ARG D 221 36.53 -8.33 -28.77
N TYR D 222 37.86 -8.22 -28.88
CA TYR D 222 38.71 -8.52 -27.74
C TYR D 222 38.49 -7.55 -26.60
N ARG D 223 37.91 -6.38 -26.88
CA ARG D 223 37.58 -5.37 -25.89
C ARG D 223 36.07 -5.19 -25.78
N ASP D 224 35.32 -6.24 -26.10
CA ASP D 224 33.87 -6.20 -26.05
C ASP D 224 33.38 -5.93 -24.63
N ALA D 225 32.20 -5.33 -24.52
CA ALA D 225 31.63 -5.08 -23.20
C ALA D 225 31.32 -6.39 -22.50
N ILE D 226 30.86 -7.40 -23.24
CA ILE D 226 30.54 -8.69 -22.66
C ILE D 226 31.82 -9.49 -22.48
N ALA D 227 31.99 -10.07 -21.29
CA ALA D 227 33.22 -10.82 -21.00
C ALA D 227 33.31 -12.10 -21.83
N GLU D 228 32.17 -12.71 -22.16
CA GLU D 228 32.16 -13.93 -22.97
C GLU D 228 32.87 -13.72 -24.29
N ILE D 229 32.54 -12.62 -24.98
CA ILE D 229 33.10 -12.34 -26.30
C ILE D 229 34.60 -12.11 -26.19
N ARG D 230 35.02 -11.35 -25.18
CA ARG D 230 36.45 -11.11 -24.96
C ARG D 230 37.20 -12.41 -24.73
N ALA D 231 36.61 -13.30 -23.91
CA ALA D 231 37.27 -14.58 -23.62
C ALA D 231 37.39 -15.42 -24.88
N ILE D 232 36.34 -15.46 -25.69
CA ILE D 232 36.40 -16.17 -26.97
C ILE D 232 37.58 -15.66 -27.80
N CYS D 233 37.67 -14.34 -27.93
CA CYS D 233 38.72 -13.76 -28.77
C CYS D 233 40.12 -14.06 -28.22
N ILE D 234 40.29 -13.94 -26.90
CA ILE D 234 41.60 -14.17 -26.29
C ILE D 234 42.04 -15.62 -26.50
N GLU D 235 41.12 -16.57 -26.25
CA GLU D 235 41.45 -17.97 -26.42
C GLU D 235 41.84 -18.27 -27.86
N GLU D 236 41.12 -17.69 -28.83
CA GLU D 236 41.44 -18.02 -30.21
C GLU D 236 42.73 -17.34 -30.69
N ILE D 237 43.05 -16.15 -30.18
CA ILE D 237 44.33 -15.56 -30.57
C ILE D 237 45.49 -16.37 -29.99
N GLY D 238 45.31 -16.90 -28.77
CA GLY D 238 46.30 -17.83 -28.24
C GLY D 238 46.46 -19.05 -29.12
N ILE D 239 45.35 -19.60 -29.59
CA ILE D 239 45.40 -20.77 -30.48
C ILE D 239 46.20 -20.43 -31.75
N TRP D 240 45.91 -19.27 -32.35
CA TRP D 240 46.62 -18.86 -33.55
C TRP D 240 48.13 -18.75 -33.29
N MET D 241 48.50 -18.15 -32.16
CA MET D 241 49.91 -18.04 -31.83
C MET D 241 50.56 -19.40 -31.66
N LYS D 242 49.84 -20.36 -31.08
CA LYS D 242 50.41 -21.69 -30.88
C LYS D 242 50.58 -22.44 -32.20
N MET D 243 49.55 -22.44 -33.05
CA MET D 243 49.58 -23.30 -34.23
C MET D 243 50.52 -22.79 -35.31
N TYR D 244 50.75 -21.47 -35.38
CA TYR D 244 51.53 -20.85 -36.44
C TYR D 244 52.48 -19.84 -35.78
N SER D 245 53.45 -20.36 -35.02
CA SER D 245 54.31 -19.52 -34.22
C SER D 245 55.08 -18.53 -35.07
N ASP D 246 55.58 -18.97 -36.23
CA ASP D 246 56.41 -18.10 -37.06
C ASP D 246 55.64 -16.90 -37.58
N ALA D 247 54.32 -17.04 -37.75
CA ALA D 247 53.51 -15.97 -38.34
C ALA D 247 52.64 -15.23 -37.34
N PHE D 248 52.30 -15.84 -36.20
CA PHE D 248 51.40 -15.22 -35.26
C PHE D 248 51.97 -15.01 -33.86
N LEU D 249 53.12 -15.59 -33.54
CA LEU D 249 53.80 -15.31 -32.27
C LEU D 249 54.68 -14.08 -32.46
N ASN D 250 54.03 -12.92 -32.35
CA ASN D 250 54.70 -11.63 -32.48
C ASN D 250 54.19 -10.71 -31.39
N ASP D 251 54.92 -9.61 -31.18
CA ASP D 251 54.47 -8.60 -30.24
C ASP D 251 53.13 -8.00 -30.67
N SER D 252 52.91 -7.89 -31.98
CA SER D 252 51.67 -7.31 -32.49
C SER D 252 50.46 -8.12 -32.06
N TYR D 253 50.63 -9.43 -31.83
CA TYR D 253 49.55 -10.29 -31.33
C TYR D 253 49.63 -10.50 -29.83
N LEU D 254 50.83 -10.57 -29.28
CA LEU D 254 51.00 -10.77 -27.84
C LEU D 254 50.48 -9.59 -27.03
N LYS D 255 50.48 -8.40 -27.62
CA LYS D 255 50.06 -7.22 -26.87
C LYS D 255 48.62 -7.33 -26.40
N TYR D 256 47.77 -8.00 -27.17
CA TYR D 256 46.36 -8.11 -26.79
C TYR D 256 46.19 -8.99 -25.56
N VAL D 257 46.90 -10.12 -25.52
CA VAL D 257 46.88 -10.97 -24.33
C VAL D 257 47.46 -10.22 -23.15
N GLY D 258 48.57 -9.51 -23.34
CA GLY D 258 49.18 -8.78 -22.25
C GLY D 258 48.27 -7.69 -21.69
N TRP D 259 47.58 -6.97 -22.56
CA TRP D 259 46.65 -5.94 -22.13
C TRP D 259 45.48 -6.56 -21.38
N THR D 260 44.88 -7.59 -21.97
CA THR D 260 43.67 -8.16 -21.43
C THR D 260 43.97 -8.99 -20.18
N MET D 261 45.25 -9.21 -19.87
CA MET D 261 45.63 -9.76 -18.56
C MET D 261 45.17 -8.87 -17.41
N HIS D 262 44.85 -7.61 -17.68
CA HIS D 262 44.41 -6.67 -16.66
C HIS D 262 42.89 -6.56 -16.58
N ASP D 263 42.17 -7.43 -17.30
CA ASP D 263 40.72 -7.35 -17.30
C ASP D 263 40.15 -7.61 -15.90
N LYS D 264 39.12 -6.85 -15.55
CA LYS D 264 38.52 -6.99 -14.23
C LYS D 264 37.89 -8.36 -14.05
N GLN D 265 37.29 -8.90 -15.11
CA GLN D 265 36.67 -10.22 -15.03
C GLN D 265 37.72 -11.32 -14.94
N GLY D 266 37.48 -12.30 -14.07
CA GLY D 266 38.47 -13.34 -13.85
C GLY D 266 38.53 -14.36 -14.97
N GLU D 267 37.40 -14.63 -15.62
CA GLU D 267 37.38 -15.57 -16.73
C GLU D 267 38.32 -15.14 -17.85
N VAL D 268 38.29 -13.84 -18.17
CA VAL D 268 39.13 -13.31 -19.24
C VAL D 268 40.60 -13.40 -18.86
N ARG D 269 40.93 -13.07 -17.61
CA ARG D 269 42.30 -13.18 -17.13
C ARG D 269 42.81 -14.60 -17.23
N LEU D 270 41.99 -15.57 -16.82
CA LEU D 270 42.36 -16.97 -16.93
C LEU D 270 42.58 -17.38 -18.38
N LYS D 271 41.75 -16.86 -19.29
CA LYS D 271 41.94 -17.19 -20.71
C LYS D 271 43.30 -16.70 -21.18
N CYS D 272 43.66 -15.46 -20.80
CA CYS D 272 44.99 -14.95 -21.14
C CYS D 272 46.10 -15.85 -20.58
N LEU D 273 45.97 -16.25 -19.31
CA LEU D 273 47.01 -17.07 -18.69
C LEU D 273 47.17 -18.42 -19.38
N THR D 274 46.05 -19.06 -19.72
CA THR D 274 46.16 -20.36 -20.40
C THR D 274 46.78 -20.22 -21.78
N ALA D 275 46.36 -19.19 -22.53
CA ALA D 275 47.00 -18.93 -23.82
C ALA D 275 48.50 -18.75 -23.67
N LEU D 276 48.93 -18.01 -22.64
CA LEU D 276 50.36 -17.81 -22.43
C LEU D 276 51.07 -19.11 -22.06
N GLN D 277 50.43 -19.94 -21.22
CA GLN D 277 51.01 -21.22 -20.83
C GLN D 277 51.28 -22.08 -22.05
N GLY D 278 50.35 -22.08 -23.00
CA GLY D 278 50.57 -22.81 -24.23
C GLY D 278 51.89 -22.47 -24.91
N LEU D 279 52.24 -21.18 -24.93
CA LEU D 279 53.48 -20.75 -25.58
C LEU D 279 54.70 -21.03 -24.72
N TYR D 280 54.61 -20.79 -23.42
CA TYR D 280 55.77 -20.99 -22.55
C TYR D 280 56.09 -22.47 -22.37
N TYR D 281 55.14 -23.36 -22.66
CA TYR D 281 55.45 -24.79 -22.64
C TYR D 281 56.43 -25.18 -23.75
N ASN D 282 56.49 -24.40 -24.82
CA ASN D 282 57.25 -24.79 -26.01
C ASN D 282 58.73 -25.02 -25.69
N LYS D 283 59.25 -24.33 -24.69
CA LYS D 283 60.66 -24.40 -24.29
C LYS D 283 61.62 -23.96 -25.39
N GLU D 284 61.10 -23.45 -26.50
CA GLU D 284 61.95 -22.80 -27.48
C GLU D 284 62.40 -21.42 -27.04
N LEU D 285 61.98 -20.97 -25.85
CA LEU D 285 62.49 -19.75 -25.25
C LEU D 285 62.12 -18.55 -26.12
N ASN D 286 61.05 -18.70 -26.89
CA ASN D 286 60.74 -17.87 -28.04
C ASN D 286 61.13 -16.42 -27.83
N SER D 287 61.99 -15.90 -28.70
CA SER D 287 62.58 -14.59 -28.49
C SER D 287 61.52 -13.50 -28.37
N LYS D 288 60.35 -13.73 -28.95
CA LYS D 288 59.24 -12.80 -28.76
C LYS D 288 58.74 -12.87 -27.33
N LEU D 289 58.73 -14.07 -26.76
CA LEU D 289 58.36 -14.23 -25.36
C LEU D 289 59.37 -13.58 -24.43
N GLU D 290 60.62 -13.37 -24.87
CA GLU D 290 61.56 -12.62 -24.03
C GLU D 290 61.06 -11.22 -23.78
N LEU D 291 60.69 -10.51 -24.85
CA LEU D 291 60.17 -9.16 -24.72
C LEU D 291 58.87 -9.16 -23.93
N PHE D 292 57.98 -10.13 -24.21
CA PHE D 292 56.73 -10.19 -23.47
C PHE D 292 56.95 -10.45 -21.98
N THR D 293 57.90 -11.33 -21.64
CA THR D 293 58.23 -11.57 -20.24
C THR D 293 58.72 -10.30 -19.57
N SER D 294 59.72 -9.64 -20.15
CA SER D 294 60.22 -8.42 -19.52
C SER D 294 59.11 -7.40 -19.34
N ARG D 295 58.14 -7.36 -20.26
CA ARG D 295 57.09 -6.34 -20.17
C ARG D 295 56.01 -6.68 -19.14
N PHE D 296 55.65 -7.96 -18.99
CA PHE D 296 54.48 -8.33 -18.18
C PHE D 296 54.82 -9.29 -17.04
N LYS D 297 56.10 -9.42 -16.69
CA LYS D 297 56.53 -10.28 -15.59
C LYS D 297 55.87 -9.87 -14.29
N ASP D 298 55.88 -8.56 -14.00
CA ASP D 298 55.33 -8.08 -12.75
C ASP D 298 53.84 -8.34 -12.66
N ARG D 299 53.13 -8.19 -13.78
CA ARG D 299 51.71 -8.52 -13.80
C ARG D 299 51.47 -9.99 -13.49
N ILE D 300 52.27 -10.89 -14.06
CA ILE D 300 52.11 -12.31 -13.76
C ILE D 300 52.39 -12.59 -12.28
N VAL D 301 53.49 -12.04 -11.77
CA VAL D 301 53.85 -12.25 -10.37
C VAL D 301 52.74 -11.75 -9.45
N SER D 302 52.13 -10.62 -9.81
CA SER D 302 51.01 -10.10 -9.03
C SER D 302 49.79 -11.00 -9.14
N MET D 303 49.54 -11.55 -10.33
CA MET D 303 48.44 -12.48 -10.54
C MET D 303 48.56 -13.73 -9.69
N THR D 304 49.77 -14.06 -9.24
CA THR D 304 49.89 -15.13 -8.24
C THR D 304 49.00 -14.88 -7.01
N LEU D 305 48.68 -13.62 -6.71
CA LEU D 305 47.77 -13.26 -5.63
C LEU D 305 46.46 -12.67 -6.15
N ASP D 306 45.90 -13.28 -7.18
CA ASP D 306 44.69 -12.78 -7.82
C ASP D 306 43.47 -13.02 -6.92
N LYS D 307 42.44 -12.20 -7.13
CA LYS D 307 41.19 -12.35 -6.37
C LYS D 307 40.56 -13.71 -6.63
N GLU D 308 40.67 -14.23 -7.85
CA GLU D 308 40.19 -15.57 -8.18
C GLU D 308 41.34 -16.55 -7.95
N TYR D 309 41.09 -17.55 -7.08
CA TYR D 309 42.14 -18.51 -6.75
C TYR D 309 42.58 -19.32 -7.96
N ASP D 310 41.65 -19.68 -8.84
CA ASP D 310 41.99 -20.44 -10.03
C ASP D 310 42.98 -19.67 -10.91
N VAL D 311 42.72 -18.37 -11.12
CA VAL D 311 43.65 -17.53 -11.87
C VAL D 311 45.02 -17.51 -11.19
N ALA D 312 45.03 -17.47 -9.86
CA ALA D 312 46.30 -17.43 -9.13
C ALA D 312 47.09 -18.72 -9.33
N VAL D 313 46.40 -19.87 -9.27
CA VAL D 313 47.06 -21.15 -9.50
C VAL D 313 47.66 -21.19 -10.91
N GLN D 314 46.89 -20.73 -11.91
CA GLN D 314 47.42 -20.70 -13.27
C GLN D 314 48.61 -19.76 -13.39
N ALA D 315 48.59 -18.64 -12.67
CA ALA D 315 49.72 -17.72 -12.72
C ALA D 315 50.97 -18.35 -12.14
N ILE D 316 50.84 -19.07 -11.02
CA ILE D 316 51.99 -19.77 -10.45
C ILE D 316 52.50 -20.83 -11.41
N LYS D 317 51.59 -21.58 -12.04
CA LYS D 317 52.00 -22.58 -13.03
C LYS D 317 52.79 -21.93 -14.15
N LEU D 318 52.29 -20.79 -14.66
CA LEU D 318 52.99 -20.07 -15.71
C LEU D 318 54.37 -19.62 -15.26
N LEU D 319 54.49 -19.19 -14.00
CA LEU D 319 55.79 -18.76 -13.49
C LEU D 319 56.76 -19.94 -13.42
N THR D 320 56.26 -21.13 -13.05
CA THR D 320 57.13 -22.31 -13.08
C THR D 320 57.57 -22.63 -14.50
N LEU D 321 56.67 -22.45 -15.48
CA LEU D 321 57.07 -22.65 -16.88
C LEU D 321 58.18 -21.67 -17.27
N VAL D 322 57.97 -20.39 -16.96
CA VAL D 322 58.97 -19.36 -17.24
C VAL D 322 60.30 -19.71 -16.56
N LEU D 323 60.24 -20.30 -15.37
CA LEU D 323 61.45 -20.72 -14.68
C LEU D 323 62.14 -21.85 -15.45
N GLN D 324 61.38 -22.86 -15.86
CA GLN D 324 61.94 -23.94 -16.66
C GLN D 324 62.64 -23.39 -17.91
N SER D 325 62.08 -22.34 -18.49
CA SER D 325 62.63 -21.79 -19.73
C SER D 325 63.90 -20.95 -19.46
N SER D 326 63.76 -19.83 -18.74
CA SER D 326 64.87 -18.91 -18.53
C SER D 326 65.75 -19.26 -17.34
N GLU D 327 65.14 -19.65 -16.23
CA GLU D 327 65.81 -19.98 -14.97
C GLU D 327 66.32 -18.74 -14.23
N GLU D 328 66.53 -17.62 -14.94
CA GLU D 328 67.09 -16.44 -14.32
C GLU D 328 66.24 -15.17 -14.43
N VAL D 329 65.24 -15.14 -15.30
CA VAL D 329 64.53 -13.90 -15.56
C VAL D 329 63.65 -13.51 -14.39
N LEU D 330 63.26 -14.48 -13.55
CA LEU D 330 62.27 -14.24 -12.52
C LEU D 330 62.76 -13.31 -11.42
N THR D 331 64.08 -13.20 -11.21
CA THR D 331 64.74 -12.51 -10.09
C THR D 331 64.30 -13.03 -8.73
N ALA D 332 65.14 -12.77 -7.71
CA ALA D 332 64.95 -13.38 -6.40
C ALA D 332 63.73 -12.83 -5.67
N GLU D 333 63.42 -11.55 -5.87
CA GLU D 333 62.28 -10.95 -5.18
C GLU D 333 60.97 -11.64 -5.58
N ASP D 334 60.77 -11.83 -6.88
CA ASP D 334 59.56 -12.48 -7.36
C ASP D 334 59.50 -13.93 -6.88
N CYS D 335 60.65 -14.61 -6.89
CA CYS D 335 60.72 -15.96 -6.35
C CYS D 335 60.28 -16.00 -4.89
N GLU D 336 60.69 -15.00 -4.10
CA GLU D 336 60.27 -14.95 -2.70
C GLU D 336 58.76 -14.75 -2.60
N ASN D 337 58.21 -13.89 -3.46
CA ASN D 337 56.76 -13.70 -3.51
C ASN D 337 56.04 -15.04 -3.73
N VAL D 338 56.53 -15.83 -4.68
CA VAL D 338 55.90 -17.14 -4.92
C VAL D 338 56.16 -18.10 -3.75
N TYR D 339 57.34 -18.01 -3.13
CA TYR D 339 57.64 -18.87 -1.98
C TYR D 339 56.61 -18.70 -0.88
N HIS D 340 56.25 -17.45 -0.58
CA HIS D 340 55.33 -17.21 0.53
C HIS D 340 53.98 -17.90 0.35
N LEU D 341 53.61 -18.23 -0.89
CA LEU D 341 52.31 -18.85 -1.16
C LEU D 341 52.24 -20.31 -0.71
N VAL D 342 53.36 -20.95 -0.41
CA VAL D 342 53.30 -22.32 0.09
C VAL D 342 52.65 -22.39 1.45
N TYR D 343 52.59 -21.27 2.18
CA TYR D 343 51.90 -21.19 3.46
C TYR D 343 50.47 -20.70 3.32
N SER D 344 49.96 -20.62 2.10
CA SER D 344 48.59 -20.18 1.89
C SER D 344 47.60 -21.27 2.28
N ALA D 345 46.43 -20.85 2.75
CA ALA D 345 45.40 -21.82 3.14
C ALA D 345 44.87 -22.59 1.94
N HIS D 346 44.85 -21.96 0.76
CA HIS D 346 44.37 -22.61 -0.45
C HIS D 346 45.40 -23.62 -0.92
N ARG D 347 45.08 -24.91 -0.80
CA ARG D 347 46.05 -25.96 -1.14
C ARG D 347 46.43 -25.99 -2.61
N PRO D 348 45.54 -25.69 -3.58
CA PRO D 348 46.03 -25.59 -4.98
C PRO D 348 47.13 -24.56 -5.15
N VAL D 349 46.90 -23.34 -4.66
CA VAL D 349 47.92 -22.30 -4.68
C VAL D 349 49.19 -22.78 -3.98
N ALA D 350 49.03 -23.44 -2.83
CA ALA D 350 50.18 -23.85 -2.04
C ALA D 350 51.00 -24.92 -2.75
N VAL D 351 50.35 -25.88 -3.40
CA VAL D 351 51.10 -26.93 -4.06
C VAL D 351 51.74 -26.42 -5.35
N ALA D 352 51.09 -25.48 -6.05
CA ALA D 352 51.73 -24.87 -7.20
C ALA D 352 52.98 -24.10 -6.78
N ALA D 353 52.87 -23.29 -5.72
CA ALA D 353 54.02 -22.57 -5.20
C ALA D 353 55.08 -23.53 -4.67
N GLY D 354 54.69 -24.68 -4.13
CA GLY D 354 55.67 -25.65 -3.68
C GLY D 354 56.40 -26.30 -4.82
N GLU D 355 55.70 -26.55 -5.93
CA GLU D 355 56.37 -27.00 -7.15
C GLU D 355 57.38 -25.97 -7.62
N PHE D 356 56.98 -24.69 -7.61
CA PHE D 356 57.89 -23.62 -8.01
C PHE D 356 59.13 -23.59 -7.11
N LEU D 357 58.91 -23.67 -5.80
CA LEU D 357 60.02 -23.68 -4.84
C LEU D 357 60.92 -24.89 -5.04
N TYR D 358 60.32 -26.05 -5.31
CA TYR D 358 61.09 -27.28 -5.51
C TYR D 358 61.97 -27.17 -6.75
N LYS D 359 61.40 -26.66 -7.84
CA LYS D 359 62.18 -26.49 -9.06
C LYS D 359 63.28 -25.45 -8.88
N LYS D 360 62.99 -24.38 -8.14
CA LYS D 360 63.98 -23.31 -7.98
C LYS D 360 65.19 -23.76 -7.18
N LEU D 361 64.97 -24.49 -6.09
CA LEU D 361 66.05 -24.86 -5.18
C LEU D 361 66.21 -26.36 -5.04
N PHE D 362 65.18 -27.07 -4.56
CA PHE D 362 65.33 -28.48 -4.18
C PHE D 362 65.15 -29.37 -5.41
N SER D 363 66.17 -29.39 -6.25
CA SER D 363 66.12 -30.21 -7.46
C SER D 363 67.53 -30.60 -7.89
N ARG D 364 67.64 -31.79 -8.47
CA ARG D 364 68.90 -32.31 -8.99
C ARG D 364 69.96 -32.42 -7.89
N ARG D 365 69.51 -32.70 -6.66
CA ARG D 365 70.37 -32.85 -5.49
C ARG D 365 71.49 -31.82 -5.39
N GLN D 379 74.86 -38.59 6.24
CA GLN D 379 74.79 -37.65 5.13
C GLN D 379 74.78 -38.36 3.78
N GLY D 380 74.55 -37.57 2.73
CA GLY D 380 74.44 -38.09 1.39
C GLY D 380 74.06 -37.00 0.41
N PRO D 381 73.40 -37.38 -0.68
CA PRO D 381 73.08 -36.41 -1.74
C PRO D 381 72.02 -35.40 -1.34
N ASN D 382 70.93 -35.85 -0.73
CA ASN D 382 69.85 -34.95 -0.31
C ASN D 382 70.18 -34.17 0.95
N ALA D 383 71.35 -34.39 1.56
CA ALA D 383 71.66 -33.76 2.82
C ALA D 383 71.64 -32.23 2.71
N ASN D 384 72.27 -31.69 1.66
CA ASN D 384 72.28 -30.25 1.51
C ASN D 384 70.92 -29.72 1.11
N LEU D 385 70.11 -30.51 0.42
CA LEU D 385 68.72 -30.10 0.16
C LEU D 385 67.92 -30.06 1.45
N VAL D 386 68.15 -31.02 2.36
CA VAL D 386 67.48 -30.98 3.65
C VAL D 386 67.90 -29.76 4.44
N LYS D 387 69.20 -29.47 4.44
CA LYS D 387 69.69 -28.27 5.13
C LYS D 387 69.10 -27.01 4.51
N THR D 388 69.00 -26.97 3.18
CA THR D 388 68.39 -25.83 2.50
C THR D 388 66.92 -25.69 2.88
N LEU D 389 66.22 -26.81 3.05
CA LEU D 389 64.84 -26.75 3.50
C LEU D 389 64.74 -26.18 4.90
N VAL D 390 65.64 -26.62 5.79
CA VAL D 390 65.65 -26.08 7.15
C VAL D 390 65.91 -24.57 7.13
N PHE D 391 66.87 -24.14 6.30
CA PHE D 391 67.21 -22.72 6.23
C PHE D 391 66.06 -21.90 5.65
N PHE D 392 65.40 -22.42 4.62
CA PHE D 392 64.24 -21.73 4.06
C PHE D 392 63.12 -21.61 5.07
N PHE D 393 62.82 -22.70 5.79
CA PHE D 393 61.76 -22.68 6.78
C PHE D 393 62.09 -21.69 7.89
N LEU D 394 63.35 -21.63 8.31
CA LEU D 394 63.75 -20.67 9.34
C LEU D 394 63.67 -19.24 8.82
N GLU D 395 64.02 -19.04 7.54
CA GLU D 395 64.03 -17.69 6.98
C GLU D 395 62.61 -17.16 6.82
N SER D 396 61.68 -18.01 6.40
CA SER D 396 60.28 -17.60 6.27
C SER D 396 59.66 -17.54 7.65
N GLU D 397 59.46 -16.33 8.17
CA GLU D 397 58.87 -16.12 9.48
C GLU D 397 57.36 -16.29 9.49
N LEU D 398 56.77 -16.75 8.38
CA LEU D 398 55.32 -16.83 8.30
C LEU D 398 54.77 -17.94 9.19
N HIS D 399 55.46 -19.07 9.27
CA HIS D 399 54.98 -20.23 10.00
C HIS D 399 56.00 -20.66 11.05
N GLU D 400 55.49 -21.06 12.21
CA GLU D 400 56.30 -21.64 13.27
C GLU D 400 56.40 -23.15 13.16
N HIS D 401 55.62 -23.77 12.29
CA HIS D 401 55.70 -25.21 12.05
C HIS D 401 55.78 -25.47 10.55
N ALA D 402 56.27 -26.66 10.21
CA ALA D 402 56.54 -27.03 8.83
C ALA D 402 55.43 -27.87 8.22
N ALA D 403 54.29 -28.00 8.90
CA ALA D 403 53.24 -28.89 8.41
C ALA D 403 52.74 -28.46 7.03
N TYR D 404 52.48 -27.16 6.87
CA TYR D 404 51.89 -26.69 5.62
C TYR D 404 52.94 -26.55 4.52
N LEU D 405 54.17 -26.21 4.86
CA LEU D 405 55.27 -26.28 3.91
C LEU D 405 55.46 -27.71 3.39
N VAL D 406 55.52 -28.68 4.31
CA VAL D 406 55.68 -30.07 3.94
C VAL D 406 54.52 -30.54 3.08
N ASP D 407 53.30 -30.08 3.39
CA ASP D 407 52.15 -30.44 2.56
C ASP D 407 52.28 -29.85 1.16
N SER D 408 52.69 -28.57 1.07
CA SER D 408 52.83 -27.94 -0.24
C SER D 408 53.83 -28.67 -1.11
N MET D 409 54.94 -29.12 -0.53
CA MET D 409 55.97 -29.78 -1.32
C MET D 409 55.91 -31.30 -1.28
N TRP D 410 54.87 -31.88 -0.69
CA TRP D 410 54.84 -33.34 -0.54
C TRP D 410 54.67 -34.03 -1.87
N ASP D 411 53.87 -33.45 -2.77
CA ASP D 411 53.59 -34.10 -4.04
C ASP D 411 54.81 -34.13 -4.95
N CYS D 412 55.66 -33.12 -4.87
CA CYS D 412 56.84 -33.02 -5.73
C CYS D 412 58.11 -33.52 -5.06
N ALA D 413 58.39 -33.06 -3.84
CA ALA D 413 59.61 -33.44 -3.12
C ALA D 413 59.42 -34.66 -2.25
N THR D 414 58.60 -35.63 -2.69
CA THR D 414 58.29 -36.77 -1.84
C THR D 414 59.54 -37.57 -1.49
N GLU D 415 60.47 -37.71 -2.43
CA GLU D 415 61.65 -38.54 -2.17
C GLU D 415 62.59 -37.86 -1.19
N LEU D 416 62.77 -36.54 -1.32
CA LEU D 416 63.58 -35.79 -0.36
C LEU D 416 62.91 -35.77 1.01
N LEU D 417 61.60 -35.50 1.03
CA LEU D 417 60.90 -35.38 2.31
C LEU D 417 60.84 -36.70 3.06
N LYS D 418 60.90 -37.83 2.36
CA LYS D 418 60.83 -39.14 2.96
C LYS D 418 62.21 -39.75 3.18
N ASP D 419 63.27 -38.95 3.06
CA ASP D 419 64.63 -39.40 3.32
C ASP D 419 64.93 -39.19 4.81
N TRP D 420 64.20 -39.97 5.63
CA TRP D 420 64.30 -39.82 7.08
C TRP D 420 65.67 -40.25 7.60
N GLU D 421 66.32 -41.19 6.92
CA GLU D 421 67.64 -41.63 7.33
C GLU D 421 68.63 -40.48 7.32
N CYS D 422 68.62 -39.69 6.23
CA CYS D 422 69.54 -38.57 6.12
C CYS D 422 69.23 -37.48 7.14
N MET D 423 67.94 -37.20 7.37
CA MET D 423 67.57 -36.18 8.36
C MET D 423 68.01 -36.61 9.75
N ASN D 424 67.71 -37.84 10.14
CA ASN D 424 68.14 -38.36 11.43
C ASN D 424 69.65 -38.30 11.57
N SER D 425 70.39 -38.64 10.51
CA SER D 425 71.85 -38.56 10.56
C SER D 425 72.30 -37.12 10.76
N LEU D 426 71.69 -36.18 10.04
CA LEU D 426 71.99 -34.76 10.25
C LEU D 426 71.69 -34.31 11.68
N LEU D 427 70.77 -35.00 12.37
CA LEU D 427 70.52 -34.73 13.78
C LEU D 427 71.32 -35.63 14.71
N LEU D 428 72.08 -36.59 14.18
CA LEU D 428 72.74 -37.58 15.03
C LEU D 428 74.25 -37.60 14.85
N GLU D 429 74.73 -38.20 13.76
CA GLU D 429 76.17 -38.42 13.61
C GLU D 429 76.95 -37.12 13.59
N GLU D 430 76.39 -36.08 12.94
CA GLU D 430 76.95 -34.73 12.87
C GLU D 430 78.47 -34.76 12.67
N PRO D 431 78.98 -35.43 11.64
CA PRO D 431 80.43 -35.58 11.53
C PRO D 431 81.03 -34.67 10.48
N LEU D 432 80.40 -33.50 10.29
CA LEU D 432 80.81 -32.55 9.28
C LEU D 432 82.31 -32.24 9.38
N SER D 433 83.07 -32.65 8.36
CA SER D 433 84.52 -32.46 8.41
C SER D 433 84.89 -30.99 8.40
N GLY D 434 84.19 -30.19 7.59
CA GLY D 434 84.44 -28.76 7.55
C GLY D 434 83.16 -27.96 7.62
N GLU D 435 82.05 -28.58 7.21
CA GLU D 435 80.76 -27.91 7.22
C GLU D 435 80.38 -27.49 8.64
N GLU D 436 79.86 -26.26 8.76
CA GLU D 436 79.51 -25.73 10.07
C GLU D 436 78.41 -26.58 10.71
N ALA D 437 78.53 -26.77 12.02
CA ALA D 437 77.53 -27.54 12.75
C ALA D 437 76.20 -26.80 12.76
N LEU D 438 75.12 -27.57 12.70
CA LEU D 438 73.78 -27.00 12.65
C LEU D 438 73.47 -26.31 13.97
N THR D 439 72.97 -25.07 13.90
CA THR D 439 72.59 -24.37 15.11
C THR D 439 71.41 -25.07 15.79
N ASP D 440 71.31 -24.86 17.10
CA ASP D 440 70.24 -25.52 17.87
C ASP D 440 68.87 -25.11 17.36
N ARG D 441 68.73 -23.85 16.94
CA ARG D 441 67.49 -23.42 16.30
C ARG D 441 67.24 -24.21 15.02
N GLN D 442 68.29 -24.38 14.21
CA GLN D 442 68.16 -25.18 13.00
C GLN D 442 67.91 -26.65 13.32
N GLU D 443 68.46 -27.16 14.42
CA GLU D 443 68.20 -28.53 14.82
C GLU D 443 66.74 -28.72 15.22
N SER D 444 66.16 -27.74 15.92
CA SER D 444 64.74 -27.80 16.26
C SER D 444 63.88 -27.71 15.01
N ALA D 445 64.24 -26.84 14.08
CA ALA D 445 63.53 -26.78 12.80
C ALA D 445 63.60 -28.12 12.08
N LEU D 446 64.75 -28.80 12.14
CA LEU D 446 64.91 -30.07 11.44
C LEU D 446 64.09 -31.17 12.09
N ILE D 447 64.06 -31.23 13.43
CA ILE D 447 63.23 -32.25 14.07
C ILE D 447 61.76 -31.98 13.78
N GLU D 448 61.37 -30.70 13.72
CA GLU D 448 60.00 -30.36 13.36
C GLU D 448 59.66 -30.84 11.94
N ILE D 449 60.54 -30.57 10.98
CA ILE D 449 60.29 -30.98 9.60
C ILE D 449 60.23 -32.49 9.49
N MET D 450 61.15 -33.19 10.16
CA MET D 450 61.16 -34.64 10.14
C MET D 450 59.87 -35.20 10.74
N LEU D 451 59.40 -34.61 11.84
CA LEU D 451 58.14 -35.05 12.44
C LEU D 451 56.97 -34.82 11.49
N CYS D 452 56.97 -33.69 10.78
CA CYS D 452 55.88 -33.41 9.85
C CYS D 452 55.87 -34.42 8.69
N THR D 453 57.04 -34.72 8.13
CA THR D 453 57.11 -35.70 7.06
C THR D 453 56.67 -37.07 7.56
N ILE D 454 57.08 -37.44 8.79
CA ILE D 454 56.68 -38.73 9.36
C ILE D 454 55.17 -38.79 9.52
N ARG D 455 54.56 -37.70 9.99
CA ARG D 455 53.12 -37.67 10.17
C ARG D 455 52.40 -37.82 8.84
N GLN D 456 52.83 -37.04 7.83
CA GLN D 456 52.15 -37.09 6.55
C GLN D 456 52.36 -38.42 5.85
N ALA D 457 53.46 -39.12 6.15
CA ALA D 457 53.66 -40.44 5.57
C ALA D 457 52.80 -41.50 6.27
N ALA D 458 52.80 -41.49 7.61
CA ALA D 458 52.05 -42.48 8.36
C ALA D 458 50.55 -42.29 8.19
N GLU D 459 50.08 -41.04 8.26
CA GLU D 459 48.69 -40.70 7.99
C GLU D 459 48.67 -40.04 6.62
N CYS D 460 48.22 -40.77 5.61
CA CYS D 460 48.24 -40.30 4.23
C CYS D 460 47.13 -39.29 3.98
N HIS D 461 47.24 -38.14 4.66
CA HIS D 461 46.24 -37.09 4.55
C HIS D 461 46.90 -35.76 4.84
N PRO D 462 46.44 -34.68 4.20
CA PRO D 462 47.06 -33.37 4.42
C PRO D 462 46.71 -32.83 5.78
N PRO D 463 47.41 -31.80 6.25
CA PRO D 463 47.04 -31.16 7.50
C PRO D 463 45.71 -30.42 7.38
N VAL D 464 45.14 -30.09 8.55
CA VAL D 464 43.83 -29.44 8.57
C VAL D 464 43.91 -28.09 7.88
N GLY D 465 42.87 -27.75 7.12
CA GLY D 465 42.88 -26.61 6.24
C GLY D 465 43.35 -26.92 4.83
N ARG D 466 44.05 -28.04 4.65
CA ARG D 466 44.43 -28.53 3.34
C ARG D 466 43.73 -29.84 2.97
N GLY D 467 43.33 -30.65 3.95
CA GLY D 467 42.76 -31.94 3.66
C GLY D 467 41.25 -31.90 3.48
N THR D 468 40.74 -32.98 2.90
CA THR D 468 39.29 -33.16 2.76
C THR D 468 38.75 -33.97 3.93
N GLY D 469 38.12 -35.11 3.66
CA GLY D 469 37.45 -35.83 4.73
C GLY D 469 37.74 -37.32 4.85
N LYS D 470 38.86 -37.66 5.48
CA LYS D 470 39.28 -39.04 5.75
C LYS D 470 39.08 -39.93 4.52
N ARG D 471 39.75 -39.57 3.43
CA ARG D 471 39.50 -40.25 2.17
C ARG D 471 39.98 -41.69 2.22
N VAL D 472 39.17 -42.58 1.67
CA VAL D 472 39.61 -43.95 1.43
C VAL D 472 40.87 -43.90 0.57
N LEU D 473 41.97 -44.40 1.13
CA LEU D 473 43.23 -44.40 0.40
C LEU D 473 43.17 -45.35 -0.78
N THR D 474 43.93 -45.04 -1.82
CA THR D 474 44.03 -45.95 -2.95
C THR D 474 44.86 -47.16 -2.54
N ALA D 475 44.67 -48.27 -3.27
CA ALA D 475 45.46 -49.47 -3.03
C ALA D 475 46.96 -49.14 -3.06
N LYS D 476 47.39 -48.41 -4.08
CA LYS D 476 48.78 -47.98 -4.14
C LYS D 476 49.14 -47.10 -2.94
N GLU D 477 48.21 -46.24 -2.52
CA GLU D 477 48.47 -45.43 -1.34
C GLU D 477 48.53 -46.25 -0.07
N LYS D 478 47.68 -47.28 0.05
CA LYS D 478 47.76 -48.14 1.21
C LYS D 478 49.11 -48.87 1.26
N LYS D 479 49.58 -49.34 0.10
CA LYS D 479 50.88 -50.02 0.06
C LYS D 479 52.02 -49.05 0.38
N THR D 480 51.97 -47.83 -0.17
CA THR D 480 53.00 -46.83 0.12
C THR D 480 53.00 -46.47 1.60
N GLN D 481 51.81 -46.32 2.18
CA GLN D 481 51.68 -46.04 3.60
C GLN D 481 52.28 -47.16 4.44
N LEU D 482 52.00 -48.41 4.07
CA LEU D 482 52.59 -49.54 4.80
C LEU D 482 54.11 -49.53 4.70
N ASP D 483 54.64 -49.30 3.49
CA ASP D 483 56.09 -49.27 3.30
C ASP D 483 56.74 -48.19 4.16
N ASP D 484 56.26 -46.95 4.03
CA ASP D 484 56.90 -45.86 4.75
C ASP D 484 56.66 -45.96 6.26
N ARG D 485 55.54 -46.56 6.68
CA ARG D 485 55.31 -46.75 8.11
C ARG D 485 56.26 -47.79 8.67
N THR D 486 56.50 -48.89 7.94
CA THR D 486 57.48 -49.87 8.41
C THR D 486 58.88 -49.28 8.43
N ARG D 487 59.23 -48.47 7.43
CA ARG D 487 60.53 -47.81 7.43
C ARG D 487 60.66 -46.89 8.64
N ILE D 488 59.65 -46.05 8.88
CA ILE D 488 59.67 -45.15 10.03
C ILE D 488 59.83 -45.93 11.31
N THR D 489 59.03 -47.00 11.48
CA THR D 489 59.09 -47.79 12.70
C THR D 489 60.48 -48.37 12.91
N GLU D 490 61.02 -49.04 11.89
CA GLU D 490 62.31 -49.70 12.07
C GLU D 490 63.44 -48.70 12.29
N LEU D 491 63.48 -47.61 11.51
CA LEU D 491 64.54 -46.63 11.66
C LEU D 491 64.47 -45.92 13.00
N PHE D 492 63.30 -45.40 13.34
CA PHE D 492 63.20 -44.57 14.53
C PHE D 492 63.04 -45.38 15.82
N ALA D 493 62.74 -46.68 15.75
CA ALA D 493 62.83 -47.50 16.95
C ALA D 493 64.22 -47.43 17.55
N VAL D 494 65.24 -47.32 16.70
CA VAL D 494 66.61 -47.15 17.17
C VAL D 494 66.99 -45.67 17.26
N ALA D 495 66.52 -44.84 16.32
CA ALA D 495 66.95 -43.45 16.29
C ALA D 495 66.37 -42.65 17.45
N LEU D 496 65.11 -42.89 17.81
CA LEU D 496 64.43 -42.05 18.79
C LEU D 496 65.04 -42.11 20.18
N PRO D 497 65.46 -43.26 20.72
CA PRO D 497 66.20 -43.21 22.00
C PRO D 497 67.44 -42.34 21.92
N GLN D 498 68.23 -42.50 20.86
CA GLN D 498 69.42 -41.68 20.68
C GLN D 498 69.04 -40.20 20.57
N LEU D 499 68.08 -39.88 19.70
CA LEU D 499 67.66 -38.50 19.50
C LEU D 499 67.19 -37.86 20.79
N LEU D 500 66.40 -38.60 21.57
CA LEU D 500 65.91 -38.10 22.85
C LEU D 500 67.07 -37.88 23.82
N ALA D 501 68.05 -38.79 23.81
CA ALA D 501 69.19 -38.64 24.71
C ALA D 501 70.02 -37.40 24.38
N LYS D 502 70.25 -37.16 23.08
CA LYS D 502 71.05 -36.00 22.68
C LYS D 502 70.38 -34.70 23.07
N TYR D 503 69.05 -34.64 23.00
CA TYR D 503 68.30 -33.41 23.17
C TYR D 503 67.37 -33.48 24.39
N SER D 504 67.78 -34.21 25.42
CA SER D 504 66.91 -34.39 26.59
C SER D 504 66.57 -33.07 27.26
N VAL D 505 67.52 -32.12 27.24
CA VAL D 505 67.29 -30.86 27.94
C VAL D 505 66.29 -29.99 27.19
N ASP D 506 66.32 -30.03 25.86
CA ASP D 506 65.47 -29.16 25.06
C ASP D 506 64.03 -29.65 25.10
N ALA D 507 63.11 -28.78 25.52
CA ALA D 507 61.72 -29.18 25.72
C ALA D 507 60.97 -29.31 24.39
N GLU D 508 61.13 -28.34 23.50
CA GLU D 508 60.48 -28.43 22.19
C GLU D 508 60.89 -29.71 21.46
N LYS D 509 62.19 -30.00 21.47
CA LYS D 509 62.69 -31.17 20.75
C LYS D 509 62.11 -32.46 21.31
N VAL D 510 62.06 -32.59 22.65
CA VAL D 510 61.55 -33.83 23.22
C VAL D 510 60.05 -33.95 23.00
N THR D 511 59.31 -32.83 23.05
CA THR D 511 57.88 -32.89 22.75
C THR D 511 57.64 -33.38 21.33
N ASN D 512 58.36 -32.80 20.36
CA ASN D 512 58.19 -33.23 18.98
C ASN D 512 58.61 -34.68 18.79
N LEU D 513 59.73 -35.08 19.39
CA LEU D 513 60.25 -36.43 19.21
C LEU D 513 59.36 -37.48 19.82
N LEU D 514 58.71 -37.16 20.95
CA LEU D 514 57.85 -38.09 21.65
C LEU D 514 56.58 -38.43 20.86
N GLN D 515 56.25 -37.64 19.84
CA GLN D 515 55.10 -37.92 19.00
C GLN D 515 55.37 -38.99 17.95
N LEU D 516 56.64 -39.35 17.76
CA LEU D 516 56.98 -40.34 16.74
C LEU D 516 56.37 -41.72 17.00
N PRO D 517 56.40 -42.27 18.22
CA PRO D 517 55.84 -43.63 18.40
C PRO D 517 54.38 -43.77 18.03
N GLN D 518 53.61 -42.67 18.06
CA GLN D 518 52.22 -42.73 17.63
C GLN D 518 52.09 -43.25 16.21
N TYR D 519 53.10 -43.02 15.38
CA TYR D 519 53.08 -43.38 13.97
C TYR D 519 53.82 -44.68 13.69
N PHE D 520 54.14 -45.46 14.72
CA PHE D 520 54.85 -46.70 14.58
C PHE D 520 53.88 -47.87 14.49
N ASP D 521 54.37 -48.98 13.91
CA ASP D 521 53.70 -50.27 14.02
C ASP D 521 54.40 -51.02 15.15
N LEU D 522 53.78 -51.05 16.32
CA LEU D 522 54.41 -51.60 17.51
C LEU D 522 54.71 -53.09 17.39
N GLU D 523 54.05 -53.79 16.46
CA GLU D 523 54.36 -55.20 16.21
C GLU D 523 55.77 -55.38 15.67
N ILE D 524 56.29 -54.36 14.99
CA ILE D 524 57.63 -54.43 14.41
C ILE D 524 58.68 -54.65 15.49
N TYR D 525 58.50 -54.01 16.65
CA TYR D 525 59.42 -54.19 17.77
C TYR D 525 59.69 -55.67 18.03
N THR D 526 58.63 -56.46 18.15
CA THR D 526 58.79 -57.88 18.47
C THR D 526 59.18 -58.71 17.26
N THR D 527 58.58 -58.43 16.10
CA THR D 527 58.95 -59.17 14.90
C THR D 527 60.39 -58.86 14.50
N GLY D 528 60.82 -57.62 14.69
CA GLY D 528 62.16 -57.19 14.39
C GLY D 528 63.17 -57.38 15.50
N ARG D 529 62.77 -57.98 16.63
CA ARG D 529 63.65 -58.21 17.77
C ARG D 529 64.29 -56.91 18.24
N LEU D 530 63.49 -55.84 18.28
CA LEU D 530 63.95 -54.52 18.68
C LEU D 530 63.57 -54.18 20.12
N GLU D 531 63.39 -55.21 20.97
CA GLU D 531 62.94 -54.97 22.33
C GLU D 531 63.93 -54.11 23.11
N LYS D 532 65.22 -54.30 22.86
CA LYS D 532 66.25 -53.46 23.46
C LYS D 532 65.97 -51.97 23.24
N HIS D 533 65.66 -51.60 22.00
CA HIS D 533 65.41 -50.20 21.68
C HIS D 533 64.14 -49.69 22.35
N LEU D 534 63.12 -50.56 22.47
CA LEU D 534 61.92 -50.17 23.20
C LEU D 534 62.24 -49.89 24.66
N ASP D 535 63.05 -50.73 25.29
CA ASP D 535 63.43 -50.50 26.68
C ASP D 535 64.21 -49.20 26.83
N ALA D 536 65.13 -48.93 25.90
CA ALA D 536 65.89 -47.69 25.95
C ALA D 536 64.95 -46.48 25.80
N LEU D 537 63.99 -46.57 24.89
CA LEU D 537 63.02 -45.49 24.71
C LEU D 537 62.20 -45.26 25.98
N LEU D 538 61.73 -46.35 26.60
CA LEU D 538 60.96 -46.23 27.83
C LEU D 538 61.76 -45.54 28.93
N ARG D 539 63.01 -45.99 29.12
CA ARG D 539 63.84 -45.40 30.16
C ARG D 539 64.13 -43.93 29.87
N GLN D 540 64.29 -43.57 28.59
CA GLN D 540 64.54 -42.17 28.25
C GLN D 540 63.30 -41.31 28.52
N ILE D 541 62.12 -41.85 28.22
CA ILE D 541 60.87 -41.14 28.54
C ILE D 541 60.77 -40.89 30.04
N ARG D 542 61.09 -41.91 30.84
CA ARG D 542 61.05 -41.73 32.29
C ARG D 542 62.06 -40.67 32.75
N ASN D 543 63.27 -40.72 32.19
CA ASN D 543 64.28 -39.69 32.48
C ASN D 543 63.73 -38.30 32.24
N ILE D 544 63.11 -38.09 31.07
CA ILE D 544 62.63 -36.74 30.76
C ILE D 544 61.37 -36.37 31.53
N VAL D 545 60.58 -37.34 32.01
CA VAL D 545 59.49 -36.92 32.90
C VAL D 545 60.05 -36.44 34.21
N GLU D 546 61.17 -37.02 34.67
CA GLU D 546 61.76 -36.53 35.91
C GLU D 546 62.44 -35.18 35.71
N LYS D 547 63.16 -35.01 34.60
CA LYS D 547 63.94 -33.78 34.40
C LYS D 547 63.04 -32.59 34.08
N HIS D 548 62.00 -32.80 33.29
CA HIS D 548 61.19 -31.70 32.78
C HIS D 548 60.00 -31.44 33.69
N THR D 549 59.59 -30.17 33.74
CA THR D 549 58.36 -29.76 34.39
C THR D 549 57.39 -29.09 33.42
N ASP D 550 57.77 -28.95 32.15
CA ASP D 550 56.89 -28.35 31.17
C ASP D 550 55.67 -29.24 30.92
N THR D 551 54.50 -28.61 30.88
CA THR D 551 53.26 -29.37 30.74
C THR D 551 53.20 -30.11 29.41
N ASP D 552 53.75 -29.52 28.35
CA ASP D 552 53.71 -30.18 27.04
C ASP D 552 54.59 -31.42 27.02
N VAL D 553 55.76 -31.35 27.66
CA VAL D 553 56.64 -32.52 27.73
C VAL D 553 55.94 -33.65 28.47
N LEU D 554 55.35 -33.34 29.62
CA LEU D 554 54.69 -34.35 30.43
C LEU D 554 53.49 -34.94 29.69
N GLU D 555 52.70 -34.09 29.02
CA GLU D 555 51.61 -34.57 28.20
C GLU D 555 52.10 -35.52 27.13
N ALA D 556 53.18 -35.15 26.43
CA ALA D 556 53.71 -36.00 25.37
C ALA D 556 54.20 -37.33 25.94
N CYS D 557 54.79 -37.32 27.13
CA CYS D 557 55.24 -38.56 27.74
C CYS D 557 54.07 -39.47 28.08
N SER D 558 53.02 -38.89 28.68
CA SER D 558 51.83 -39.69 29.01
C SER D 558 51.18 -40.23 27.75
N LYS D 559 51.11 -39.43 26.69
CA LYS D 559 50.50 -39.87 25.44
C LYS D 559 51.32 -40.96 24.78
N THR D 560 52.65 -40.84 24.82
CA THR D 560 53.51 -41.88 24.26
C THR D 560 53.37 -43.18 25.04
N TYR D 561 53.32 -43.10 26.37
CA TYR D 561 53.13 -44.31 27.16
C TYR D 561 51.77 -44.93 26.91
N HIS D 562 50.75 -44.10 26.69
CA HIS D 562 49.43 -44.63 26.35
C HIS D 562 49.45 -45.35 25.00
N ALA D 563 50.09 -44.75 24.01
CA ALA D 563 50.20 -45.39 22.70
C ALA D 563 50.97 -46.70 22.80
N LEU D 564 51.98 -46.75 23.65
CA LEU D 564 52.80 -47.95 23.78
C LEU D 564 52.08 -49.03 24.59
N CYS D 565 51.23 -48.63 25.54
CA CYS D 565 50.49 -49.59 26.38
C CYS D 565 49.22 -50.04 25.66
N ASN D 566 49.42 -50.91 24.68
CA ASN D 566 48.31 -51.53 23.96
C ASN D 566 48.34 -53.03 24.18
N GLU D 567 47.31 -53.57 24.82
CA GLU D 567 47.21 -55.01 25.02
C GLU D 567 47.20 -55.78 23.70
N GLU D 568 46.76 -55.14 22.61
CA GLU D 568 46.78 -55.80 21.31
C GLU D 568 48.19 -56.07 20.83
N PHE D 569 49.15 -55.24 21.23
CA PHE D 569 50.55 -55.45 20.89
C PHE D 569 51.24 -56.25 22.00
N THR D 570 52.15 -57.14 21.59
CA THR D 570 52.81 -58.02 22.54
C THR D 570 53.79 -57.29 23.46
N ILE D 571 54.26 -56.10 23.07
CA ILE D 571 55.14 -55.32 23.94
C ILE D 571 54.45 -54.83 25.20
N PHE D 572 53.11 -54.91 25.24
CA PHE D 572 52.32 -54.33 26.32
C PHE D 572 52.92 -54.59 27.69
N ASN D 573 53.01 -55.87 28.06
CA ASN D 573 53.65 -56.29 29.30
C ASN D 573 54.83 -55.40 29.64
N ARG D 574 55.87 -55.44 28.81
CA ARG D 574 57.06 -54.65 29.05
C ARG D 574 56.69 -53.22 29.40
N VAL D 575 56.06 -52.52 28.45
CA VAL D 575 55.69 -51.13 28.68
C VAL D 575 54.90 -51.00 29.97
N ASP D 576 53.87 -51.86 30.11
CA ASP D 576 53.05 -51.84 31.32
C ASP D 576 53.93 -51.82 32.55
N ILE D 577 54.83 -52.79 32.67
CA ILE D 577 55.75 -52.84 33.81
C ILE D 577 56.39 -51.48 34.03
N SER D 578 57.14 -51.01 33.03
CA SER D 578 57.81 -49.73 33.14
C SER D 578 56.84 -48.66 33.59
N ARG D 579 55.68 -48.57 32.92
CA ARG D 579 54.69 -47.57 33.29
C ARG D 579 54.42 -47.63 34.79
N SER D 580 53.94 -48.78 35.26
CA SER D 580 53.61 -48.93 36.67
C SER D 580 54.77 -48.49 37.53
N GLN D 581 55.98 -48.98 37.19
CA GLN D 581 57.16 -48.66 37.99
C GLN D 581 57.29 -47.15 38.13
N LEU D 582 57.29 -46.43 37.00
CA LEU D 582 57.40 -44.98 37.06
C LEU D 582 56.34 -44.41 37.98
N ILE D 583 55.08 -44.79 37.75
CA ILE D 583 53.99 -44.30 38.58
C ILE D 583 54.32 -44.53 40.05
N ASP D 584 54.69 -45.77 40.38
CA ASP D 584 55.06 -46.09 41.76
C ASP D 584 56.02 -45.05 42.31
N GLU D 585 57.17 -44.89 41.64
CA GLU D 585 58.15 -43.90 42.07
C GLU D 585 57.47 -42.57 42.31
N LEU D 586 56.84 -42.02 41.27
CA LEU D 586 56.16 -40.74 41.40
C LEU D 586 55.25 -40.73 42.62
N ALA D 587 54.33 -41.69 42.70
CA ALA D 587 53.40 -41.76 43.82
C ALA D 587 54.15 -41.65 45.13
N ASP D 588 55.14 -42.53 45.31
CA ASP D 588 55.90 -42.53 46.55
C ASP D 588 56.40 -41.12 46.86
N LYS D 589 57.15 -40.54 45.92
CA LYS D 589 57.66 -39.19 46.12
C LYS D 589 56.54 -38.26 46.56
N PHE D 590 55.46 -38.24 45.77
CA PHE D 590 54.34 -37.35 46.07
C PHE D 590 53.90 -37.53 47.52
N ASN D 591 53.60 -38.78 47.91
CA ASN D 591 53.18 -39.05 49.27
C ASN D 591 54.15 -38.43 50.27
N ARG D 592 55.43 -38.76 50.12
CA ARG D 592 56.44 -38.21 51.04
C ARG D 592 56.32 -36.70 51.10
N LEU D 593 56.39 -36.05 49.93
CA LEU D 593 56.29 -34.59 49.88
C LEU D 593 55.04 -34.12 50.59
N LEU D 594 53.90 -34.76 50.29
CA LEU D 594 52.64 -34.34 50.90
C LEU D 594 52.72 -34.43 52.42
N GLU D 595 53.30 -35.51 52.94
CA GLU D 595 53.40 -35.65 54.40
C GLU D 595 54.13 -34.47 55.02
N ASP D 596 55.14 -33.96 54.31
CA ASP D 596 55.83 -32.78 54.81
C ASP D 596 55.08 -31.50 54.41
N PHE D 597 54.45 -31.51 53.24
CA PHE D 597 53.81 -30.30 52.75
C PHE D 597 52.60 -29.93 53.59
N LEU D 598 51.82 -30.94 54.00
CA LEU D 598 50.61 -30.73 54.77
C LEU D 598 50.85 -30.71 56.28
N GLN D 599 52.11 -30.87 56.70
CA GLN D 599 52.43 -30.76 58.12
C GLN D 599 52.18 -29.34 58.60
N GLU D 600 51.47 -29.22 59.74
CA GLU D 600 51.10 -27.90 60.24
C GLU D 600 52.33 -27.09 60.63
N GLY D 601 53.31 -27.72 61.27
CA GLY D 601 54.50 -27.00 61.67
C GLY D 601 55.38 -26.60 60.49
N GLU D 602 55.46 -27.45 59.48
CA GLU D 602 56.29 -27.16 58.32
C GLU D 602 55.74 -25.95 57.56
N GLU D 603 56.62 -25.00 57.30
CA GLU D 603 56.25 -23.81 56.53
C GLU D 603 56.79 -23.93 55.13
N PRO D 604 55.96 -24.12 54.11
CA PRO D 604 56.46 -24.45 52.77
C PRO D 604 57.21 -23.28 52.15
N ASP D 605 58.39 -23.57 51.62
CA ASP D 605 59.19 -22.59 50.90
C ASP D 605 58.88 -22.65 49.40
N GLU D 606 59.49 -21.73 48.65
CA GLU D 606 59.35 -21.72 47.19
C GLU D 606 59.68 -23.08 46.61
N ASP D 607 60.81 -23.65 47.05
CA ASP D 607 61.26 -24.93 46.50
C ASP D 607 60.30 -26.06 46.87
N ASP D 608 59.72 -26.04 48.07
CA ASP D 608 58.76 -27.06 48.45
C ASP D 608 57.54 -27.04 47.53
N ALA D 609 57.00 -25.85 47.30
CA ALA D 609 55.87 -25.70 46.38
C ALA D 609 56.25 -26.19 44.98
N TYR D 610 57.44 -25.82 44.52
CA TYR D 610 57.89 -26.28 43.20
C TYR D 610 57.96 -27.79 43.13
N GLN D 611 58.47 -28.44 44.18
CA GLN D 611 58.62 -29.89 44.17
C GLN D 611 57.26 -30.58 44.12
N VAL D 612 56.35 -30.20 45.03
CA VAL D 612 55.05 -30.85 45.07
C VAL D 612 54.30 -30.58 43.77
N LEU D 613 54.45 -29.37 43.23
CA LEU D 613 53.78 -29.03 41.97
C LEU D 613 54.31 -29.87 40.82
N SER D 614 55.63 -30.07 40.75
CA SER D 614 56.19 -30.85 39.66
C SER D 614 55.72 -32.30 39.71
N THR D 615 55.80 -32.92 40.90
CA THR D 615 55.34 -34.30 41.03
C THR D 615 53.85 -34.42 40.73
N LEU D 616 53.06 -33.43 41.18
CA LEU D 616 51.63 -33.42 40.90
C LEU D 616 51.35 -33.29 39.41
N LYS D 617 52.11 -32.46 38.71
CA LYS D 617 51.94 -32.30 37.28
C LYS D 617 52.23 -33.61 36.55
N ARG D 618 53.30 -34.29 36.92
CA ARG D 618 53.61 -35.58 36.30
C ARG D 618 52.48 -36.59 36.53
N ILE D 619 52.04 -36.72 37.79
CA ILE D 619 51.00 -37.69 38.12
C ILE D 619 49.70 -37.35 37.40
N THR D 620 49.37 -36.06 37.31
CA THR D 620 48.14 -35.65 36.64
C THR D 620 48.18 -35.96 35.16
N ALA D 621 49.31 -35.64 34.52
CA ALA D 621 49.48 -35.94 33.10
C ALA D 621 49.30 -37.43 32.84
N PHE D 622 49.89 -38.28 33.67
CA PHE D 622 49.73 -39.71 33.42
C PHE D 622 48.34 -40.21 33.83
N HIS D 623 47.70 -39.57 34.80
CA HIS D 623 46.38 -40.00 35.24
C HIS D 623 45.32 -39.69 34.20
N ASN D 624 45.54 -38.65 33.40
CA ASN D 624 44.61 -38.35 32.31
C ASN D 624 44.53 -39.50 31.32
N ALA D 625 45.66 -40.11 30.98
CA ALA D 625 45.71 -41.14 29.95
C ALA D 625 45.84 -42.56 30.50
N HIS D 626 46.02 -42.72 31.82
CA HIS D 626 46.26 -44.03 32.39
C HIS D 626 45.45 -44.18 33.67
N ASP D 627 45.02 -45.41 33.93
CA ASP D 627 44.22 -45.72 35.12
C ASP D 627 45.17 -45.85 36.31
N LEU D 628 45.28 -44.77 37.10
CA LEU D 628 46.10 -44.78 38.29
C LEU D 628 45.28 -45.01 39.56
N SER D 629 44.08 -45.60 39.41
CA SER D 629 43.23 -45.85 40.57
C SER D 629 43.86 -46.83 41.54
N LYS D 630 44.76 -47.69 41.05
CA LYS D 630 45.51 -48.56 41.95
C LYS D 630 46.21 -47.76 43.04
N TRP D 631 46.77 -46.61 42.69
CA TRP D 631 47.50 -45.80 43.65
C TRP D 631 46.60 -44.94 44.52
N ASP D 632 45.31 -44.83 44.18
CA ASP D 632 44.30 -44.21 45.05
C ASP D 632 44.72 -42.79 45.45
N LEU D 633 45.01 -41.97 44.46
CA LEU D 633 45.56 -40.65 44.70
C LEU D 633 44.51 -39.59 44.96
N PHE D 634 43.23 -39.96 45.05
CA PHE D 634 42.18 -38.98 45.30
C PHE D 634 42.39 -38.24 46.61
N ALA D 635 42.84 -38.97 47.65
CA ALA D 635 42.94 -38.37 48.98
C ALA D 635 43.96 -37.23 49.00
N CYS D 636 45.10 -37.41 48.34
CA CYS D 636 46.12 -36.36 48.32
C CYS D 636 45.57 -35.09 47.67
N ASN D 637 44.95 -35.22 46.49
CA ASN D 637 44.43 -34.06 45.79
C ASN D 637 43.31 -33.39 46.59
N TYR D 638 42.44 -34.20 47.21
CA TYR D 638 41.33 -33.63 47.98
C TYR D 638 41.84 -32.87 49.21
N LYS D 639 42.77 -33.47 49.94
CA LYS D 639 43.37 -32.80 51.08
C LYS D 639 44.04 -31.50 50.65
N LEU D 640 44.77 -31.53 49.53
CA LEU D 640 45.43 -30.34 49.05
C LEU D 640 44.42 -29.26 48.66
N LEU D 641 43.30 -29.66 48.07
CA LEU D 641 42.29 -28.70 47.63
C LEU D 641 41.62 -28.03 48.83
N LYS D 642 41.19 -28.83 49.81
CA LYS D 642 40.57 -28.24 50.99
C LYS D 642 41.57 -27.41 51.80
N THR D 643 42.84 -27.82 51.81
CA THR D 643 43.87 -27.01 52.46
C THR D 643 44.06 -25.69 51.73
N GLY D 644 43.96 -25.69 50.40
CA GLY D 644 44.05 -24.44 49.67
C GLY D 644 42.85 -23.55 49.93
N ILE D 645 41.67 -24.16 50.10
CA ILE D 645 40.49 -23.38 50.48
C ILE D 645 40.71 -22.70 51.83
N GLU D 646 41.22 -23.46 52.80
CA GLU D 646 41.40 -22.90 54.14
C GLU D 646 42.49 -21.84 54.17
N ASN D 647 43.69 -22.19 53.70
CA ASN D 647 44.82 -21.26 53.76
C ASN D 647 44.61 -20.06 52.85
N GLY D 648 44.29 -20.30 51.58
CA GLY D 648 44.20 -19.24 50.61
C GLY D 648 45.53 -18.77 50.07
N ASP D 649 46.64 -19.37 50.50
CA ASP D 649 47.96 -19.09 49.97
C ASP D 649 48.47 -20.21 49.08
N MET D 650 47.68 -21.24 48.86
CA MET D 650 48.11 -22.36 48.03
C MET D 650 48.34 -21.87 46.60
N PRO D 651 49.46 -22.23 45.97
CA PRO D 651 49.73 -21.74 44.61
C PRO D 651 48.65 -22.17 43.64
N GLU D 652 48.31 -21.27 42.72
CA GLU D 652 47.20 -21.53 41.79
C GLU D 652 47.46 -22.76 40.95
N GLN D 653 48.72 -22.97 40.53
CA GLN D 653 49.04 -24.12 39.68
C GLN D 653 48.77 -25.43 40.38
N ILE D 654 49.09 -25.49 41.68
CA ILE D 654 48.88 -26.72 42.44
C ILE D 654 47.39 -27.02 42.55
N VAL D 655 46.58 -25.98 42.80
CA VAL D 655 45.13 -26.15 42.85
C VAL D 655 44.61 -26.64 41.50
N ILE D 656 45.10 -26.06 40.41
CA ILE D 656 44.65 -26.42 39.08
C ILE D 656 44.92 -27.90 38.81
N HIS D 657 46.17 -28.32 39.00
CA HIS D 657 46.53 -29.70 38.70
C HIS D 657 45.89 -30.68 39.66
N ALA D 658 45.66 -30.29 40.92
CA ALA D 658 44.96 -31.18 41.85
C ALA D 658 43.50 -31.35 41.44
N LEU D 659 42.85 -30.27 41.02
CA LEU D 659 41.50 -30.37 40.47
C LEU D 659 41.47 -31.36 39.31
N GLN D 660 42.40 -31.20 38.36
CA GLN D 660 42.44 -32.09 37.20
C GLN D 660 42.63 -33.54 37.63
N CYS D 661 43.55 -33.77 38.57
CA CYS D 661 43.90 -35.14 38.95
C CYS D 661 42.74 -35.83 39.67
N ALA D 662 42.08 -35.11 40.59
CA ALA D 662 40.91 -35.68 41.25
C ALA D 662 39.79 -35.95 40.25
N HIS D 663 39.63 -35.06 39.27
CA HIS D 663 38.66 -35.28 38.20
C HIS D 663 38.94 -36.59 37.47
N TYR D 664 40.22 -36.82 37.10
CA TYR D 664 40.57 -38.06 36.41
C TYR D 664 40.36 -39.28 37.30
N VAL D 665 40.67 -39.15 38.59
CA VAL D 665 40.42 -40.25 39.53
C VAL D 665 38.95 -40.65 39.50
N ILE D 666 38.06 -39.67 39.64
CA ILE D 666 36.63 -39.95 39.63
C ILE D 666 36.21 -40.58 38.31
N LEU D 667 36.74 -40.08 37.19
CA LEU D 667 36.32 -40.60 35.89
C LEU D 667 36.76 -42.05 35.70
N TRP D 668 37.99 -42.36 36.12
CA TRP D 668 38.49 -43.74 36.00
C TRP D 668 37.69 -44.67 36.89
N GLN D 669 37.36 -44.23 38.10
CA GLN D 669 36.49 -45.04 38.94
C GLN D 669 35.12 -45.24 38.32
N LEU D 670 34.60 -44.21 37.62
CA LEU D 670 33.33 -44.39 36.92
C LEU D 670 33.45 -45.44 35.83
N ALA D 671 34.58 -45.47 35.13
CA ALA D 671 34.82 -46.54 34.16
C ALA D 671 34.79 -47.90 34.84
N LYS D 672 35.35 -48.00 36.05
CA LYS D 672 35.33 -49.28 36.76
C LYS D 672 33.93 -49.65 37.24
N ILE D 673 33.17 -48.67 37.76
CA ILE D 673 31.86 -48.93 38.34
C ILE D 673 30.87 -49.42 37.29
N THR D 674 31.07 -49.01 36.03
CA THR D 674 30.21 -49.46 34.93
C THR D 674 30.12 -50.98 34.87
N GLU D 675 31.12 -51.68 35.40
CA GLU D 675 31.10 -53.14 35.48
C GLU D 675 30.37 -53.56 36.75
N SER D 676 29.25 -54.26 36.60
CA SER D 676 28.56 -54.79 37.76
C SER D 676 29.42 -55.81 38.48
N THR D 677 30.15 -56.63 37.72
CA THR D 677 31.03 -57.63 38.32
C THR D 677 32.11 -57.00 39.18
N SER D 678 32.51 -55.77 38.86
CA SER D 678 33.63 -55.14 39.57
C SER D 678 33.26 -54.85 41.02
N THR D 679 32.17 -54.13 41.25
CA THR D 679 31.81 -53.73 42.60
C THR D 679 30.37 -53.21 42.61
N LYS D 680 29.84 -53.05 43.82
CA LYS D 680 28.50 -52.52 44.05
C LYS D 680 28.55 -51.35 45.03
N GLU D 681 29.21 -51.57 46.17
CA GLU D 681 29.24 -50.56 47.22
C GLU D 681 30.16 -49.39 46.88
N ASP D 682 31.24 -49.66 46.13
CA ASP D 682 32.16 -48.60 45.76
C ASP D 682 31.45 -47.48 45.01
N LEU D 683 30.37 -47.81 44.30
CA LEU D 683 29.52 -46.80 43.69
C LEU D 683 29.25 -45.66 44.65
N LEU D 684 28.70 -45.98 45.83
CA LEU D 684 28.45 -44.95 46.84
C LEU D 684 29.69 -44.11 47.08
N ARG D 685 30.83 -44.77 47.30
CA ARG D 685 32.10 -44.06 47.45
C ARG D 685 32.30 -43.09 46.29
N LEU D 686 32.30 -43.62 45.07
CA LEU D 686 32.40 -42.76 43.89
C LEU D 686 31.44 -41.59 44.01
N LYS D 687 30.16 -41.89 44.28
CA LYS D 687 29.16 -40.84 44.43
C LYS D 687 29.65 -39.75 45.38
N LYS D 688 29.98 -40.13 46.62
CA LYS D 688 30.39 -39.10 47.58
C LYS D 688 31.59 -38.33 47.06
N GLN D 689 32.58 -39.03 46.48
CA GLN D 689 33.73 -38.33 45.93
C GLN D 689 33.28 -37.20 45.01
N MET D 690 32.46 -37.53 44.01
CA MET D 690 32.02 -36.50 43.08
C MET D 690 31.31 -35.38 43.85
N ARG D 691 30.34 -35.75 44.70
CA ARG D 691 29.64 -34.74 45.51
C ARG D 691 30.62 -33.80 46.19
N VAL D 692 31.67 -34.35 46.80
CA VAL D 692 32.62 -33.50 47.50
C VAL D 692 33.49 -32.74 46.51
N PHE D 693 34.01 -33.46 45.51
CA PHE D 693 35.10 -32.93 44.70
C PHE D 693 34.70 -31.60 44.06
N CYS D 694 33.64 -31.62 43.24
CA CYS D 694 33.28 -30.37 42.61
C CYS D 694 32.46 -29.44 43.50
N GLN D 695 32.07 -29.88 44.70
CA GLN D 695 31.71 -28.88 45.70
C GLN D 695 32.88 -27.92 45.86
N ILE D 696 34.08 -28.48 46.00
CA ILE D 696 35.29 -27.67 45.99
C ILE D 696 35.37 -26.87 44.69
N CYS D 697 35.01 -27.48 43.55
CA CYS D 697 34.96 -26.74 42.30
C CYS D 697 34.18 -25.45 42.48
N GLN D 698 32.98 -25.56 43.05
CA GLN D 698 32.15 -24.37 43.27
C GLN D 698 32.90 -23.34 44.10
N HIS D 699 33.56 -23.78 45.18
CA HIS D 699 34.39 -22.87 45.96
C HIS D 699 35.39 -22.18 45.06
N TYR D 700 36.14 -22.96 44.29
CA TYR D 700 37.17 -22.40 43.43
C TYR D 700 36.56 -21.65 42.24
N LEU D 701 35.26 -21.81 42.00
CA LEU D 701 34.59 -20.95 41.02
C LEU D 701 34.57 -19.51 41.49
N THR D 702 34.47 -19.28 42.80
CA THR D 702 34.48 -17.93 43.36
C THR D 702 35.87 -17.49 43.79
N ASN D 703 36.90 -18.27 43.45
CA ASN D 703 38.27 -17.89 43.78
C ASN D 703 38.63 -16.57 43.10
N VAL D 704 39.61 -15.87 43.69
CA VAL D 704 40.00 -14.58 43.15
C VAL D 704 40.79 -14.74 41.85
N ASN D 705 41.61 -15.78 41.77
CA ASN D 705 42.39 -16.04 40.56
C ASN D 705 41.47 -16.54 39.45
N THR D 706 41.54 -15.86 38.30
CA THR D 706 40.65 -16.23 37.19
C THR D 706 40.98 -17.60 36.62
N THR D 707 42.26 -17.98 36.61
CA THR D 707 42.64 -19.27 36.06
C THR D 707 42.09 -20.42 36.90
N VAL D 708 42.07 -20.24 38.22
CA VAL D 708 41.48 -21.26 39.09
C VAL D 708 39.99 -21.39 38.83
N LYS D 709 39.30 -20.26 38.72
CA LYS D 709 37.88 -20.28 38.35
C LYS D 709 37.66 -20.99 37.03
N GLU D 710 38.53 -20.72 36.04
CA GLU D 710 38.36 -21.33 34.72
C GLU D 710 38.55 -22.83 34.78
N GLN D 711 39.56 -23.30 35.50
CA GLN D 711 39.77 -24.74 35.64
C GLN D 711 38.59 -25.40 36.34
N ALA D 712 38.12 -24.79 37.43
CA ALA D 712 37.00 -25.34 38.17
C ALA D 712 35.74 -25.38 37.30
N PHE D 713 35.49 -24.31 36.54
CA PHE D 713 34.31 -24.24 35.67
C PHE D 713 34.38 -25.30 34.58
N THR D 714 35.55 -25.44 33.95
CA THR D 714 35.75 -26.45 32.91
C THR D 714 35.44 -27.85 33.44
N ILE D 715 36.15 -28.24 34.52
CA ILE D 715 35.94 -29.55 35.11
C ILE D 715 34.52 -29.73 35.59
N LEU D 716 33.89 -28.65 36.07
CA LEU D 716 32.53 -28.73 36.59
C LEU D 716 31.52 -29.00 35.49
N CYS D 717 31.65 -28.31 34.35
CA CYS D 717 30.75 -28.59 33.24
C CYS D 717 30.94 -30.01 32.73
N ASP D 718 32.20 -30.45 32.57
CA ASP D 718 32.43 -31.83 32.12
C ASP D 718 31.86 -32.83 33.12
N ILE D 719 31.98 -32.56 34.42
CA ILE D 719 31.47 -33.45 35.45
C ILE D 719 29.95 -33.52 35.37
N LEU D 720 29.31 -32.35 35.27
CA LEU D 720 27.86 -32.28 35.16
C LEU D 720 27.37 -33.11 33.99
N MET D 721 28.05 -33.00 32.84
CA MET D 721 27.60 -33.75 31.68
C MET D 721 27.84 -35.26 31.87
N ILE D 722 29.02 -35.63 32.36
CA ILE D 722 29.34 -37.05 32.53
C ILE D 722 28.44 -37.70 33.57
N PHE D 723 28.03 -36.95 34.58
CA PHE D 723 27.15 -37.47 35.63
C PHE D 723 25.73 -36.92 35.52
N SER D 724 25.31 -36.60 34.30
CA SER D 724 23.97 -36.09 34.09
C SER D 724 22.95 -37.23 34.11
N HIS D 725 21.67 -36.88 33.95
CA HIS D 725 20.62 -37.88 33.86
C HIS D 725 20.86 -38.86 32.72
N GLN D 726 21.64 -38.48 31.71
CA GLN D 726 21.96 -39.32 30.57
C GLN D 726 22.96 -40.41 30.91
N ILE D 727 23.47 -40.46 32.15
CA ILE D 727 24.44 -41.47 32.54
C ILE D 727 23.84 -42.87 32.52
N MET D 728 22.51 -42.99 32.66
CA MET D 728 21.83 -44.27 32.58
C MET D 728 21.06 -44.45 31.28
N SER D 729 21.18 -43.49 30.34
CA SER D 729 20.37 -43.53 29.12
C SER D 729 20.66 -44.76 28.28
N GLY D 730 21.88 -45.28 28.32
CA GLY D 730 22.21 -46.45 27.53
C GLY D 730 21.98 -47.75 28.27
N GLY D 731 21.00 -47.76 29.16
CA GLY D 731 20.74 -48.93 29.98
C GLY D 731 21.63 -49.07 31.18
N ARG D 732 22.40 -48.03 31.53
CA ARG D 732 23.24 -48.05 32.72
C ARG D 732 22.41 -47.77 33.96
N ASP D 733 21.34 -48.55 34.16
CA ASP D 733 20.53 -48.41 35.37
C ASP D 733 21.35 -48.68 36.62
N MET D 734 22.43 -49.45 36.51
CA MET D 734 23.40 -49.54 37.59
C MET D 734 23.83 -48.17 38.08
N LEU D 735 24.19 -47.27 37.17
CA LEU D 735 24.73 -45.97 37.53
C LEU D 735 23.64 -44.99 37.95
N GLU D 736 22.43 -45.47 38.22
CA GLU D 736 21.33 -44.56 38.56
C GLU D 736 21.60 -43.71 39.79
N PRO D 737 22.17 -44.21 40.89
CA PRO D 737 22.48 -43.32 42.01
C PRO D 737 23.54 -42.27 41.67
N LEU D 738 24.34 -42.49 40.64
CA LEU D 738 25.44 -41.60 40.28
C LEU D 738 24.99 -40.47 39.36
N VAL D 739 23.91 -39.78 39.74
CA VAL D 739 23.39 -38.65 38.98
C VAL D 739 23.48 -37.40 39.83
N TYR D 740 23.86 -36.29 39.20
CA TYR D 740 24.00 -35.01 39.87
C TYR D 740 23.14 -33.99 39.13
N THR D 741 22.09 -33.49 39.79
CA THR D 741 21.28 -32.42 39.26
C THR D 741 21.82 -31.09 39.78
N PRO D 742 22.32 -30.20 38.92
CA PRO D 742 22.89 -28.94 39.41
C PRO D 742 21.85 -28.10 40.14
N ASP D 743 22.18 -27.70 41.36
CA ASP D 743 21.30 -26.85 42.14
C ASP D 743 21.18 -25.48 41.48
N SER D 744 20.17 -24.73 41.92
CA SER D 744 19.90 -23.43 41.30
C SER D 744 21.07 -22.47 41.49
N SER D 745 21.72 -22.52 42.65
CA SER D 745 22.91 -21.71 42.86
C SER D 745 24.02 -22.08 41.89
N LEU D 746 24.20 -23.38 41.66
CA LEU D 746 25.25 -23.82 40.76
C LEU D 746 25.01 -23.32 39.34
N GLN D 747 23.76 -23.41 38.88
CA GLN D 747 23.39 -22.89 37.57
C GLN D 747 23.61 -21.38 37.52
N SER D 748 23.21 -20.67 38.58
CA SER D 748 23.40 -19.22 38.63
C SER D 748 24.88 -18.86 38.55
N GLU D 749 25.72 -19.59 39.28
CA GLU D 749 27.15 -19.29 39.31
C GLU D 749 27.80 -19.62 37.96
N LEU D 750 27.34 -20.68 37.30
CA LEU D 750 27.87 -21.02 35.98
C LEU D 750 27.51 -19.94 34.96
N LEU D 751 26.23 -19.55 34.93
CA LEU D 751 25.82 -18.47 34.04
C LEU D 751 26.54 -17.17 34.36
N SER D 752 26.79 -16.92 35.65
CA SER D 752 27.52 -15.72 36.05
C SER D 752 28.97 -15.77 35.57
N PHE D 753 29.59 -16.94 35.63
CA PHE D 753 30.92 -17.10 35.04
C PHE D 753 30.89 -16.75 33.57
N ILE D 754 29.90 -17.28 32.85
CA ILE D 754 29.80 -16.99 31.41
C ILE D 754 29.66 -15.50 31.18
N LEU D 755 28.79 -14.84 31.95
CA LEU D 755 28.53 -13.42 31.75
C LEU D 755 29.76 -12.58 32.08
N ASP D 756 30.50 -12.96 33.14
CA ASP D 756 31.63 -12.16 33.58
C ASP D 756 32.87 -12.42 32.72
N HIS D 757 33.07 -13.67 32.27
CA HIS D 757 34.29 -14.05 31.58
C HIS D 757 34.10 -14.12 30.07
N VAL D 758 33.15 -14.93 29.60
CA VAL D 758 33.00 -15.15 28.17
C VAL D 758 32.57 -13.87 27.48
N PHE D 759 31.50 -13.24 27.96
CA PHE D 759 30.94 -12.04 27.33
C PHE D 759 31.60 -10.81 27.94
N ILE D 760 32.75 -10.44 27.38
CA ILE D 760 33.45 -9.21 27.73
C ILE D 760 33.55 -8.35 26.48
N GLU D 761 33.13 -7.09 26.60
CA GLU D 761 32.96 -6.25 25.43
C GLU D 761 34.26 -5.49 25.10
N GLN D 762 34.32 -5.02 23.85
CA GLN D 762 35.43 -4.21 23.34
C GLN D 762 36.79 -4.87 23.57
N GLU D 776 48.34 -9.73 20.71
CA GLU D 776 47.87 -9.77 19.33
C GLU D 776 47.34 -11.17 18.96
N ALA D 777 48.22 -12.11 18.60
CA ALA D 777 47.76 -13.48 18.39
C ALA D 777 47.31 -14.12 19.71
N SER D 778 47.91 -13.69 20.82
CA SER D 778 47.48 -14.15 22.13
C SER D 778 46.02 -13.81 22.38
N LYS D 779 45.54 -12.70 21.82
CA LYS D 779 44.12 -12.39 21.92
C LYS D 779 43.27 -13.45 21.22
N ILE D 780 43.73 -13.94 20.08
CA ILE D 780 43.01 -14.99 19.37
C ILE D 780 42.99 -16.27 20.20
N GLU D 781 44.13 -16.59 20.84
CA GLU D 781 44.19 -17.76 21.72
C GLU D 781 43.19 -17.63 22.87
N ALA D 782 43.14 -16.44 23.49
CA ALA D 782 42.21 -16.21 24.59
C ALA D 782 40.76 -16.31 24.11
N LEU D 783 40.48 -15.83 22.89
CA LEU D 783 39.15 -16.00 22.33
C LEU D 783 38.79 -17.47 22.19
N HIS D 784 39.74 -18.30 21.76
CA HIS D 784 39.47 -19.73 21.68
C HIS D 784 39.13 -20.31 23.05
N LYS D 785 39.88 -19.91 24.08
CA LYS D 785 39.58 -20.41 25.43
C LYS D 785 38.17 -19.98 25.87
N ARG D 786 37.82 -18.72 25.61
CA ARG D 786 36.49 -18.24 25.99
C ARG D 786 35.39 -18.96 25.23
N ARG D 787 35.65 -19.27 23.95
CA ARG D 787 34.68 -20.03 23.16
C ARG D 787 34.49 -21.43 23.73
N ASN D 788 35.57 -22.05 24.20
CA ASN D 788 35.44 -23.36 24.84
C ASN D 788 34.61 -23.28 26.11
N LEU D 789 34.81 -22.23 26.92
CA LEU D 789 34.00 -22.06 28.12
C LEU D 789 32.52 -21.90 27.80
N LEU D 790 32.21 -20.98 26.87
CA LEU D 790 30.84 -20.78 26.44
C LEU D 790 30.23 -22.07 25.90
N ALA D 791 31.02 -22.86 25.16
CA ALA D 791 30.53 -24.11 24.61
C ALA D 791 30.25 -25.13 25.71
N ALA D 792 31.02 -25.09 26.80
CA ALA D 792 30.70 -25.94 27.94
C ALA D 792 29.32 -25.62 28.49
N PHE D 793 29.07 -24.33 28.79
CA PHE D 793 27.76 -24.00 29.35
C PHE D 793 26.65 -24.25 28.33
N CYS D 794 26.92 -24.02 27.05
CA CYS D 794 25.90 -24.22 26.03
C CYS D 794 25.61 -25.70 25.83
N LYS D 795 26.61 -26.56 26.00
CA LYS D 795 26.36 -28.00 26.04
C LYS D 795 25.44 -28.36 27.19
N LEU D 796 25.67 -27.74 28.36
CA LEU D 796 24.72 -27.95 29.46
C LEU D 796 23.32 -27.54 29.06
N ILE D 797 23.17 -26.44 28.33
CA ILE D 797 21.85 -25.97 27.92
C ILE D 797 21.19 -26.95 26.95
N VAL D 798 21.91 -27.31 25.87
CA VAL D 798 21.31 -28.08 24.79
C VAL D 798 21.07 -29.54 25.18
N TYR D 799 21.68 -30.01 26.27
CA TYR D 799 21.46 -31.37 26.73
C TYR D 799 20.64 -31.39 28.02
N THR D 800 19.90 -30.31 28.28
CA THR D 800 18.95 -30.19 29.38
C THR D 800 19.59 -30.40 30.75
N VAL D 801 20.89 -30.14 30.88
CA VAL D 801 21.52 -30.21 32.18
C VAL D 801 21.11 -29.02 33.04
N VAL D 802 20.96 -27.85 32.41
CA VAL D 802 20.52 -26.64 33.09
C VAL D 802 19.21 -26.18 32.45
N GLU D 803 18.56 -25.23 33.12
CA GLU D 803 17.28 -24.70 32.64
C GLU D 803 17.49 -23.88 31.36
N MET D 804 16.49 -23.93 30.47
CA MET D 804 16.59 -23.18 29.22
C MET D 804 16.60 -21.67 29.45
N ASN D 805 15.96 -21.20 30.52
CA ASN D 805 15.87 -19.75 30.75
C ASN D 805 17.25 -19.10 30.83
N THR D 806 18.23 -19.81 31.40
CA THR D 806 19.59 -19.30 31.44
C THR D 806 20.04 -18.85 30.05
N ALA D 807 19.81 -19.70 29.04
CA ALA D 807 20.23 -19.40 27.68
C ALA D 807 19.78 -18.02 27.21
N ALA D 808 18.74 -17.46 27.81
CA ALA D 808 18.33 -16.10 27.47
C ALA D 808 19.54 -15.16 27.45
N ASP D 809 20.29 -15.13 28.55
CA ASP D 809 21.42 -14.19 28.62
C ASP D 809 22.46 -14.47 27.55
N ILE D 810 22.60 -15.72 27.12
CA ILE D 810 23.49 -16.01 26.00
C ILE D 810 22.87 -15.54 24.70
N PHE D 811 21.58 -15.87 24.49
CA PHE D 811 20.93 -15.52 23.23
C PHE D 811 20.89 -14.02 23.02
N LYS D 812 20.83 -13.26 24.11
CA LYS D 812 20.86 -11.79 24.03
C LYS D 812 22.13 -11.29 23.35
N GLN D 813 23.25 -11.97 23.55
CA GLN D 813 24.53 -11.55 23.01
C GLN D 813 24.81 -12.12 21.62
N TYR D 814 23.78 -12.63 20.95
CA TYR D 814 23.97 -13.25 19.64
C TYR D 814 24.54 -12.26 18.63
N MET D 815 23.89 -11.10 18.48
CA MET D 815 24.39 -10.10 17.54
C MET D 815 25.62 -9.38 18.07
N LYS D 816 25.70 -9.18 19.40
CA LYS D 816 26.83 -8.45 19.96
C LYS D 816 28.15 -9.16 19.70
N TYR D 817 28.16 -10.48 19.81
CA TYR D 817 29.38 -11.25 19.57
C TYR D 817 29.17 -12.27 18.44
N TYR D 818 28.60 -11.84 17.31
CA TYR D 818 28.34 -12.77 16.24
C TYR D 818 29.65 -13.39 15.72
N ASN D 819 30.68 -12.57 15.57
CA ASN D 819 31.97 -13.07 15.14
C ASN D 819 32.64 -13.91 16.23
N ASP D 820 32.63 -13.43 17.47
CA ASP D 820 33.32 -14.13 18.55
C ASP D 820 32.63 -15.43 18.93
N TYR D 821 31.32 -15.37 19.18
CA TYR D 821 30.59 -16.52 19.70
C TYR D 821 29.30 -16.83 18.96
N GLY D 822 29.03 -16.17 17.83
CA GLY D 822 27.74 -16.29 17.19
C GLY D 822 27.44 -17.68 16.68
N ASP D 823 28.48 -18.42 16.26
CA ASP D 823 28.25 -19.79 15.81
C ASP D 823 27.78 -20.68 16.95
N ILE D 824 28.44 -20.60 18.10
CA ILE D 824 28.00 -21.35 19.28
C ILE D 824 26.59 -20.95 19.68
N ILE D 825 26.31 -19.64 19.67
CA ILE D 825 24.99 -19.19 20.09
C ILE D 825 23.91 -19.67 19.12
N LYS D 826 24.20 -19.65 17.82
CA LYS D 826 23.25 -20.11 16.82
C LYS D 826 22.98 -21.59 16.95
N GLU D 827 24.04 -22.39 17.13
CA GLU D 827 23.86 -23.83 17.30
C GLU D 827 23.04 -24.13 18.56
N THR D 828 23.31 -23.41 19.65
CA THR D 828 22.52 -23.57 20.86
C THR D 828 21.07 -23.22 20.63
N MET D 829 20.82 -22.13 19.90
CA MET D 829 19.44 -21.73 19.60
C MET D 829 18.72 -22.82 18.83
N SER D 830 19.38 -23.36 17.80
CA SER D 830 18.74 -24.38 16.98
C SER D 830 18.45 -25.64 17.78
N LYS D 831 19.42 -26.10 18.58
CA LYS D 831 19.21 -27.31 19.38
C LYS D 831 18.09 -27.10 20.39
N THR D 832 18.07 -25.95 21.08
CA THR D 832 17.03 -25.67 22.05
C THR D 832 15.66 -25.59 21.37
N ARG D 833 15.59 -25.02 20.17
CA ARG D 833 14.34 -25.00 19.42
C ARG D 833 13.87 -26.41 19.12
N GLN D 834 14.79 -27.29 18.74
CA GLN D 834 14.41 -28.69 18.55
C GLN D 834 13.88 -29.31 19.84
N ILE D 835 14.51 -28.99 20.97
CA ILE D 835 14.08 -29.53 22.25
C ILE D 835 12.66 -29.08 22.58
N ASP D 836 12.44 -27.77 22.59
CA ASP D 836 11.13 -27.22 22.94
C ASP D 836 10.96 -25.91 22.18
N LYS D 837 10.25 -25.97 21.05
CA LYS D 837 10.05 -24.79 20.21
C LYS D 837 9.38 -23.66 20.98
N ILE D 838 8.30 -23.99 21.72
CA ILE D 838 7.54 -22.97 22.43
C ILE D 838 8.38 -22.35 23.54
N GLN D 839 9.08 -23.17 24.31
CA GLN D 839 9.92 -22.64 25.39
C GLN D 839 11.12 -21.88 24.83
N CYS D 840 11.61 -22.29 23.66
CA CYS D 840 12.67 -21.52 23.01
C CYS D 840 12.18 -20.15 22.58
N ALA D 841 10.95 -20.08 22.07
CA ALA D 841 10.34 -18.79 21.78
C ALA D 841 10.26 -17.94 23.05
N LYS D 842 9.89 -18.56 24.17
CA LYS D 842 9.81 -17.81 25.42
C LYS D 842 11.18 -17.30 25.87
N THR D 843 12.22 -18.11 25.72
CA THR D 843 13.56 -17.66 26.10
C THR D 843 14.05 -16.55 25.20
N LEU D 844 13.71 -16.60 23.90
CA LEU D 844 14.07 -15.52 23.00
C LEU D 844 13.35 -14.23 23.36
N ILE D 845 12.07 -14.33 23.70
CA ILE D 845 11.33 -13.13 24.11
C ILE D 845 11.90 -12.61 25.41
N LEU D 846 12.41 -13.50 26.27
CA LEU D 846 13.07 -13.04 27.49
C LEU D 846 14.35 -12.27 27.18
N SER D 847 15.15 -12.76 26.23
CA SER D 847 16.35 -12.03 25.84
C SER D 847 16.00 -10.64 25.32
N LEU D 848 14.98 -10.55 24.47
CA LEU D 848 14.58 -9.24 23.94
C LEU D 848 14.04 -8.34 25.06
N GLN D 849 13.29 -8.92 25.99
CA GLN D 849 12.79 -8.15 27.13
C GLN D 849 13.92 -7.62 28.00
N GLN D 850 14.96 -8.43 28.17
CA GLN D 850 16.13 -8.01 28.94
C GLN D 850 16.83 -6.85 28.25
N LEU D 851 16.95 -6.91 26.92
CA LEU D 851 17.53 -5.79 26.18
C LEU D 851 16.68 -4.53 26.32
N PHE D 852 15.35 -4.68 26.25
CA PHE D 852 14.46 -3.53 26.41
C PHE D 852 14.59 -2.91 27.80
N ASN D 853 14.66 -3.77 28.83
CA ASN D 853 14.83 -3.29 30.19
C ASN D 853 16.16 -2.56 30.36
N GLU D 854 17.23 -3.10 29.78
CA GLU D 854 18.51 -2.42 29.81
C GLU D 854 18.43 -1.06 29.11
N MET D 855 17.70 -1.00 27.99
CA MET D 855 17.50 0.26 27.30
C MET D 855 16.84 1.29 28.20
N ILE D 856 15.65 0.98 28.72
CA ILE D 856 14.94 1.94 29.56
C ILE D 856 15.73 2.23 30.84
N GLN D 857 16.65 1.34 31.22
CA GLN D 857 17.50 1.59 32.37
C GLN D 857 18.59 2.61 32.05
N GLU D 858 19.17 2.53 30.85
CA GLU D 858 20.26 3.42 30.47
C GLU D 858 19.77 4.68 29.76
N ASN D 859 19.05 4.50 28.64
CA ASN D 859 18.57 5.65 27.88
C ASN D 859 17.40 6.34 28.56
N GLY D 860 16.55 5.59 29.26
CA GLY D 860 15.36 6.14 29.87
C GLY D 860 14.11 5.72 29.11
N TYR D 861 12.96 5.96 29.76
CA TYR D 861 11.68 5.66 29.13
C TYR D 861 11.38 6.57 27.95
N ASN D 862 12.10 7.68 27.82
CA ASN D 862 11.94 8.59 26.69
C ASN D 862 12.96 8.32 25.58
N PHE D 863 13.49 7.10 25.53
CA PHE D 863 14.46 6.74 24.50
C PHE D 863 13.87 6.96 23.11
N ASP D 864 14.71 7.43 22.18
CA ASP D 864 14.26 7.64 20.81
C ASP D 864 14.30 6.32 20.05
N ARG D 865 13.22 6.03 19.32
CA ARG D 865 13.18 4.78 18.57
C ARG D 865 14.17 4.80 17.42
N SER D 866 14.60 5.99 16.97
CA SER D 866 15.60 6.09 15.92
C SER D 866 16.99 5.71 16.40
N SER D 867 17.18 5.60 17.72
CA SER D 867 18.49 5.25 18.25
C SER D 867 18.96 3.91 17.71
N SER D 868 20.26 3.83 17.38
CA SER D 868 20.81 2.59 16.83
C SER D 868 20.60 1.42 17.77
N THR D 869 20.44 1.68 19.07
CA THR D 869 20.27 0.60 20.03
C THR D 869 18.91 -0.08 19.85
N PHE D 870 17.84 0.72 19.73
CA PHE D 870 16.50 0.18 19.54
C PHE D 870 16.38 -0.50 18.17
N SER D 871 16.96 0.12 17.15
CA SER D 871 17.00 -0.51 15.83
C SER D 871 17.75 -1.83 15.89
N GLY D 872 18.80 -1.91 16.71
CA GLY D 872 19.53 -3.16 16.82
C GLY D 872 18.74 -4.24 17.53
N ILE D 873 17.98 -3.87 18.56
CA ILE D 873 17.11 -4.84 19.22
C ILE D 873 16.04 -5.33 18.26
N LYS D 874 15.48 -4.43 17.44
CA LYS D 874 14.48 -4.86 16.46
C LYS D 874 15.12 -5.75 15.40
N GLU D 875 16.36 -5.47 15.02
CA GLU D 875 17.08 -6.30 14.06
C GLU D 875 17.32 -7.70 14.62
N LEU D 876 17.70 -7.78 15.90
CA LEU D 876 17.87 -9.07 16.55
C LEU D 876 16.54 -9.81 16.64
N ALA D 877 15.45 -9.08 16.86
CA ALA D 877 14.13 -9.71 16.86
C ALA D 877 13.80 -10.29 15.50
N ARG D 878 14.10 -9.55 14.43
CA ARG D 878 13.89 -10.07 13.09
C ARG D 878 14.74 -11.31 12.85
N ARG D 879 15.98 -11.31 13.37
CA ARG D 879 16.86 -12.46 13.23
C ARG D 879 16.28 -13.69 13.91
N PHE D 880 15.79 -13.51 15.14
CA PHE D 880 15.12 -14.59 15.86
C PHE D 880 13.91 -15.09 15.07
N ALA D 881 13.09 -14.16 14.56
CA ALA D 881 11.94 -14.52 13.75
C ALA D 881 12.35 -15.38 12.55
N LEU D 882 13.46 -15.03 11.91
CA LEU D 882 13.98 -15.88 10.84
C LEU D 882 14.34 -17.26 11.37
N THR D 883 14.92 -17.33 12.57
CA THR D 883 15.20 -18.64 13.15
C THR D 883 13.94 -19.48 13.33
N PHE D 884 12.80 -18.83 13.60
CA PHE D 884 11.55 -19.59 13.69
C PHE D 884 11.28 -20.42 12.45
N GLY D 885 11.53 -19.86 11.26
CA GLY D 885 11.36 -20.59 10.02
C GLY D 885 9.95 -20.54 9.45
N LEU D 889 6.46 -26.47 9.32
CA LEU D 889 7.16 -25.63 10.28
C LEU D 889 6.80 -25.99 11.70
N LYS D 890 5.49 -26.13 11.95
CA LYS D 890 4.96 -26.56 13.26
C LYS D 890 5.38 -25.62 14.38
N THR D 891 5.51 -24.32 14.06
CA THR D 891 5.87 -23.30 15.04
C THR D 891 4.66 -22.47 15.46
N ARG D 892 3.46 -22.87 15.06
CA ARG D 892 2.26 -22.06 15.27
C ARG D 892 2.10 -21.70 16.75
N GLU D 893 2.04 -22.72 17.60
CA GLU D 893 1.90 -22.51 19.03
C GLU D 893 3.05 -21.66 19.58
N ALA D 894 4.26 -21.89 19.09
CA ALA D 894 5.43 -21.19 19.62
C ALA D 894 5.37 -19.71 19.31
N ILE D 895 5.07 -19.36 18.06
CA ILE D 895 5.01 -17.94 17.69
C ILE D 895 3.85 -17.25 18.39
N ALA D 896 2.72 -17.95 18.54
CA ALA D 896 1.60 -17.37 19.28
C ALA D 896 1.96 -17.10 20.74
N MET D 897 2.66 -18.06 21.37
CA MET D 897 3.06 -17.89 22.77
C MET D 897 4.06 -16.75 22.92
N LEU D 898 4.99 -16.62 21.97
CA LEU D 898 5.91 -15.49 22.01
C LEU D 898 5.16 -14.17 21.94
N HIS D 899 4.19 -14.07 21.02
CA HIS D 899 3.39 -12.85 20.95
C HIS D 899 2.66 -12.57 22.26
N LYS D 900 2.10 -13.61 22.87
CA LYS D 900 1.36 -13.44 24.12
C LYS D 900 2.26 -12.90 25.22
N ASP D 901 3.42 -13.52 25.40
CA ASP D 901 4.36 -13.05 26.41
C ASP D 901 4.80 -11.62 26.13
N GLY D 902 5.03 -11.29 24.86
CA GLY D 902 5.45 -9.95 24.51
C GLY D 902 4.41 -8.91 24.84
N ILE D 903 3.15 -9.17 24.50
CA ILE D 903 2.11 -8.19 24.77
C ILE D 903 1.87 -8.06 26.26
N GLU D 904 2.00 -9.17 27.01
CA GLU D 904 1.86 -9.07 28.46
C GLU D 904 2.97 -8.22 29.06
N PHE D 905 4.19 -8.35 28.53
CA PHE D 905 5.28 -7.48 28.98
C PHE D 905 5.02 -6.03 28.62
N ALA D 906 4.43 -5.78 27.45
CA ALA D 906 4.19 -4.41 27.01
C ALA D 906 3.19 -3.70 27.91
N PHE D 907 2.15 -4.40 28.32
CA PHE D 907 1.13 -3.84 29.21
C PHE D 907 1.40 -4.14 30.68
N LYS D 908 2.61 -4.63 30.99
CA LYS D 908 2.94 -4.95 32.38
C LYS D 908 2.95 -3.71 33.25
N GLU D 909 3.62 -2.65 32.79
CA GLU D 909 3.79 -1.44 33.59
C GLU D 909 2.94 -0.32 33.04
N PRO D 910 1.91 0.13 33.75
CA PRO D 910 1.12 1.26 33.27
C PRO D 910 1.72 2.59 33.67
N ASN D 911 1.30 3.63 32.97
CA ASN D 911 1.80 4.98 33.28
C ASN D 911 1.08 5.51 34.51
N PRO D 912 1.81 5.98 35.52
CA PRO D 912 1.13 6.55 36.70
C PRO D 912 0.47 7.89 36.40
N GLN D 913 1.15 8.74 35.63
CA GLN D 913 0.63 10.07 35.35
C GLN D 913 -0.69 10.00 34.58
N GLY D 914 -0.74 9.20 33.53
CA GLY D 914 -1.95 9.04 32.75
C GLY D 914 -2.65 7.73 33.06
N GLU D 915 -3.86 7.83 33.59
CA GLU D 915 -4.62 6.64 33.95
C GLU D 915 -4.83 5.74 32.72
N SER D 916 -5.19 6.34 31.59
CA SER D 916 -5.29 5.63 30.33
C SER D 916 -4.15 5.97 29.38
N HIS D 917 -3.28 6.90 29.75
CA HIS D 917 -2.14 7.28 28.94
C HIS D 917 -1.08 6.17 28.97
N PRO D 918 -0.03 6.27 28.17
CA PRO D 918 0.50 5.08 27.50
C PRO D 918 1.15 4.11 28.47
N PRO D 919 1.04 2.80 28.22
CA PRO D 919 1.83 1.82 28.98
C PRO D 919 3.32 2.07 28.79
N LEU D 920 4.09 1.77 29.85
CA LEU D 920 5.50 2.10 29.85
C LEU D 920 6.27 1.22 28.85
N ASN D 921 5.94 -0.06 28.78
CA ASN D 921 6.63 -1.00 27.90
C ASN D 921 5.92 -1.19 26.57
N LEU D 922 5.01 -0.28 26.21
CA LEU D 922 4.26 -0.42 24.96
C LEU D 922 5.18 -0.45 23.75
N ALA D 923 6.31 0.28 23.81
CA ALA D 923 7.22 0.33 22.67
C ALA D 923 7.76 -1.04 22.30
N PHE D 924 7.79 -1.97 23.26
CA PHE D 924 8.23 -3.34 22.97
C PHE D 924 7.40 -3.98 21.88
N LEU D 925 6.13 -3.58 21.75
CA LEU D 925 5.30 -4.10 20.66
C LEU D 925 5.96 -3.86 19.31
N ASP D 926 6.59 -2.68 19.14
CA ASP D 926 7.39 -2.43 17.95
C ASP D 926 8.33 -3.59 17.66
N ILE D 927 9.16 -3.93 18.64
CA ILE D 927 10.05 -5.09 18.50
C ILE D 927 9.24 -6.33 18.19
N LEU D 928 8.16 -6.56 18.94
CA LEU D 928 7.33 -7.75 18.74
C LEU D 928 6.75 -7.80 17.33
N SER D 929 6.61 -6.65 16.67
CA SER D 929 6.10 -6.62 15.30
C SER D 929 6.98 -7.42 14.35
N GLU D 930 8.27 -7.58 14.68
CA GLU D 930 9.14 -8.37 13.83
C GLU D 930 8.71 -9.84 13.75
N PHE D 931 7.95 -10.31 14.74
CA PHE D 931 7.52 -11.70 14.76
C PHE D 931 6.13 -11.92 14.18
N SER D 932 5.41 -10.84 13.84
CA SER D 932 4.07 -11.00 13.29
C SER D 932 4.10 -11.69 11.94
N SER D 933 5.23 -11.62 11.23
CA SER D 933 5.31 -12.23 9.90
C SER D 933 5.12 -13.75 9.99
N LYS D 934 5.87 -14.40 10.88
CA LYS D 934 5.77 -15.84 11.03
C LYS D 934 4.40 -16.28 11.52
N LEU D 935 3.67 -15.38 12.17
CA LEU D 935 2.35 -15.70 12.69
C LEU D 935 1.38 -15.99 11.55
N LEU D 936 0.54 -17.01 11.75
CA LEU D 936 -0.43 -17.39 10.75
C LEU D 936 -1.69 -16.53 10.89
N ARG D 937 -2.55 -16.57 9.87
CA ARG D 937 -3.73 -15.73 9.84
C ARG D 937 -4.63 -16.00 11.05
N GLN D 938 -4.99 -17.27 11.25
CA GLN D 938 -5.73 -17.67 12.43
C GLN D 938 -4.99 -17.29 13.70
N ASP D 939 -3.68 -17.53 13.74
CA ASP D 939 -2.88 -17.12 14.89
C ASP D 939 -2.90 -15.60 15.05
N LYS D 940 -2.97 -14.85 13.95
CA LYS D 940 -3.06 -13.41 14.05
C LYS D 940 -4.38 -12.99 14.72
N ARG D 941 -5.48 -13.64 14.34
CA ARG D 941 -6.76 -13.35 15.00
C ARG D 941 -6.71 -13.70 16.48
N THR D 942 -6.06 -14.82 16.81
CA THR D 942 -5.97 -15.23 18.21
C THR D 942 -5.13 -14.25 19.04
N VAL D 943 -3.98 -13.83 18.52
CA VAL D 943 -3.21 -12.84 19.25
C VAL D 943 -3.91 -11.50 19.27
N TYR D 944 -4.79 -11.22 18.32
CA TYR D 944 -5.56 -9.99 18.42
C TYR D 944 -6.61 -10.06 19.52
N VAL D 945 -7.21 -11.23 19.74
CA VAL D 945 -8.12 -11.30 20.89
C VAL D 945 -7.33 -11.23 22.19
N TYR D 946 -6.12 -11.81 22.22
CA TYR D 946 -5.27 -11.66 23.40
C TYR D 946 -4.92 -10.20 23.65
N LEU D 947 -4.62 -9.45 22.58
CA LEU D 947 -4.37 -8.02 22.73
C LEU D 947 -5.62 -7.29 23.21
N GLU D 948 -6.78 -7.62 22.63
CA GLU D 948 -8.05 -7.07 23.06
C GLU D 948 -8.25 -7.22 24.56
N LYS D 949 -7.81 -8.35 25.12
CA LYS D 949 -7.89 -8.54 26.56
C LYS D 949 -7.22 -7.40 27.32
N PHE D 950 -6.18 -6.79 26.75
CA PHE D 950 -5.48 -5.66 27.37
C PHE D 950 -5.52 -4.39 26.52
N MET D 951 -6.39 -4.32 25.52
CA MET D 951 -6.37 -3.21 24.57
C MET D 951 -7.39 -2.15 24.95
N THR D 952 -6.93 -0.89 24.99
CA THR D 952 -7.79 0.26 25.20
C THR D 952 -8.29 0.73 23.83
N PHE D 953 -9.52 0.32 23.49
CA PHE D 953 -10.12 0.69 22.22
C PHE D 953 -10.14 2.21 22.03
N GLN D 954 -10.61 2.93 23.06
CA GLN D 954 -10.64 4.39 23.02
C GLN D 954 -9.26 4.96 22.69
N MET D 955 -8.20 4.29 23.17
CA MET D 955 -6.84 4.70 22.89
C MET D 955 -6.28 4.02 21.65
N SER D 956 -6.82 2.86 21.28
CA SER D 956 -6.45 2.24 20.01
C SER D 956 -6.77 3.17 18.84
N LEU D 957 -7.91 3.87 18.93
CA LEU D 957 -8.22 4.86 17.91
C LEU D 957 -7.20 6.00 17.92
N ARG D 958 -6.86 6.49 19.10
CA ARG D 958 -5.88 7.56 19.22
C ARG D 958 -4.50 7.08 18.79
N ARG D 959 -3.67 8.02 18.32
CA ARG D 959 -2.33 7.69 17.86
C ARG D 959 -1.32 8.66 18.48
N GLU D 960 -1.12 9.82 17.85
CA GLU D 960 -0.30 10.90 18.41
C GLU D 960 1.10 10.41 18.80
N ASP D 961 1.66 9.52 17.96
CA ASP D 961 3.01 8.98 18.14
C ASP D 961 3.14 8.08 19.36
N VAL D 962 2.45 8.39 20.46
CA VAL D 962 2.56 7.58 21.66
C VAL D 962 1.93 6.21 21.45
N TRP D 963 0.84 6.15 20.70
CA TRP D 963 0.19 4.89 20.38
C TRP D 963 0.67 4.32 19.04
N LEU D 964 1.67 4.95 18.43
CA LEU D 964 2.19 4.46 17.16
C LEU D 964 2.77 3.05 17.25
N PRO D 965 3.51 2.65 18.29
CA PRO D 965 3.90 1.24 18.38
C PRO D 965 2.73 0.29 18.49
N LEU D 966 1.73 0.64 19.30
CA LEU D 966 0.52 -0.18 19.39
C LEU D 966 -0.18 -0.27 18.03
N MET D 967 -0.32 0.86 17.34
CA MET D 967 -1.00 0.85 16.04
C MET D 967 -0.22 0.05 15.02
N SER D 968 1.11 0.12 15.07
CA SER D 968 1.94 -0.60 14.10
C SER D 968 1.88 -2.11 14.35
N TYR D 969 1.99 -2.53 15.62
CA TYR D 969 1.84 -3.95 15.93
C TYR D 969 0.45 -4.44 15.57
N ARG D 970 -0.58 -3.63 15.82
CA ARG D 970 -1.95 -3.99 15.50
C ARG D 970 -2.16 -4.15 13.99
N ASN D 971 -1.56 -3.26 13.19
CA ASN D 971 -1.62 -3.42 11.74
C ASN D 971 -0.82 -4.63 11.29
N SER D 972 0.29 -4.91 11.98
CA SER D 972 1.10 -6.09 11.64
C SER D 972 0.33 -7.38 11.87
N LEU D 973 -0.69 -7.35 12.73
CA LEU D 973 -1.52 -8.52 12.99
C LEU D 973 -2.61 -8.72 11.95
N LEU D 974 -2.72 -7.84 10.95
CA LEU D 974 -3.70 -8.03 9.89
C LEU D 974 -3.35 -9.29 9.10
N ALA D 975 -4.34 -10.17 8.97
CA ALA D 975 -4.10 -11.47 8.35
C ALA D 975 -3.59 -11.33 6.94
N GLY D 976 -2.68 -12.22 6.55
CA GLY D 976 -2.15 -12.26 5.21
C GLY D 976 -3.05 -12.92 4.19
N GLY D 977 -4.24 -13.33 4.59
CA GLY D 977 -5.17 -13.96 3.66
C GLY D 977 -4.66 -15.30 3.15
N ASP D 978 -4.42 -15.37 1.84
CA ASP D 978 -3.87 -16.59 1.26
C ASP D 978 -2.48 -16.87 1.82
N ASP D 979 -1.59 -15.88 1.76
CA ASP D 979 -0.26 -16.00 2.34
C ASP D 979 0.23 -14.66 2.87
N LYS E 44 6.19 -7.10 -25.21
CA LYS E 44 7.39 -6.27 -25.13
C LYS E 44 8.60 -7.03 -25.66
N ARG E 45 9.46 -6.33 -26.41
CA ARG E 45 10.66 -6.94 -26.96
C ARG E 45 11.63 -7.31 -25.84
N LYS E 46 12.12 -8.53 -25.88
CA LYS E 46 13.07 -9.05 -24.89
C LYS E 46 14.49 -9.17 -25.44
N LEU E 47 14.69 -8.85 -26.73
CA LEU E 47 15.98 -9.02 -27.36
C LEU E 47 17.05 -8.19 -26.67
N ILE E 48 18.21 -8.79 -26.44
CA ILE E 48 19.30 -8.13 -25.73
C ILE E 48 20.05 -7.24 -26.72
N VAL E 49 20.00 -5.94 -26.49
CA VAL E 49 20.74 -4.95 -27.26
C VAL E 49 21.65 -4.20 -26.29
N ASP E 50 22.96 -4.29 -26.51
CA ASP E 50 23.92 -3.58 -25.68
C ASP E 50 24.16 -2.19 -26.26
N SER E 51 23.81 -1.16 -25.50
CA SER E 51 24.01 0.20 -25.96
C SER E 51 25.50 0.50 -26.17
N VAL E 52 26.34 -0.03 -25.29
CA VAL E 52 27.79 0.10 -25.40
C VAL E 52 28.35 -1.30 -25.65
N LYS E 53 28.90 -1.51 -26.84
CA LYS E 53 29.43 -2.81 -27.20
C LYS E 53 30.92 -2.97 -26.89
N GLU E 54 31.62 -1.87 -26.63
CA GLU E 54 33.07 -1.87 -26.59
C GLU E 54 33.57 -1.15 -25.34
N LEU E 55 34.64 -1.66 -24.76
CA LEU E 55 35.31 -0.96 -23.67
C LEU E 55 36.10 0.21 -24.23
N ASP E 56 35.85 1.41 -23.70
CA ASP E 56 36.56 2.58 -24.17
C ASP E 56 38.03 2.50 -23.78
N SER E 57 38.86 3.24 -24.51
CA SER E 57 40.30 3.22 -24.25
C SER E 57 40.64 3.78 -22.87
N LYS E 58 39.82 4.70 -22.36
CA LYS E 58 40.05 5.22 -21.02
C LYS E 58 39.91 4.12 -19.97
N THR E 59 38.86 3.31 -20.08
CA THR E 59 38.67 2.21 -19.13
C THR E 59 39.76 1.16 -19.28
N ILE E 60 40.25 0.93 -20.50
CA ILE E 60 41.34 -0.01 -20.70
C ILE E 60 42.62 0.50 -20.04
N ARG E 61 42.92 1.78 -20.26
CA ARG E 61 44.07 2.40 -19.59
C ARG E 61 43.94 2.32 -18.09
N ALA E 62 42.72 2.48 -17.57
CA ALA E 62 42.51 2.40 -16.12
C ALA E 62 42.72 0.97 -15.62
N GLN E 63 42.23 -0.02 -16.37
CA GLN E 63 42.49 -1.41 -16.03
C GLN E 63 43.98 -1.70 -16.00
N LEU E 64 44.73 -1.12 -16.93
CA LEU E 64 46.18 -1.35 -16.97
C LEU E 64 46.88 -0.63 -15.82
N SER E 65 46.42 0.57 -15.48
CA SER E 65 47.14 1.41 -14.53
C SER E 65 46.87 0.98 -13.08
N ASP E 66 45.64 0.57 -12.78
CA ASP E 66 45.28 0.11 -11.44
C ASP E 66 44.60 -1.24 -11.56
N TYR E 67 45.26 -2.29 -11.08
CA TYR E 67 44.67 -3.60 -10.95
C TYR E 67 44.57 -4.03 -9.48
N SER E 68 44.43 -3.04 -8.59
CA SER E 68 44.28 -3.33 -7.17
C SER E 68 42.95 -4.01 -6.87
N ASP E 69 41.91 -3.69 -7.65
CA ASP E 69 40.60 -4.30 -7.43
C ASP E 69 40.59 -5.79 -7.73
N ILE E 70 41.60 -6.31 -8.43
CA ILE E 70 41.66 -7.70 -8.82
C ILE E 70 42.82 -8.43 -8.16
N VAL E 71 43.36 -7.88 -7.07
CA VAL E 71 44.37 -8.56 -6.26
C VAL E 71 43.94 -8.53 -4.80
N THR E 72 44.55 -9.39 -4.01
CA THR E 72 44.23 -9.51 -2.59
C THR E 72 45.50 -9.85 -1.83
N THR E 73 45.35 -10.06 -0.52
CA THR E 73 46.46 -10.44 0.32
C THR E 73 46.52 -11.95 0.50
N LEU E 74 47.57 -12.42 1.15
CA LEU E 74 47.74 -13.84 1.42
C LEU E 74 46.87 -14.26 2.59
N ASP E 75 46.03 -15.28 2.37
CA ASP E 75 45.24 -15.88 3.44
C ASP E 75 46.09 -16.98 4.05
N LEU E 76 46.80 -16.63 5.12
CA LEU E 76 47.78 -17.55 5.69
C LEU E 76 47.11 -18.73 6.36
N ALA E 77 47.69 -19.92 6.15
CA ALA E 77 47.31 -21.10 6.89
C ALA E 77 47.74 -20.95 8.35
N PRO E 78 47.21 -21.78 9.25
CA PRO E 78 47.56 -21.68 10.68
C PRO E 78 49.06 -21.62 10.90
N PRO E 79 49.57 -20.52 11.48
CA PRO E 79 51.01 -20.38 11.67
C PRO E 79 51.54 -21.17 12.86
N THR E 80 50.77 -21.24 13.93
CA THR E 80 51.20 -21.95 15.14
C THR E 80 50.49 -23.30 15.24
N LYS E 81 51.13 -24.24 15.93
CA LYS E 81 50.53 -25.56 16.13
C LYS E 81 49.24 -25.45 16.93
N LYS E 82 49.18 -24.52 17.89
CA LYS E 82 47.96 -24.32 18.66
C LYS E 82 46.83 -23.81 17.79
N LEU E 83 47.12 -22.89 16.87
CA LEU E 83 46.07 -22.38 15.98
C LEU E 83 45.55 -23.45 15.05
N MET E 84 46.43 -24.33 14.57
CA MET E 84 46.02 -25.47 13.75
C MET E 84 45.12 -26.42 14.55
N MET E 85 45.56 -26.76 15.77
CA MET E 85 44.75 -27.59 16.64
C MET E 85 43.38 -26.95 16.87
N TRP E 86 43.33 -25.63 17.06
CA TRP E 86 42.04 -24.96 17.26
C TRP E 86 41.20 -24.99 16.00
N LYS E 87 41.83 -24.85 14.82
CA LYS E 87 41.11 -25.02 13.58
C LYS E 87 40.40 -26.36 13.51
N GLU E 88 41.01 -27.40 14.08
CA GLU E 88 40.31 -28.68 14.07
C GLU E 88 39.35 -28.85 15.25
N THR E 89 39.83 -28.62 16.47
CA THR E 89 39.04 -28.86 17.67
C THR E 89 37.98 -27.79 17.88
N GLY E 90 38.33 -26.52 17.62
CA GLY E 90 37.35 -25.46 17.68
C GLY E 90 36.31 -25.60 16.58
N GLY E 91 35.19 -24.91 16.78
CA GLY E 91 34.07 -25.04 15.88
C GLY E 91 32.96 -25.88 16.47
N VAL E 92 31.71 -25.51 16.17
CA VAL E 92 30.57 -26.10 16.87
C VAL E 92 30.54 -27.62 16.69
N GLU E 93 30.91 -28.09 15.50
CA GLU E 93 30.81 -29.52 15.18
C GLU E 93 31.63 -30.37 16.14
N LYS E 94 32.78 -29.86 16.58
CA LYS E 94 33.61 -30.55 17.56
C LYS E 94 33.40 -30.03 18.98
N LEU E 95 33.21 -28.72 19.13
CA LEU E 95 33.03 -28.14 20.46
C LEU E 95 31.84 -28.77 21.18
N PHE E 96 30.70 -28.92 20.50
CA PHE E 96 29.55 -29.48 21.17
C PHE E 96 29.62 -30.99 21.34
N PHE E 97 30.66 -31.63 20.81
CA PHE E 97 30.82 -33.07 20.92
C PHE E 97 32.08 -33.47 21.67
N LEU E 98 32.84 -32.52 22.19
CA LEU E 98 34.11 -32.77 22.86
C LEU E 98 34.10 -32.15 24.25
N PRO E 99 34.82 -32.74 25.20
CA PRO E 99 34.82 -32.20 26.57
C PRO E 99 35.60 -30.89 26.66
N ALA E 100 35.22 -30.09 27.65
CA ALA E 100 35.92 -28.84 27.89
C ALA E 100 37.33 -29.12 28.42
N GLN E 101 37.48 -30.08 29.32
CA GLN E 101 38.78 -30.54 29.76
C GLN E 101 39.18 -31.73 28.90
N PRO E 102 40.21 -31.62 28.06
CA PRO E 102 40.52 -32.71 27.14
C PRO E 102 40.85 -33.99 27.89
N LEU E 103 40.23 -35.09 27.43
CA LEU E 103 40.44 -36.41 28.00
C LEU E 103 41.24 -37.24 26.98
N TRP E 104 42.45 -37.64 27.37
CA TRP E 104 43.40 -38.21 26.42
C TRP E 104 43.12 -39.67 26.12
N ASN E 105 42.58 -40.42 27.08
CA ASN E 105 42.21 -41.81 26.84
C ASN E 105 40.74 -41.88 26.41
N ASN E 106 40.47 -42.72 25.41
CA ASN E 106 39.13 -42.78 24.83
C ASN E 106 38.08 -43.38 25.75
N ARG E 107 38.48 -43.98 26.87
CA ARG E 107 37.50 -44.50 27.82
C ARG E 107 36.88 -43.36 28.64
N LEU E 108 37.74 -42.52 29.22
CA LEU E 108 37.27 -41.31 29.89
C LEU E 108 36.46 -40.44 28.94
N LEU E 109 36.93 -40.29 27.70
CA LEU E 109 36.17 -39.54 26.70
C LEU E 109 34.83 -40.22 26.40
N LYS E 110 34.83 -41.55 26.34
CA LYS E 110 33.61 -42.30 26.07
C LYS E 110 32.56 -42.01 27.12
N LEU E 111 32.97 -41.81 28.37
CA LEU E 111 32.01 -41.39 29.39
C LEU E 111 31.27 -40.13 28.95
N PHE E 112 32.02 -39.07 28.64
CA PHE E 112 31.45 -37.82 28.18
C PHE E 112 30.55 -38.02 26.96
N THR E 113 31.02 -38.79 25.98
CA THR E 113 30.28 -38.92 24.73
C THR E 113 28.99 -39.72 24.91
N ARG E 114 29.04 -40.80 25.69
CA ARG E 114 27.83 -41.58 25.94
C ARG E 114 26.81 -40.75 26.71
N CYS E 115 27.25 -39.80 27.54
CA CYS E 115 26.27 -38.90 28.12
C CYS E 115 25.77 -37.86 27.12
N LEU E 116 26.49 -37.62 26.03
CA LEU E 116 26.04 -36.68 25.02
C LEU E 116 24.86 -37.26 24.23
N THR E 117 23.95 -36.38 23.82
CA THR E 117 22.79 -36.74 23.02
C THR E 117 21.93 -37.81 23.70
N ASP F 8 56.53 0.09 -26.53
CA ASP F 8 56.17 0.69 -27.81
C ASP F 8 54.98 -0.06 -28.41
N GLU F 9 55.24 -1.27 -28.93
CA GLU F 9 54.15 -2.14 -29.35
C GLU F 9 53.22 -2.45 -28.18
N TYR F 10 53.78 -2.72 -27.01
CA TYR F 10 52.97 -3.07 -25.85
C TYR F 10 52.39 -1.86 -25.14
N GLU F 11 52.61 -0.65 -25.66
CA GLU F 11 51.89 0.53 -25.19
C GLU F 11 50.53 0.58 -25.86
N PHE F 12 49.47 0.74 -25.05
CA PHE F 12 48.12 0.70 -25.58
C PHE F 12 47.74 2.05 -26.18
N ASP F 13 47.16 2.02 -27.38
CA ASP F 13 46.74 3.24 -28.08
C ASP F 13 45.81 2.81 -29.21
N GLU F 14 44.51 2.79 -28.92
CA GLU F 14 43.53 2.34 -29.89
C GLU F 14 42.28 3.22 -29.82
N ASP F 15 41.46 3.11 -30.85
CA ASP F 15 40.29 3.96 -31.02
C ASP F 15 39.20 3.59 -30.03
N ASP F 16 38.21 4.49 -29.91
CA ASP F 16 37.05 4.25 -29.06
C ASP F 16 35.77 4.20 -29.88
N GLU F 17 35.77 3.41 -30.96
CA GLU F 17 34.60 3.19 -31.80
C GLU F 17 34.15 4.44 -32.53
N GLN F 18 33.94 5.55 -31.80
CA GLN F 18 33.52 6.78 -32.43
C GLN F 18 34.58 7.31 -33.39
N ASP F 19 35.86 7.04 -33.13
CA ASP F 19 36.90 7.42 -34.06
C ASP F 19 36.81 6.66 -35.37
N ARG F 20 36.23 5.45 -35.34
CA ARG F 20 36.26 4.56 -36.49
C ARG F 20 35.45 5.13 -37.65
N VAL F 21 35.82 4.74 -38.86
CA VAL F 21 35.14 5.16 -40.07
C VAL F 21 34.25 4.01 -40.57
N PRO F 22 33.13 4.30 -41.21
CA PRO F 22 32.19 3.24 -41.60
C PRO F 22 32.73 2.41 -42.75
N PRO F 23 32.12 1.25 -43.03
CA PRO F 23 32.71 0.33 -44.01
C PRO F 23 32.47 0.70 -45.46
N VAL F 24 31.50 1.58 -45.75
CA VAL F 24 31.23 2.11 -47.08
C VAL F 24 30.53 1.08 -47.97
N ASP F 25 31.06 -0.13 -48.05
CA ASP F 25 30.51 -1.13 -48.94
C ASP F 25 30.31 -2.45 -48.20
N ASP F 26 29.62 -3.38 -48.88
CA ASP F 26 29.36 -4.69 -48.31
C ASP F 26 30.51 -5.66 -48.57
N LYS F 27 30.99 -5.71 -49.80
CA LYS F 27 32.05 -6.63 -50.21
C LYS F 27 33.35 -6.28 -49.50
N HIS F 28 33.60 -6.86 -48.32
CA HIS F 28 34.69 -6.38 -47.46
C HIS F 28 36.06 -6.76 -48.00
N LEU F 29 36.19 -7.92 -48.64
CA LEU F 29 37.52 -8.36 -49.09
C LEU F 29 38.08 -7.39 -50.14
N LEU F 30 37.22 -6.86 -51.00
CA LEU F 30 37.55 -5.78 -51.94
C LEU F 30 38.73 -6.24 -52.81
N LYS F 31 39.84 -5.49 -52.84
CA LYS F 31 41.01 -5.83 -53.64
C LYS F 31 41.55 -7.22 -53.31
#